data_3PQV
#
_entry.id   3PQV
#
_cell.length_a   59.317
_cell.length_b   138.821
_cell.length_c   228.945
_cell.angle_alpha   90.00
_cell.angle_beta   90.00
_cell.angle_gamma   90.00
#
_symmetry.space_group_name_H-M   'P 21 21 21'
#
loop_
_entity.id
_entity.type
_entity.pdbx_description
1 polymer 'Rcl1 protein'
2 non-polymer 'D(-)-TARTARIC ACID'
3 non-polymer DI(HYDROXYETHYL)ETHER
4 non-polymer GLYCEROL
5 water water
#
_entity_poly.entity_id   1
_entity_poly.type   'polypeptide(L)'
_entity_poly.pdbx_seq_one_letter_code
;SMSSSSRYVTFEGSRNFRLRVVMATLSGKAIKIEKIRSDDLNPGLKDYEVSFLRLMEAVTNGSSIEISYTGTTVIFRPGI
ITGGSYTHQCPNSKPVGYFAEPMLYLAPFSKKKFSILFRGITSSHNDAGIDAIKWGLMPIMEKFGVRECALHTLKRGSPP
LGGGEVHLVVDSLIAQPITMHALDKTMISSIRGVSYSTRVSPSLVNRMIDGAKKVLKSASCEVNITADVWRGENSGKSPG
WGLTLVAENKQGWRIFSEAIGDAGDVPEDIGASVAYHLLEEISKSGVVGRNQLPLTILYMIIGKEDIGRLRITKDQIDER
FVWLLRDIKKVFGTEILLKPVDDNTTDLIATIKGIGFTNTNKKIA
;
_entity_poly.pdbx_strand_id   A,B,C,D
#
loop_
_chem_comp.id
_chem_comp.type
_chem_comp.name
_chem_comp.formula
GOL non-polymer GLYCEROL 'C3 H8 O3'
PEG non-polymer DI(HYDROXYETHYL)ETHER 'C4 H10 O3'
TAR non-polymer 'D(-)-TARTARIC ACID' 'C4 H6 O6'
#
# COMPACT_ATOMS: atom_id res chain seq x y z
N SER A 6 23.06 -18.68 -22.62
CA SER A 6 23.14 -19.89 -21.80
C SER A 6 23.79 -19.61 -20.44
N ARG A 7 23.09 -18.86 -19.60
CA ARG A 7 23.56 -18.59 -18.25
C ARG A 7 23.03 -19.64 -17.29
N TYR A 8 23.93 -20.44 -16.72
CA TYR A 8 23.54 -21.57 -15.88
C TYR A 8 24.22 -21.51 -14.52
N VAL A 9 23.53 -22.02 -13.50
CA VAL A 9 24.18 -22.33 -12.24
C VAL A 9 24.55 -23.79 -12.29
N THR A 10 25.82 -24.10 -12.05
CA THR A 10 26.33 -25.44 -12.28
C THR A 10 26.48 -26.27 -10.99
N PHE A 11 25.84 -27.43 -10.97
CA PHE A 11 25.94 -28.34 -9.82
C PHE A 11 26.63 -29.62 -10.21
N GLU A 12 26.98 -30.43 -9.22
CA GLU A 12 27.64 -31.70 -9.47
C GLU A 12 27.07 -32.81 -8.60
N GLY A 13 26.85 -33.97 -9.21
CA GLY A 13 26.38 -35.14 -8.48
C GLY A 13 24.87 -35.24 -8.42
N SER A 14 24.39 -36.35 -7.86
CA SER A 14 22.96 -36.58 -7.74
C SER A 14 22.39 -35.92 -6.48
N ARG A 15 23.28 -35.50 -5.59
CA ARG A 15 22.90 -34.87 -4.32
C ARG A 15 21.84 -33.78 -4.51
N ASN A 16 20.79 -33.85 -3.69
CA ASN A 16 19.74 -32.83 -3.68
C ASN A 16 19.16 -32.57 -5.06
N PHE A 17 19.15 -33.61 -5.90
CA PHE A 17 18.67 -33.45 -7.27
C PHE A 17 17.29 -32.79 -7.35
N ARG A 18 16.34 -33.27 -6.55
CA ARG A 18 14.99 -32.73 -6.58
C ARG A 18 14.97 -31.32 -6.00
N LEU A 19 15.69 -31.15 -4.91
CA LEU A 19 15.76 -29.87 -4.23
C LEU A 19 16.33 -28.80 -5.16
N ARG A 20 17.42 -29.13 -5.83
CA ARG A 20 18.06 -28.21 -6.77
C ARG A 20 17.15 -27.85 -7.95
N VAL A 21 16.46 -28.85 -8.48
CA VAL A 21 15.52 -28.63 -9.58
C VAL A 21 14.36 -27.75 -9.13
N VAL A 22 13.88 -27.98 -7.91
CA VAL A 22 12.83 -27.16 -7.34
C VAL A 22 13.30 -25.71 -7.21
N MET A 23 14.48 -25.50 -6.66
CA MET A 23 15.02 -24.15 -6.48
C MET A 23 15.19 -23.43 -7.82
N ALA A 24 15.62 -24.18 -8.84
CA ALA A 24 15.76 -23.62 -10.17
C ALA A 24 14.41 -23.06 -10.64
N THR A 25 13.35 -23.78 -10.35
CA THR A 25 12.01 -23.39 -10.77
C THR A 25 11.49 -22.19 -9.99
N LEU A 26 11.78 -22.16 -8.68
CA LEU A 26 11.32 -21.09 -7.82
C LEU A 26 12.03 -19.76 -8.10
N SER A 27 13.31 -19.83 -8.42
CA SER A 27 14.10 -18.62 -8.64
C SER A 27 14.11 -18.21 -10.11
N GLY A 28 13.72 -19.13 -10.99
CA GLY A 28 13.75 -18.87 -12.42
C GLY A 28 15.13 -19.02 -13.03
N LYS A 29 16.11 -19.31 -12.19
CA LYS A 29 17.47 -19.53 -12.68
C LYS A 29 17.59 -20.89 -13.35
N ALA A 30 18.11 -20.91 -14.57
CA ALA A 30 18.42 -22.16 -15.24
C ALA A 30 19.64 -22.77 -14.58
N ILE A 31 19.66 -24.10 -14.51
CA ILE A 31 20.76 -24.80 -13.85
C ILE A 31 21.30 -25.93 -14.72
N LYS A 32 22.48 -26.41 -14.37
CA LYS A 32 23.11 -27.50 -15.09
C LYS A 32 23.75 -28.47 -14.10
N ILE A 33 23.25 -29.70 -14.08
CA ILE A 33 23.75 -30.72 -13.15
C ILE A 33 24.56 -31.74 -13.91
N GLU A 34 25.87 -31.75 -13.66
CA GLU A 34 26.77 -32.64 -14.39
C GLU A 34 27.49 -33.58 -13.45
N LYS A 35 28.27 -34.50 -14.03
CA LYS A 35 29.02 -35.49 -13.27
C LYS A 35 28.12 -36.24 -12.28
N ILE A 36 26.95 -36.62 -12.75
CA ILE A 36 25.99 -37.37 -11.94
C ILE A 36 26.39 -38.84 -11.83
N ARG A 37 26.89 -39.22 -10.66
CA ARG A 37 27.27 -40.61 -10.40
C ARG A 37 28.25 -41.14 -11.44
N SER A 38 29.02 -40.25 -12.05
CA SER A 38 29.96 -40.64 -13.07
C SER A 38 31.13 -41.47 -12.52
N ASP A 39 31.15 -41.65 -11.20
CA ASP A 39 32.17 -42.50 -10.58
C ASP A 39 31.56 -43.74 -9.94
N ASP A 40 30.45 -44.21 -10.50
CA ASP A 40 29.78 -45.42 -10.02
C ASP A 40 29.52 -46.39 -11.17
N LEU A 41 29.34 -47.66 -10.84
CA LEU A 41 28.88 -48.63 -11.81
C LEU A 41 27.53 -48.17 -12.31
N ASN A 42 27.42 -47.95 -13.61
CA ASN A 42 26.19 -47.39 -14.18
C ASN A 42 25.94 -45.95 -13.75
N PRO A 43 26.74 -45.02 -14.28
CA PRO A 43 26.55 -43.60 -13.98
C PRO A 43 25.27 -43.09 -14.63
N GLY A 44 25.01 -41.80 -14.45
CA GLY A 44 23.85 -41.15 -15.06
C GLY A 44 22.65 -41.09 -14.14
N LEU A 45 21.59 -40.47 -14.65
CA LEU A 45 20.32 -40.42 -13.92
C LEU A 45 19.74 -41.81 -13.74
N LYS A 46 18.98 -41.98 -12.66
CA LYS A 46 18.24 -43.21 -12.44
C LYS A 46 16.79 -43.04 -12.91
N ASP A 47 16.12 -44.17 -13.17
CA ASP A 47 14.80 -44.12 -13.77
C ASP A 47 13.82 -43.24 -12.99
N TYR A 48 13.99 -43.16 -11.68
CA TYR A 48 13.07 -42.37 -10.87
C TYR A 48 13.32 -40.87 -10.94
N GLU A 49 14.57 -40.49 -11.17
CA GLU A 49 14.92 -39.09 -11.37
C GLU A 49 14.40 -38.60 -12.73
N VAL A 50 14.46 -39.47 -13.74
CA VAL A 50 13.87 -39.16 -15.04
C VAL A 50 12.37 -38.97 -14.87
N SER A 51 11.75 -39.90 -14.14
CA SER A 51 10.33 -39.83 -13.85
C SER A 51 10.01 -38.50 -13.18
N PHE A 52 10.88 -38.10 -12.27
CA PHE A 52 10.73 -36.83 -11.57
C PHE A 52 10.72 -35.66 -12.55
N LEU A 53 11.71 -35.63 -13.45
CA LEU A 53 11.79 -34.58 -14.45
C LEU A 53 10.49 -34.53 -15.28
N ARG A 54 9.93 -35.71 -15.54
CA ARG A 54 8.67 -35.79 -16.27
C ARG A 54 7.56 -35.10 -15.49
N LEU A 55 7.52 -35.33 -14.18
CA LEU A 55 6.53 -34.71 -13.31
C LEU A 55 6.64 -33.19 -13.38
N MET A 56 7.87 -32.67 -13.36
CA MET A 56 8.10 -31.24 -13.47
C MET A 56 7.49 -30.65 -14.73
N GLU A 57 7.82 -31.22 -15.88
CA GLU A 57 7.31 -30.74 -17.16
C GLU A 57 5.79 -30.65 -17.11
N ALA A 58 5.18 -31.59 -16.42
CA ALA A 58 3.72 -31.69 -16.36
C ALA A 58 3.09 -30.53 -15.58
N VAL A 59 3.68 -30.19 -14.43
CA VAL A 59 3.13 -29.18 -13.55
C VAL A 59 3.62 -27.76 -13.88
N THR A 60 4.46 -27.64 -14.90
CA THR A 60 4.94 -26.33 -15.31
C THR A 60 4.69 -26.07 -16.79
N ASN A 61 5.12 -24.90 -17.26
CA ASN A 61 4.98 -24.54 -18.66
C ASN A 61 6.21 -23.80 -19.18
N GLY A 62 6.63 -24.13 -20.39
CA GLY A 62 7.75 -23.46 -21.01
C GLY A 62 9.09 -23.95 -20.51
N SER A 63 9.06 -25.06 -19.77
CA SER A 63 10.28 -25.66 -19.25
C SER A 63 10.98 -26.49 -20.33
N SER A 64 12.28 -26.28 -20.50
CA SER A 64 13.04 -27.07 -21.46
C SER A 64 14.12 -27.89 -20.74
N ILE A 65 14.03 -29.20 -20.88
CA ILE A 65 14.96 -30.11 -20.23
C ILE A 65 15.82 -30.84 -21.27
N GLU A 66 17.12 -30.92 -21.00
CA GLU A 66 18.05 -31.60 -21.89
C GLU A 66 18.95 -32.57 -21.13
N ILE A 67 19.01 -33.82 -21.59
CA ILE A 67 19.90 -34.80 -20.97
C ILE A 67 20.90 -35.36 -21.97
N SER A 68 22.15 -35.52 -21.53
CA SER A 68 23.19 -36.06 -22.39
C SER A 68 22.87 -37.52 -22.75
N TYR A 69 23.55 -38.04 -23.77
CA TYR A 69 23.33 -39.42 -24.21
C TYR A 69 23.54 -40.40 -23.06
N THR A 70 24.58 -40.16 -22.27
CA THR A 70 24.97 -41.07 -21.21
C THR A 70 24.24 -40.75 -19.90
N GLY A 71 23.48 -39.66 -19.91
CA GLY A 71 22.67 -39.27 -18.77
C GLY A 71 23.44 -38.74 -17.57
N THR A 72 24.70 -38.40 -17.77
CA THR A 72 25.54 -37.95 -16.67
C THR A 72 25.38 -36.46 -16.37
N THR A 73 24.81 -35.72 -17.31
CA THR A 73 24.53 -34.30 -17.08
C THR A 73 23.12 -33.92 -17.53
N VAL A 74 22.55 -32.90 -16.88
CA VAL A 74 21.22 -32.43 -17.19
C VAL A 74 21.20 -30.91 -17.20
N ILE A 75 20.45 -30.34 -18.13
CA ILE A 75 20.28 -28.89 -18.19
C ILE A 75 18.81 -28.55 -18.04
N PHE A 76 18.48 -27.82 -16.98
CA PHE A 76 17.09 -27.52 -16.67
C PHE A 76 16.81 -26.03 -16.75
N ARG A 77 16.01 -25.64 -17.75
CA ARG A 77 15.56 -24.27 -17.87
C ARG A 77 14.12 -24.20 -17.39
N PRO A 78 13.90 -23.55 -16.24
CA PRO A 78 12.61 -23.54 -15.52
C PRO A 78 11.51 -22.84 -16.28
N GLY A 79 10.29 -23.35 -16.17
CA GLY A 79 9.13 -22.68 -16.71
C GLY A 79 8.32 -22.06 -15.59
N ILE A 80 7.08 -21.68 -15.90
CA ILE A 80 6.18 -21.08 -14.92
C ILE A 80 5.39 -22.16 -14.20
N ILE A 81 5.34 -22.08 -12.88
CA ILE A 81 4.60 -23.06 -12.09
C ILE A 81 3.11 -22.97 -12.41
N THR A 82 2.63 -23.92 -13.20
CA THR A 82 1.26 -23.89 -13.71
C THR A 82 0.30 -24.73 -12.87
N GLY A 83 0.57 -26.03 -12.78
CA GLY A 83 -0.27 -26.92 -12.00
C GLY A 83 -1.43 -27.49 -12.80
N GLY A 84 -2.59 -27.60 -12.16
CA GLY A 84 -3.76 -28.20 -12.78
C GLY A 84 -3.92 -29.65 -12.37
N SER A 85 -4.76 -30.39 -13.09
CA SER A 85 -4.97 -31.80 -12.79
C SER A 85 -4.03 -32.68 -13.62
N TYR A 86 -3.48 -33.71 -12.99
CA TYR A 86 -2.51 -34.58 -13.64
C TYR A 86 -2.30 -35.83 -12.80
N THR A 87 -2.15 -36.98 -13.45
CA THR A 87 -1.80 -38.20 -12.74
C THR A 87 -0.39 -38.64 -13.12
N HIS A 88 0.37 -39.07 -12.12
CA HIS A 88 1.76 -39.47 -12.33
C HIS A 88 1.98 -40.88 -11.82
N GLN A 89 2.45 -41.76 -12.70
CA GLN A 89 2.74 -43.14 -12.33
C GLN A 89 4.19 -43.25 -11.90
N CYS A 90 4.41 -43.59 -10.63
CA CYS A 90 5.77 -43.69 -10.09
C CYS A 90 6.33 -45.09 -10.36
N PRO A 91 7.60 -45.17 -10.78
CA PRO A 91 8.27 -46.46 -10.92
C PRO A 91 8.41 -47.14 -9.57
N ASN A 92 8.70 -48.44 -9.57
CA ASN A 92 8.83 -49.19 -8.33
C ASN A 92 10.08 -48.80 -7.53
N SER A 93 10.99 -48.06 -8.15
CA SER A 93 12.27 -47.73 -7.51
C SER A 93 12.13 -46.72 -6.37
N LYS A 94 11.17 -45.81 -6.51
CA LYS A 94 10.90 -44.84 -5.44
C LYS A 94 9.42 -44.76 -5.13
N PRO A 95 9.08 -44.61 -3.83
CA PRO A 95 7.68 -44.49 -3.40
C PRO A 95 7.09 -43.13 -3.74
N VAL A 96 5.79 -43.00 -3.51
CA VAL A 96 5.05 -41.78 -3.79
C VAL A 96 5.64 -40.54 -3.11
N GLY A 97 5.99 -40.68 -1.83
CA GLY A 97 6.58 -39.59 -1.08
C GLY A 97 7.77 -38.93 -1.75
N TYR A 98 8.52 -39.71 -2.53
CA TYR A 98 9.67 -39.19 -3.26
C TYR A 98 9.25 -38.08 -4.22
N PHE A 99 8.14 -38.30 -4.91
CA PHE A 99 7.66 -37.34 -5.89
C PHE A 99 6.79 -36.27 -5.26
N ALA A 100 5.96 -36.66 -4.30
CA ALA A 100 5.02 -35.74 -3.68
C ALA A 100 5.68 -34.66 -2.81
N GLU A 101 6.70 -35.04 -2.05
CA GLU A 101 7.31 -34.11 -1.10
C GLU A 101 7.79 -32.80 -1.74
N PRO A 102 8.55 -32.88 -2.85
CA PRO A 102 9.02 -31.65 -3.47
C PRO A 102 7.91 -30.87 -4.19
N MET A 103 6.75 -31.48 -4.38
CA MET A 103 5.62 -30.77 -4.96
C MET A 103 5.07 -29.76 -3.96
N LEU A 104 5.32 -30.02 -2.68
CA LEU A 104 4.95 -29.08 -1.62
C LEU A 104 5.61 -27.72 -1.82
N TYR A 105 6.78 -27.72 -2.44
CA TYR A 105 7.55 -26.49 -2.59
C TYR A 105 7.03 -25.60 -3.71
N LEU A 106 6.10 -26.10 -4.51
CA LEU A 106 5.64 -25.39 -5.69
C LEU A 106 4.15 -25.09 -5.65
N ALA A 107 3.37 -26.08 -5.26
CA ALA A 107 1.91 -26.02 -5.33
C ALA A 107 1.30 -24.67 -4.92
N PRO A 108 1.64 -24.16 -3.72
CA PRO A 108 0.98 -22.92 -3.30
C PRO A 108 1.38 -21.72 -4.15
N PHE A 109 2.46 -21.84 -4.92
CA PHE A 109 2.98 -20.71 -5.69
C PHE A 109 2.69 -20.81 -7.18
N SER A 110 1.59 -21.46 -7.55
CA SER A 110 1.26 -21.63 -8.96
C SER A 110 0.00 -20.86 -9.37
N LYS A 111 -0.31 -20.90 -10.66
CA LYS A 111 -1.45 -20.19 -11.22
C LYS A 111 -2.75 -20.98 -11.06
N LYS A 112 -2.64 -22.30 -11.01
CA LYS A 112 -3.81 -23.15 -10.83
C LYS A 112 -3.59 -24.17 -9.71
N LYS A 113 -4.67 -24.52 -9.01
CA LYS A 113 -4.58 -25.49 -7.93
C LYS A 113 -3.77 -26.70 -8.37
N PHE A 114 -3.03 -27.29 -7.45
CA PHE A 114 -2.32 -28.54 -7.71
C PHE A 114 -3.22 -29.70 -7.34
N SER A 115 -3.72 -30.41 -8.36
CA SER A 115 -4.50 -31.61 -8.11
C SER A 115 -3.80 -32.79 -8.77
N ILE A 116 -2.87 -33.40 -8.03
CA ILE A 116 -2.03 -34.44 -8.58
C ILE A 116 -2.31 -35.81 -7.97
N LEU A 117 -2.60 -36.77 -8.84
CA LEU A 117 -2.85 -38.14 -8.43
C LEU A 117 -1.58 -38.98 -8.61
N PHE A 118 -1.07 -39.54 -7.52
CA PHE A 118 0.13 -40.36 -7.56
C PHE A 118 -0.21 -41.84 -7.46
N ARG A 119 0.23 -42.63 -8.45
CA ARG A 119 0.08 -44.07 -8.42
C ARG A 119 1.44 -44.72 -8.20
N GLY A 120 1.46 -45.78 -7.39
CA GLY A 120 2.71 -46.50 -7.15
C GLY A 120 2.80 -47.02 -5.73
N ILE A 121 4.03 -47.29 -5.30
CA ILE A 121 4.27 -47.69 -3.93
C ILE A 121 4.18 -46.46 -3.05
N THR A 122 3.64 -46.62 -1.84
CA THR A 122 3.38 -45.48 -0.97
C THR A 122 4.31 -45.46 0.23
N SER A 123 5.28 -46.37 0.26
CA SER A 123 6.13 -46.53 1.42
C SER A 123 7.54 -47.05 1.08
N SER A 124 8.51 -46.66 1.90
CA SER A 124 9.87 -47.19 1.80
C SER A 124 10.61 -46.91 3.11
N HIS A 125 11.92 -47.20 3.12
CA HIS A 125 12.75 -46.96 4.30
C HIS A 125 13.47 -45.63 4.23
N ASN A 126 13.48 -45.02 3.04
CA ASN A 126 14.33 -43.87 2.78
C ASN A 126 13.58 -42.65 2.27
N ASP A 127 12.25 -42.73 2.21
CA ASP A 127 11.46 -41.62 1.73
C ASP A 127 10.34 -41.25 2.69
N ALA A 128 9.81 -40.05 2.52
CA ALA A 128 8.74 -39.54 3.37
C ALA A 128 7.45 -40.31 3.12
N GLY A 129 6.91 -40.89 4.18
CA GLY A 129 5.64 -41.59 4.09
C GLY A 129 4.48 -40.63 3.92
N ILE A 130 3.30 -41.18 3.61
CA ILE A 130 2.11 -40.37 3.43
C ILE A 130 1.71 -39.64 4.70
N ASP A 131 1.77 -40.33 5.84
CA ASP A 131 1.42 -39.74 7.12
C ASP A 131 2.38 -38.63 7.50
N ALA A 132 3.66 -38.84 7.24
CA ALA A 132 4.68 -37.83 7.54
C ALA A 132 4.43 -36.56 6.73
N ILE A 133 4.01 -36.73 5.48
CA ILE A 133 3.68 -35.58 4.64
C ILE A 133 2.39 -34.93 5.12
N LYS A 134 1.41 -35.77 5.46
CA LYS A 134 0.10 -35.29 5.89
C LYS A 134 0.16 -34.61 7.25
N TRP A 135 0.79 -35.26 8.23
CA TRP A 135 0.77 -34.78 9.61
C TRP A 135 2.09 -34.16 10.08
N GLY A 136 3.12 -34.19 9.24
CA GLY A 136 4.42 -33.72 9.64
C GLY A 136 4.95 -32.52 8.85
N LEU A 137 4.63 -32.48 7.56
CA LEU A 137 5.14 -31.42 6.69
C LEU A 137 4.08 -30.36 6.38
N MET A 138 2.88 -30.79 6.03
CA MET A 138 1.81 -29.87 5.69
C MET A 138 1.42 -28.92 6.83
N PRO A 139 1.44 -29.41 8.08
CA PRO A 139 1.17 -28.50 9.19
C PRO A 139 2.14 -27.32 9.20
N ILE A 140 3.38 -27.58 8.81
CA ILE A 140 4.38 -26.53 8.74
C ILE A 140 4.07 -25.56 7.60
N MET A 141 3.55 -26.06 6.50
CA MET A 141 3.13 -25.20 5.39
C MET A 141 2.02 -24.26 5.85
N GLU A 142 1.15 -24.75 6.73
CA GLU A 142 0.03 -23.95 7.23
C GLU A 142 0.54 -22.79 8.08
N LYS A 143 1.64 -23.02 8.79
CA LYS A 143 2.25 -21.99 9.61
C LYS A 143 2.85 -20.88 8.75
N PHE A 144 3.08 -21.18 7.47
CA PHE A 144 3.68 -20.21 6.57
C PHE A 144 2.63 -19.55 5.67
N GLY A 145 1.36 -19.84 5.93
CA GLY A 145 0.30 -19.17 5.19
C GLY A 145 -0.43 -20.05 4.19
N VAL A 146 -0.05 -21.33 4.12
CA VAL A 146 -0.73 -22.25 3.23
C VAL A 146 -1.91 -22.89 3.96
N ARG A 147 -3.05 -22.22 3.91
CA ARG A 147 -4.23 -22.66 4.65
C ARG A 147 -4.70 -24.05 4.27
N GLU A 148 -5.18 -24.20 3.04
CA GLU A 148 -5.75 -25.45 2.60
C GLU A 148 -4.77 -26.26 1.77
N CYS A 149 -4.38 -27.42 2.31
CA CYS A 149 -3.45 -28.32 1.65
C CYS A 149 -3.58 -29.69 2.27
N ALA A 150 -3.86 -30.69 1.45
CA ALA A 150 -4.16 -32.02 1.93
C ALA A 150 -3.54 -33.11 1.07
N LEU A 151 -3.40 -34.30 1.67
CA LEU A 151 -2.98 -35.48 0.94
C LEU A 151 -3.97 -36.61 1.24
N HIS A 152 -4.78 -36.95 0.25
CA HIS A 152 -5.81 -37.96 0.42
C HIS A 152 -5.31 -39.37 0.09
N THR A 153 -5.39 -40.26 1.07
CA THR A 153 -5.01 -41.66 0.86
C THR A 153 -6.20 -42.47 0.34
N LEU A 154 -6.27 -42.63 -0.98
CA LEU A 154 -7.31 -43.46 -1.58
C LEU A 154 -6.97 -44.93 -1.39
N LYS A 155 -5.77 -45.32 -1.83
CA LYS A 155 -5.28 -46.68 -1.66
C LYS A 155 -3.84 -46.70 -1.14
N ARG A 156 -3.61 -47.43 -0.07
CA ARG A 156 -2.23 -47.67 0.38
C ARG A 156 -1.61 -48.73 -0.51
N GLY A 157 -0.32 -48.58 -0.80
CA GLY A 157 0.37 -49.52 -1.67
C GLY A 157 1.73 -49.92 -1.15
N SER A 158 1.77 -50.91 -0.27
CA SER A 158 3.01 -51.37 0.33
C SER A 158 3.91 -52.08 -0.67
N PRO A 159 5.23 -51.99 -0.49
CA PRO A 159 6.20 -52.68 -1.34
C PRO A 159 6.16 -54.19 -1.08
N PRO A 160 6.59 -55.00 -2.04
CA PRO A 160 7.18 -54.58 -3.32
C PRO A 160 6.17 -54.39 -4.45
N LEU A 161 4.99 -54.97 -4.32
CA LEU A 161 3.99 -54.90 -5.39
C LEU A 161 3.36 -53.51 -5.53
N GLY A 162 3.02 -52.89 -4.41
CA GLY A 162 2.50 -51.54 -4.42
C GLY A 162 1.03 -51.45 -4.79
N GLY A 163 0.73 -50.73 -5.86
CA GLY A 163 -0.63 -50.55 -6.31
C GLY A 163 -1.38 -49.48 -5.54
N GLY A 164 -0.62 -48.61 -4.87
CA GLY A 164 -1.21 -47.55 -4.08
C GLY A 164 -1.61 -46.35 -4.91
N GLU A 165 -2.25 -45.37 -4.27
CA GLU A 165 -2.80 -44.23 -4.98
C GLU A 165 -3.15 -43.12 -3.99
N VAL A 166 -2.47 -41.98 -4.10
CA VAL A 166 -2.72 -40.84 -3.21
C VAL A 166 -2.90 -39.54 -3.97
N HIS A 167 -3.72 -38.65 -3.41
CA HIS A 167 -4.11 -37.44 -4.11
C HIS A 167 -3.62 -36.17 -3.41
N LEU A 168 -2.70 -35.47 -4.06
CA LEU A 168 -2.22 -34.18 -3.56
C LEU A 168 -3.06 -33.04 -4.11
N VAL A 169 -3.77 -32.34 -3.24
CA VAL A 169 -4.54 -31.18 -3.65
C VAL A 169 -4.28 -30.00 -2.72
N VAL A 170 -3.81 -28.90 -3.29
CA VAL A 170 -3.56 -27.68 -2.54
C VAL A 170 -4.44 -26.54 -3.03
N ASP A 171 -5.55 -26.33 -2.33
CA ASP A 171 -6.50 -25.29 -2.72
C ASP A 171 -6.00 -23.86 -2.51
N SER A 172 -5.07 -23.69 -1.57
CA SER A 172 -4.58 -22.35 -1.21
C SER A 172 -3.45 -21.86 -2.12
N LEU A 173 -3.72 -20.80 -2.87
CA LEU A 173 -2.70 -20.18 -3.70
C LEU A 173 -2.30 -18.83 -3.13
N ILE A 174 -1.02 -18.71 -2.77
CA ILE A 174 -0.51 -17.49 -2.16
C ILE A 174 0.73 -16.97 -2.87
N ALA A 175 0.99 -15.68 -2.75
CA ALA A 175 2.11 -15.04 -3.44
C ALA A 175 3.45 -15.47 -2.87
N GLN A 176 3.52 -15.63 -1.56
CA GLN A 176 4.75 -16.08 -0.90
C GLN A 176 4.47 -16.44 0.56
N PRO A 177 5.40 -17.17 1.19
CA PRO A 177 5.22 -17.55 2.59
C PRO A 177 5.38 -16.35 3.49
N ILE A 178 4.53 -16.24 4.51
CA ILE A 178 4.69 -15.17 5.49
C ILE A 178 6.10 -15.21 6.07
N THR A 179 6.62 -14.06 6.46
CA THR A 179 7.91 -14.01 7.14
C THR A 179 7.77 -14.69 8.49
N MET A 180 8.78 -15.48 8.85
CA MET A 180 8.70 -16.32 10.04
C MET A 180 9.50 -15.75 11.19
N HIS A 181 8.86 -15.61 12.34
CA HIS A 181 9.55 -15.23 13.58
C HIS A 181 9.28 -16.25 14.67
N ALA A 182 10.25 -17.12 14.90
CA ALA A 182 10.13 -18.14 15.93
C ALA A 182 11.47 -18.33 16.63
N LEU A 183 11.58 -17.80 17.85
CA LEU A 183 12.85 -17.83 18.57
C LEU A 183 12.89 -18.89 19.66
N ASP A 184 11.73 -19.43 20.02
CA ASP A 184 11.65 -20.39 21.11
C ASP A 184 11.77 -21.84 20.66
N LYS A 185 12.30 -22.69 21.53
CA LYS A 185 12.29 -24.12 21.27
C LYS A 185 10.85 -24.61 21.33
N THR A 186 10.47 -25.41 20.34
CA THR A 186 9.12 -25.94 20.28
C THR A 186 8.85 -26.88 21.44
N MET A 187 7.86 -26.54 22.26
CA MET A 187 7.51 -27.36 23.41
C MET A 187 6.41 -28.34 23.05
N ILE A 188 6.69 -29.64 23.23
CA ILE A 188 5.73 -30.69 22.92
C ILE A 188 4.77 -30.91 24.09
N SER A 189 3.47 -30.85 23.80
CA SER A 189 2.46 -31.06 24.84
C SER A 189 1.61 -32.30 24.60
N SER A 190 1.77 -32.92 23.44
CA SER A 190 1.09 -34.19 23.16
C SER A 190 1.75 -34.98 22.04
N ILE A 191 1.57 -36.30 22.07
CA ILE A 191 2.12 -37.17 21.04
C ILE A 191 1.02 -37.98 20.37
N ARG A 192 0.82 -37.69 19.08
CA ARG A 192 -0.16 -38.42 18.26
C ARG A 192 0.59 -39.28 17.24
N GLY A 193 -0.14 -39.86 16.31
CA GLY A 193 0.48 -40.66 15.27
C GLY A 193 -0.47 -41.60 14.54
N VAL A 194 0.09 -42.35 13.60
CA VAL A 194 -0.69 -43.30 12.81
C VAL A 194 0.06 -44.61 12.65
N SER A 195 -0.49 -45.67 13.24
CA SER A 195 0.06 -47.01 13.08
C SER A 195 -0.80 -47.76 12.07
N TYR A 196 -0.21 -48.14 10.94
CA TYR A 196 -1.00 -48.72 9.85
C TYR A 196 -0.45 -50.06 9.39
N SER A 197 -1.32 -50.84 8.74
CA SER A 197 -0.91 -52.09 8.13
C SER A 197 -1.79 -52.36 6.92
N THR A 198 -1.33 -53.23 6.03
CA THR A 198 -2.08 -53.55 4.84
C THR A 198 -2.18 -55.06 4.64
N ARG A 199 -3.39 -55.54 4.37
CA ARG A 199 -3.63 -56.97 4.11
C ARG A 199 -3.08 -57.90 5.18
N VAL A 200 -3.25 -57.54 6.44
CA VAL A 200 -2.81 -58.39 7.55
C VAL A 200 -3.73 -58.25 8.75
N SER A 201 -3.44 -59.00 9.81
CA SER A 201 -4.25 -58.93 11.02
C SER A 201 -3.89 -57.71 11.85
N PRO A 202 -4.90 -57.07 12.46
CA PRO A 202 -4.76 -55.88 13.31
C PRO A 202 -3.78 -56.11 14.44
N SER A 203 -3.21 -57.29 14.50
CA SER A 203 -2.21 -57.60 15.51
C SER A 203 -0.98 -56.69 15.40
N LEU A 204 -0.42 -56.61 14.19
CA LEU A 204 0.78 -55.83 13.95
C LEU A 204 0.63 -54.38 14.40
N VAL A 205 -0.44 -53.72 13.97
CA VAL A 205 -0.69 -52.34 14.35
C VAL A 205 -0.68 -52.14 15.87
N ASN A 206 -1.35 -53.03 16.59
CA ASN A 206 -1.43 -52.91 18.05
C ASN A 206 -0.08 -53.17 18.73
N ARG A 207 0.64 -54.16 18.25
CA ARG A 207 1.93 -54.50 18.84
C ARG A 207 2.94 -53.38 18.63
N MET A 208 2.76 -52.61 17.56
CA MET A 208 3.59 -51.45 17.30
C MET A 208 3.26 -50.34 18.30
N ILE A 209 1.97 -50.13 18.53
CA ILE A 209 1.54 -49.13 19.50
C ILE A 209 2.02 -49.51 20.89
N ASP A 210 1.98 -50.80 21.22
CA ASP A 210 2.48 -51.28 22.50
C ASP A 210 3.95 -50.93 22.67
N GLY A 211 4.74 -51.30 21.66
CA GLY A 211 6.17 -51.04 21.68
C GLY A 211 6.48 -49.55 21.81
N ALA A 212 5.73 -48.73 21.10
CA ALA A 212 5.90 -47.28 21.15
C ALA A 212 5.59 -46.73 22.53
N LYS A 213 4.43 -47.13 23.06
CA LYS A 213 3.98 -46.63 24.36
C LYS A 213 4.91 -47.02 25.51
N LYS A 214 5.61 -48.13 25.34
CA LYS A 214 6.48 -48.63 26.41
C LYS A 214 7.65 -47.69 26.69
N VAL A 215 8.20 -47.08 25.64
CA VAL A 215 9.32 -46.16 25.84
C VAL A 215 8.78 -44.78 26.18
N LEU A 216 7.53 -44.52 25.81
CA LEU A 216 6.92 -43.22 26.05
C LEU A 216 6.10 -43.18 27.34
N LYS A 217 6.24 -44.21 28.17
CA LYS A 217 5.38 -44.34 29.36
C LYS A 217 5.58 -43.21 30.38
N SER A 218 6.81 -42.71 30.48
CA SER A 218 7.12 -41.67 31.45
C SER A 218 6.54 -40.30 31.05
N ALA A 219 6.03 -40.20 29.84
CA ALA A 219 5.45 -38.95 29.34
C ALA A 219 4.37 -38.44 30.28
N SER A 220 4.47 -37.17 30.64
CA SER A 220 3.46 -36.53 31.47
C SER A 220 2.38 -35.86 30.62
N CYS A 221 2.54 -35.98 29.31
CA CYS A 221 1.55 -35.43 28.37
C CYS A 221 0.74 -36.55 27.74
N GLU A 222 -0.26 -36.18 26.96
CA GLU A 222 -1.12 -37.17 26.32
C GLU A 222 -0.36 -37.96 25.27
N VAL A 223 -0.68 -39.24 25.16
CA VAL A 223 -0.08 -40.11 24.15
C VAL A 223 -1.11 -41.08 23.62
N ASN A 224 -1.78 -40.73 22.53
CA ASN A 224 -2.67 -41.66 21.89
C ASN A 224 -2.41 -41.76 20.38
N ILE A 225 -2.32 -43.00 19.90
CA ILE A 225 -1.97 -43.28 18.53
C ILE A 225 -3.15 -43.87 17.77
N THR A 226 -3.51 -43.25 16.65
CA THR A 226 -4.56 -43.74 15.79
C THR A 226 -4.18 -45.08 15.15
N ALA A 227 -5.08 -46.05 15.22
CA ALA A 227 -4.87 -47.33 14.55
C ALA A 227 -5.57 -47.31 13.19
N ASP A 228 -4.88 -47.78 12.16
CA ASP A 228 -5.37 -47.64 10.80
C ASP A 228 -5.12 -48.91 10.00
N VAL A 229 -5.90 -49.94 10.27
CA VAL A 229 -5.74 -51.22 9.59
C VAL A 229 -6.49 -51.25 8.26
N TRP A 230 -5.75 -51.56 7.19
CA TRP A 230 -6.33 -51.62 5.86
C TRP A 230 -6.47 -53.05 5.39
N ARG A 231 -7.67 -53.45 5.05
CA ARG A 231 -7.92 -54.78 4.51
C ARG A 231 -8.63 -54.69 3.17
N GLY A 232 -8.63 -55.80 2.42
CA GLY A 232 -9.32 -55.83 1.15
C GLY A 232 -8.49 -55.22 0.04
N GLU A 233 -9.15 -54.89 -1.07
CA GLU A 233 -8.44 -54.42 -2.25
C GLU A 233 -7.92 -52.99 -2.09
N ASN A 234 -8.61 -52.20 -1.27
CA ASN A 234 -8.18 -50.82 -1.04
C ASN A 234 -6.84 -50.71 -0.31
N SER A 235 -6.27 -51.84 0.09
CA SER A 235 -5.03 -51.82 0.85
C SER A 235 -3.78 -52.08 -0.01
N GLY A 236 -3.98 -52.36 -1.29
CA GLY A 236 -2.87 -52.59 -2.19
C GLY A 236 -2.62 -54.06 -2.45
N LYS A 237 -1.49 -54.36 -3.08
CA LYS A 237 -1.19 -55.72 -3.52
C LYS A 237 -0.39 -56.52 -2.50
N SER A 238 0.45 -55.84 -1.73
CA SER A 238 1.37 -56.51 -0.81
C SER A 238 1.03 -56.26 0.65
N PRO A 239 1.42 -57.19 1.53
CA PRO A 239 1.35 -56.98 2.98
C PRO A 239 2.39 -55.97 3.40
N GLY A 240 2.12 -55.24 4.47
CA GLY A 240 3.04 -54.23 4.97
C GLY A 240 2.51 -53.52 6.19
N TRP A 241 3.36 -52.74 6.83
CA TRP A 241 2.98 -52.00 8.03
C TRP A 241 4.03 -50.97 8.39
N GLY A 242 3.63 -49.97 9.17
CA GLY A 242 4.53 -48.91 9.58
C GLY A 242 3.97 -48.02 10.67
N LEU A 243 4.82 -47.14 11.19
CA LEU A 243 4.44 -46.25 12.28
C LEU A 243 4.95 -44.83 12.03
N THR A 244 4.05 -43.85 12.18
CA THR A 244 4.42 -42.44 12.11
C THR A 244 4.01 -41.74 13.39
N LEU A 245 5.00 -41.35 14.20
CA LEU A 245 4.71 -40.61 15.43
C LEU A 245 4.85 -39.11 15.21
N VAL A 246 3.88 -38.34 15.71
CA VAL A 246 3.88 -36.91 15.53
C VAL A 246 3.70 -36.19 16.86
N ALA A 247 4.78 -35.64 17.40
CA ALA A 247 4.68 -34.81 18.60
C ALA A 247 4.17 -33.43 18.19
N GLU A 248 3.32 -32.83 19.01
CA GLU A 248 2.72 -31.56 18.63
C GLU A 248 2.43 -30.63 19.82
N ASN A 249 2.28 -29.34 19.54
CA ASN A 249 1.74 -28.41 20.51
C ASN A 249 0.54 -27.66 19.91
N LYS A 250 -0.11 -26.83 20.72
CA LYS A 250 -1.33 -26.16 20.30
C LYS A 250 -1.08 -24.95 19.38
N GLN A 251 0.20 -24.65 19.12
CA GLN A 251 0.57 -23.54 18.26
C GLN A 251 0.65 -23.94 16.79
N GLY A 252 0.53 -25.24 16.52
CA GLY A 252 0.55 -25.72 15.15
C GLY A 252 1.86 -26.38 14.76
N TRP A 253 2.84 -26.33 15.65
CA TRP A 253 4.14 -26.94 15.39
C TRP A 253 4.11 -28.46 15.53
N ARG A 254 5.05 -29.13 14.88
CA ARG A 254 5.07 -30.59 14.80
C ARG A 254 6.50 -31.11 14.69
N ILE A 255 6.80 -32.14 15.46
CA ILE A 255 8.05 -32.89 15.32
C ILE A 255 7.68 -34.35 15.05
N PHE A 256 8.34 -34.98 14.07
CA PHE A 256 7.96 -36.34 13.69
C PHE A 256 9.11 -37.28 13.36
N SER A 257 8.80 -38.56 13.39
CA SER A 257 9.70 -39.60 12.89
C SER A 257 8.86 -40.77 12.37
N GLU A 258 9.45 -41.61 11.55
CA GLU A 258 8.70 -42.68 10.92
C GLU A 258 9.58 -43.89 10.66
N ALA A 259 8.94 -45.02 10.38
CA ALA A 259 9.64 -46.25 10.03
C ALA A 259 8.62 -47.24 9.49
N ILE A 260 9.07 -48.12 8.61
CA ILE A 260 8.21 -49.21 8.16
C ILE A 260 8.84 -50.54 8.58
N GLY A 261 8.03 -51.58 8.59
CA GLY A 261 8.50 -52.91 8.93
C GLY A 261 8.55 -53.83 7.73
N ASP A 262 9.54 -54.71 7.72
CA ASP A 262 9.63 -55.75 6.70
C ASP A 262 9.18 -57.07 7.33
N ALA A 263 8.79 -58.03 6.50
CA ALA A 263 8.42 -59.33 7.01
C ALA A 263 9.55 -59.87 7.89
N GLY A 264 9.23 -60.28 9.10
CA GLY A 264 10.21 -60.83 10.00
C GLY A 264 10.59 -59.89 11.15
N ASP A 265 10.40 -58.59 10.93
CA ASP A 265 10.65 -57.59 11.97
C ASP A 265 9.67 -57.75 13.11
N VAL A 266 10.14 -57.51 14.33
CA VAL A 266 9.28 -57.54 15.51
C VAL A 266 8.59 -56.19 15.70
N PRO A 267 7.26 -56.17 15.57
CA PRO A 267 6.45 -54.94 15.63
C PRO A 267 6.75 -54.10 16.87
N GLU A 268 6.98 -54.75 18.01
CA GLU A 268 7.23 -54.03 19.25
C GLU A 268 8.55 -53.27 19.16
N ASP A 269 9.50 -53.83 18.42
CA ASP A 269 10.81 -53.20 18.28
C ASP A 269 10.76 -52.06 17.28
N ILE A 270 10.00 -52.27 16.20
CA ILE A 270 9.78 -51.23 15.21
C ILE A 270 9.06 -50.06 15.86
N GLY A 271 8.04 -50.36 16.64
CA GLY A 271 7.30 -49.35 17.38
C GLY A 271 8.19 -48.61 18.35
N ALA A 272 9.00 -49.35 19.10
CA ALA A 272 9.92 -48.74 20.05
C ALA A 272 10.96 -47.88 19.34
N SER A 273 11.38 -48.31 18.16
CA SER A 273 12.44 -47.61 17.43
C SER A 273 11.99 -46.21 16.99
N VAL A 274 10.75 -46.12 16.52
CA VAL A 274 10.20 -44.85 16.07
C VAL A 274 10.05 -43.88 17.24
N ALA A 275 9.74 -44.40 18.42
CA ALA A 275 9.61 -43.56 19.60
C ALA A 275 10.98 -43.08 20.09
N TYR A 276 12.01 -43.89 19.89
CA TYR A 276 13.36 -43.47 20.27
C TYR A 276 13.86 -42.35 19.37
N HIS A 277 13.59 -42.48 18.07
CA HIS A 277 13.97 -41.46 17.11
C HIS A 277 13.18 -40.18 17.34
N LEU A 278 11.91 -40.31 17.70
CA LEU A 278 11.09 -39.15 18.03
C LEU A 278 11.71 -38.39 19.20
N LEU A 279 12.08 -39.11 20.25
CA LEU A 279 12.71 -38.48 21.41
C LEU A 279 14.05 -37.86 21.06
N GLU A 280 14.80 -38.51 20.18
CA GLU A 280 16.06 -37.97 19.69
C GLU A 280 15.81 -36.69 18.90
N GLU A 281 14.84 -36.75 17.98
CA GLU A 281 14.51 -35.62 17.11
C GLU A 281 13.98 -34.42 17.90
N ILE A 282 13.27 -34.68 18.99
CA ILE A 282 12.80 -33.62 19.87
C ILE A 282 13.98 -33.02 20.63
N SER A 283 14.85 -33.89 21.14
CA SER A 283 16.01 -33.47 21.89
C SER A 283 16.92 -32.55 21.09
N LYS A 284 16.97 -32.75 19.78
CA LYS A 284 17.89 -32.02 18.91
C LYS A 284 17.23 -30.87 18.19
N SER A 285 15.94 -30.64 18.45
CA SER A 285 15.19 -29.69 17.65
C SER A 285 15.15 -28.28 18.24
N GLY A 286 14.93 -27.30 17.36
CA GLY A 286 14.65 -25.94 17.77
C GLY A 286 13.17 -25.70 17.59
N VAL A 287 12.81 -24.94 16.55
CA VAL A 287 11.42 -24.81 16.17
C VAL A 287 10.98 -26.08 15.45
N VAL A 288 11.82 -26.58 14.56
CA VAL A 288 11.48 -27.79 13.81
C VAL A 288 12.54 -28.86 13.98
N GLY A 289 12.29 -30.04 13.42
CA GLY A 289 13.23 -31.14 13.47
C GLY A 289 14.03 -31.21 12.19
N ARG A 290 15.16 -31.93 12.22
CA ARG A 290 16.04 -32.04 11.07
C ARG A 290 15.28 -32.33 9.77
N ASN A 291 14.26 -33.18 9.86
CA ASN A 291 13.53 -33.60 8.67
C ASN A 291 12.58 -32.53 8.11
N GLN A 292 12.61 -31.35 8.72
CA GLN A 292 11.72 -30.26 8.33
C GLN A 292 12.49 -29.01 7.93
N LEU A 293 13.78 -28.98 8.24
CA LEU A 293 14.61 -27.80 7.93
C LEU A 293 14.63 -27.42 6.46
N PRO A 294 14.86 -28.40 5.57
CA PRO A 294 14.87 -28.06 4.14
C PRO A 294 13.62 -27.32 3.71
N LEU A 295 12.45 -27.74 4.20
CA LEU A 295 11.21 -27.09 3.82
C LEU A 295 11.11 -25.71 4.47
N THR A 296 11.38 -25.66 5.77
CA THR A 296 11.30 -24.42 6.54
C THR A 296 12.25 -23.37 5.97
N ILE A 297 13.53 -23.73 5.87
CA ILE A 297 14.54 -22.80 5.37
C ILE A 297 14.17 -22.19 4.03
N LEU A 298 13.66 -23.02 3.11
CA LEU A 298 13.29 -22.55 1.78
CA LEU A 298 13.30 -22.55 1.78
C LEU A 298 12.09 -21.61 1.79
N TYR A 299 11.13 -21.90 2.65
CA TYR A 299 9.94 -21.04 2.73
C TYR A 299 10.33 -19.68 3.27
N MET A 300 11.40 -19.63 4.05
CA MET A 300 11.88 -18.38 4.59
C MET A 300 12.57 -17.61 3.49
N ILE A 301 13.43 -18.30 2.76
CA ILE A 301 14.20 -17.70 1.69
C ILE A 301 13.33 -17.08 0.60
N ILE A 302 12.18 -17.68 0.33
CA ILE A 302 11.31 -17.17 -0.73
C ILE A 302 10.21 -16.27 -0.20
N GLY A 303 10.34 -15.84 1.04
CA GLY A 303 9.43 -14.86 1.61
C GLY A 303 9.76 -13.46 1.13
N LYS A 304 8.83 -12.53 1.35
CA LYS A 304 9.06 -11.15 0.94
C LYS A 304 10.41 -10.64 1.43
N GLU A 305 11.01 -9.73 0.66
CA GLU A 305 12.32 -9.17 0.99
C GLU A 305 12.29 -8.51 2.36
N ASP A 306 12.77 -9.25 3.36
CA ASP A 306 12.63 -8.87 4.75
C ASP A 306 13.24 -9.98 5.60
N ILE A 307 13.65 -9.64 6.81
CA ILE A 307 14.39 -10.57 7.66
C ILE A 307 13.49 -11.49 8.49
N GLY A 308 13.73 -12.79 8.40
CA GLY A 308 12.98 -13.76 9.18
C GLY A 308 13.91 -14.48 10.14
N ARG A 309 13.35 -15.08 11.18
CA ARG A 309 14.18 -15.73 12.20
C ARG A 309 13.61 -17.07 12.65
N LEU A 310 14.50 -18.05 12.76
CA LEU A 310 14.11 -19.39 13.16
C LEU A 310 15.19 -20.02 14.03
N ARG A 311 14.83 -20.40 15.25
CA ARG A 311 15.79 -21.00 16.17
C ARG A 311 16.15 -22.41 15.73
N ILE A 312 17.44 -22.72 15.74
CA ILE A 312 17.90 -24.07 15.44
C ILE A 312 18.88 -24.53 16.51
N THR A 313 19.24 -25.81 16.44
CA THR A 313 20.15 -26.39 17.41
C THR A 313 21.51 -26.62 16.77
N LYS A 314 22.55 -26.61 17.60
CA LYS A 314 23.91 -26.92 17.16
C LYS A 314 23.93 -28.27 16.44
N ASP A 315 23.20 -29.24 16.99
CA ASP A 315 23.12 -30.58 16.41
C ASP A 315 22.46 -30.59 15.04
N GLN A 316 21.69 -29.55 14.74
CA GLN A 316 21.00 -29.48 13.45
C GLN A 316 21.92 -28.97 12.33
N ILE A 317 23.07 -28.42 12.71
CA ILE A 317 24.06 -27.99 11.73
C ILE A 317 24.93 -29.17 11.33
N ASP A 318 24.35 -30.09 10.56
CA ASP A 318 25.05 -31.30 10.14
C ASP A 318 25.47 -31.19 8.68
N GLU A 319 26.10 -32.23 8.17
CA GLU A 319 26.52 -32.26 6.78
C GLU A 319 25.39 -31.84 5.84
N ARG A 320 24.22 -32.45 6.05
CA ARG A 320 23.04 -32.16 5.24
C ARG A 320 22.71 -30.67 5.24
N PHE A 321 22.78 -30.05 6.42
CA PHE A 321 22.44 -28.65 6.57
C PHE A 321 23.42 -27.75 5.81
N VAL A 322 24.71 -28.04 5.96
CA VAL A 322 25.73 -27.30 5.23
C VAL A 322 25.38 -27.29 3.74
N TRP A 323 25.24 -28.48 3.16
CA TRP A 323 24.91 -28.61 1.75
C TRP A 323 23.66 -27.84 1.36
N LEU A 324 22.67 -27.88 2.23
CA LEU A 324 21.44 -27.13 2.01
C LEU A 324 21.72 -25.65 1.79
N LEU A 325 22.59 -25.07 2.63
CA LEU A 325 22.93 -23.66 2.52
C LEU A 325 23.80 -23.38 1.30
N ARG A 326 24.73 -24.30 1.01
CA ARG A 326 25.58 -24.20 -0.17
C ARG A 326 24.74 -24.05 -1.44
N ASP A 327 23.86 -25.01 -1.67
CA ASP A 327 23.00 -25.00 -2.86
C ASP A 327 22.16 -23.72 -2.90
N ILE A 328 21.67 -23.30 -1.74
CA ILE A 328 20.89 -22.08 -1.65
C ILE A 328 21.72 -20.86 -2.04
N LYS A 329 22.96 -20.84 -1.58
CA LYS A 329 23.87 -19.77 -1.94
C LYS A 329 23.99 -19.67 -3.46
N LYS A 330 24.28 -20.79 -4.11
CA LYS A 330 24.46 -20.80 -5.57
C LYS A 330 23.22 -20.33 -6.35
N VAL A 331 22.05 -20.81 -5.95
CA VAL A 331 20.83 -20.54 -6.70
C VAL A 331 20.18 -19.18 -6.39
N PHE A 332 20.21 -18.78 -5.12
CA PHE A 332 19.51 -17.56 -4.69
C PHE A 332 20.48 -16.44 -4.33
N GLY A 333 21.69 -16.81 -3.90
CA GLY A 333 22.66 -15.85 -3.45
C GLY A 333 22.60 -15.63 -1.95
N THR A 334 21.40 -15.74 -1.40
CA THR A 334 21.18 -15.55 0.03
C THR A 334 22.09 -16.42 0.89
N GLU A 335 22.72 -15.79 1.89
CA GLU A 335 23.49 -16.55 2.87
C GLU A 335 22.91 -16.35 4.27
N ILE A 336 23.07 -17.37 5.11
CA ILE A 336 22.41 -17.39 6.42
C ILE A 336 23.34 -16.94 7.55
N LEU A 337 22.82 -16.08 8.41
CA LEU A 337 23.56 -15.67 9.60
C LEU A 337 22.98 -16.32 10.85
N LEU A 338 23.85 -16.88 11.67
CA LEU A 338 23.45 -17.56 12.91
C LEU A 338 23.82 -16.73 14.13
N LYS A 339 22.85 -16.54 15.02
CA LYS A 339 23.08 -15.71 16.20
C LYS A 339 22.80 -16.49 17.49
N PRO A 340 23.80 -16.58 18.37
CA PRO A 340 23.68 -17.29 19.65
C PRO A 340 22.51 -16.75 20.44
N VAL A 341 21.71 -17.63 21.02
CA VAL A 341 20.50 -17.19 21.74
C VAL A 341 20.86 -16.59 23.09
N ASP A 342 19.97 -15.72 23.57
CA ASP A 342 20.23 -14.98 24.81
C ASP A 342 20.21 -15.90 26.02
N ASP A 343 19.46 -17.00 25.93
CA ASP A 343 19.37 -17.94 27.05
C ASP A 343 20.69 -18.67 27.24
N ASN A 344 20.70 -19.67 28.12
CA ASN A 344 21.93 -20.33 28.50
C ASN A 344 22.15 -21.66 27.78
N THR A 345 21.83 -21.70 26.49
CA THR A 345 22.03 -22.90 25.69
C THR A 345 22.92 -22.57 24.49
N THR A 346 23.26 -23.60 23.72
CA THR A 346 24.13 -23.42 22.56
C THR A 346 23.33 -23.28 21.26
N ASP A 347 22.04 -22.99 21.38
CA ASP A 347 21.18 -22.83 20.19
C ASP A 347 21.49 -21.52 19.46
N LEU A 348 21.10 -21.46 18.20
CA LEU A 348 21.33 -20.28 17.37
C LEU A 348 20.02 -19.80 16.76
N ILE A 349 19.98 -18.54 16.36
CA ILE A 349 18.84 -18.02 15.61
C ILE A 349 19.21 -17.80 14.15
N ALA A 350 18.71 -18.70 13.28
CA ALA A 350 18.94 -18.56 11.86
C ALA A 350 18.24 -17.31 11.34
N THR A 351 19.03 -16.37 10.85
CA THR A 351 18.50 -15.12 10.33
C THR A 351 18.52 -15.15 8.80
N ILE A 352 17.34 -15.04 8.20
CA ILE A 352 17.23 -15.23 6.75
C ILE A 352 16.37 -14.16 6.08
N LYS A 353 16.95 -13.46 5.12
CA LYS A 353 16.25 -12.43 4.39
C LYS A 353 15.59 -13.01 3.14
N GLY A 354 14.31 -12.74 2.96
CA GLY A 354 13.60 -13.21 1.79
C GLY A 354 14.22 -12.67 0.51
N ILE A 355 13.85 -13.23 -0.63
CA ILE A 355 14.38 -12.77 -1.91
C ILE A 355 13.47 -11.75 -2.57
N GLY A 356 12.17 -11.83 -2.27
CA GLY A 356 11.20 -10.96 -2.89
C GLY A 356 10.40 -11.69 -3.95
N PHE A 357 9.99 -12.92 -3.62
CA PHE A 357 9.20 -13.77 -4.51
C PHE A 357 7.91 -13.09 -4.94
N SER B 6 -27.22 49.45 17.55
CA SER B 6 -28.57 49.69 17.05
C SER B 6 -28.71 49.21 15.60
N ARG B 7 -28.92 47.92 15.41
CA ARG B 7 -29.04 46.96 16.51
C ARG B 7 -27.67 46.38 16.88
N TYR B 8 -27.62 45.66 17.99
CA TYR B 8 -26.38 45.05 18.45
C TYR B 8 -26.43 43.52 18.31
N VAL B 9 -25.44 42.97 17.60
CA VAL B 9 -25.29 41.51 17.52
C VAL B 9 -24.83 40.99 18.87
N THR B 10 -25.50 39.96 19.37
CA THR B 10 -25.27 39.53 20.75
C THR B 10 -24.46 38.23 20.88
N PHE B 11 -23.57 38.20 21.86
CA PHE B 11 -22.77 37.02 22.16
C PHE B 11 -22.84 36.76 23.65
N GLU B 12 -22.38 35.59 24.08
CA GLU B 12 -22.44 35.23 25.49
C GLU B 12 -21.16 34.52 25.93
N GLY B 13 -20.70 34.85 27.13
CA GLY B 13 -19.51 34.22 27.69
C GLY B 13 -18.22 34.81 27.15
N SER B 14 -17.10 34.32 27.66
CA SER B 14 -15.79 34.84 27.29
C SER B 14 -15.21 34.11 26.09
N ARG B 15 -15.95 33.15 25.56
CA ARG B 15 -15.50 32.38 24.41
C ARG B 15 -15.23 33.27 23.20
N ASN B 16 -14.06 33.11 22.61
CA ASN B 16 -13.69 33.84 21.41
C ASN B 16 -13.83 35.35 21.60
N PHE B 17 -13.51 35.81 22.80
CA PHE B 17 -13.64 37.22 23.14
C PHE B 17 -12.92 38.11 22.14
N ARG B 18 -11.61 37.89 21.99
CA ARG B 18 -10.80 38.71 21.08
C ARG B 18 -11.29 38.62 19.64
N LEU B 19 -11.59 37.40 19.20
CA LEU B 19 -12.01 37.15 17.84
C LEU B 19 -13.31 37.88 17.49
N ARG B 20 -14.24 37.90 18.44
CA ARG B 20 -15.51 38.59 18.23
C ARG B 20 -15.30 40.09 18.14
N VAL B 21 -14.51 40.64 19.05
CA VAL B 21 -14.19 42.06 19.02
C VAL B 21 -13.51 42.43 17.69
N VAL B 22 -12.66 41.55 17.20
CA VAL B 22 -11.99 41.77 15.92
C VAL B 22 -12.98 41.73 14.77
N MET B 23 -13.82 40.70 14.76
CA MET B 23 -14.83 40.55 13.71
C MET B 23 -15.80 41.73 13.73
N ALA B 24 -16.06 42.25 14.92
CA ALA B 24 -16.84 43.47 15.05
C ALA B 24 -16.14 44.64 14.33
N THR B 25 -14.82 44.70 14.45
CA THR B 25 -14.04 45.76 13.80
C THR B 25 -13.99 45.60 12.28
N LEU B 26 -13.73 44.37 11.83
CA LEU B 26 -13.64 44.09 10.39
C LEU B 26 -14.98 44.31 9.68
N SER B 27 -16.07 43.88 10.31
CA SER B 27 -17.40 44.05 9.74
C SER B 27 -17.86 45.51 9.90
N GLY B 28 -17.57 46.09 11.04
CA GLY B 28 -17.99 47.45 11.34
C GLY B 28 -19.34 47.48 12.04
N LYS B 29 -19.75 46.33 12.56
CA LYS B 29 -21.03 46.18 13.24
C LYS B 29 -20.86 46.11 14.76
N ALA B 30 -21.68 46.87 15.48
CA ALA B 30 -21.65 46.86 16.94
C ALA B 30 -22.03 45.50 17.51
N ILE B 31 -21.50 45.17 18.68
CA ILE B 31 -21.79 43.89 19.31
C ILE B 31 -21.92 44.00 20.83
N LYS B 32 -22.76 43.16 21.41
CA LYS B 32 -22.90 43.08 22.85
C LYS B 32 -22.42 41.70 23.30
N ILE B 33 -21.67 41.65 24.39
CA ILE B 33 -21.22 40.38 24.95
C ILE B 33 -21.60 40.32 26.43
N GLU B 34 -22.64 39.56 26.73
CA GLU B 34 -23.17 39.47 28.09
C GLU B 34 -22.91 38.12 28.75
N LYS B 35 -23.22 38.04 30.03
CA LYS B 35 -23.07 36.79 30.78
C LYS B 35 -21.61 36.35 30.81
N ILE B 36 -20.71 37.32 30.95
CA ILE B 36 -19.29 37.03 31.02
C ILE B 36 -18.87 36.64 32.43
N ARG B 37 -18.75 35.33 32.67
CA ARG B 37 -18.35 34.81 33.98
C ARG B 37 -19.24 35.32 35.09
N SER B 38 -20.55 35.21 34.91
CA SER B 38 -21.50 35.76 35.87
C SER B 38 -21.45 35.05 37.22
N ASP B 39 -21.07 33.78 37.21
CA ASP B 39 -21.11 32.96 38.43
C ASP B 39 -19.86 33.10 39.31
N ASP B 40 -18.71 33.26 38.68
CA ASP B 40 -17.43 33.31 39.40
C ASP B 40 -17.46 34.22 40.63
N LEU B 41 -16.53 33.97 41.56
CA LEU B 41 -16.35 34.85 42.72
C LEU B 41 -16.10 36.26 42.22
N ASN B 42 -15.28 36.38 41.19
CA ASN B 42 -15.02 37.65 40.54
C ASN B 42 -15.67 37.68 39.17
N PRO B 43 -16.92 38.15 39.12
CA PRO B 43 -17.67 38.16 37.86
C PRO B 43 -17.02 39.07 36.84
N GLY B 44 -17.41 38.94 35.58
CA GLY B 44 -17.00 39.86 34.55
C GLY B 44 -15.64 39.55 33.93
N LEU B 45 -15.29 40.35 32.93
CA LEU B 45 -14.03 40.18 32.20
C LEU B 45 -12.79 40.35 33.08
N LYS B 46 -11.73 39.63 32.73
CA LYS B 46 -10.48 39.65 33.47
C LYS B 46 -9.63 40.88 33.14
N ASP B 47 -8.53 41.06 33.85
CA ASP B 47 -7.65 42.20 33.60
C ASP B 47 -7.03 42.12 32.19
N TYR B 48 -6.73 40.90 31.74
CA TYR B 48 -6.14 40.73 30.41
C TYR B 48 -7.14 41.02 29.29
N GLU B 49 -8.42 41.02 29.64
CA GLU B 49 -9.47 41.30 28.67
C GLU B 49 -9.76 42.79 28.57
N VAL B 50 -9.69 43.49 29.70
CA VAL B 50 -9.84 44.93 29.68
C VAL B 50 -8.58 45.52 29.04
N SER B 51 -7.45 44.90 29.35
CA SER B 51 -6.18 45.27 28.72
C SER B 51 -6.28 45.16 27.20
N PHE B 52 -6.89 44.08 26.73
CA PHE B 52 -7.07 43.85 25.29
C PHE B 52 -7.99 44.88 24.66
N LEU B 53 -8.92 45.41 25.45
CA LEU B 53 -9.83 46.44 24.96
C LEU B 53 -9.11 47.77 24.78
N ARG B 54 -8.19 48.07 25.69
CA ARG B 54 -7.40 49.30 25.58
C ARG B 54 -6.53 49.24 24.33
N LEU B 55 -5.99 48.06 24.04
CA LEU B 55 -5.20 47.85 22.82
C LEU B 55 -6.05 48.14 21.58
N MET B 56 -7.26 47.58 21.52
CA MET B 56 -8.18 47.84 20.42
C MET B 56 -8.46 49.35 20.28
N GLU B 57 -8.62 50.02 21.40
CA GLU B 57 -8.85 51.47 21.41
C GLU B 57 -7.64 52.22 20.86
N ALA B 58 -6.44 51.74 21.19
CA ALA B 58 -5.20 52.40 20.77
C ALA B 58 -4.99 52.26 19.27
N VAL B 59 -5.46 51.15 18.72
CA VAL B 59 -5.19 50.79 17.33
C VAL B 59 -6.29 51.24 16.37
N THR B 60 -7.43 51.63 16.94
CA THR B 60 -8.57 52.06 16.14
C THR B 60 -8.91 53.52 16.47
N ASN B 61 -9.80 54.12 15.68
CA ASN B 61 -10.26 55.47 15.94
C ASN B 61 -11.77 55.62 15.82
N GLY B 62 -12.38 56.26 16.81
CA GLY B 62 -13.81 56.58 16.76
C GLY B 62 -14.69 55.43 17.20
N SER B 63 -14.27 54.75 18.26
CA SER B 63 -15.01 53.61 18.77
C SER B 63 -15.33 53.79 20.25
N SER B 64 -16.42 53.18 20.69
CA SER B 64 -16.82 53.27 22.09
C SER B 64 -16.93 51.89 22.72
N ILE B 65 -16.34 51.73 23.90
CA ILE B 65 -16.39 50.47 24.62
C ILE B 65 -17.04 50.66 25.98
N GLU B 66 -18.31 50.29 26.07
CA GLU B 66 -19.10 50.48 27.27
C GLU B 66 -19.20 49.20 28.10
N ILE B 67 -18.56 49.20 29.27
CA ILE B 67 -18.58 48.04 30.14
C ILE B 67 -19.55 48.23 31.31
N SER B 68 -20.43 47.26 31.51
CA SER B 68 -21.42 47.34 32.58
C SER B 68 -20.75 47.55 33.94
N TYR B 69 -21.50 48.06 34.89
CA TYR B 69 -20.97 48.31 36.22
C TYR B 69 -20.52 46.99 36.83
N THR B 70 -21.36 45.97 36.67
CA THR B 70 -21.09 44.66 37.22
C THR B 70 -19.90 44.01 36.51
N GLY B 71 -19.65 44.44 35.28
CA GLY B 71 -18.50 43.97 34.53
C GLY B 71 -18.77 42.73 33.70
N THR B 72 -20.00 42.23 33.75
CA THR B 72 -20.34 40.99 33.07
C THR B 72 -20.82 41.20 31.64
N THR B 73 -20.88 42.46 31.21
CA THR B 73 -21.34 42.79 29.87
C THR B 73 -20.44 43.85 29.24
N VAL B 74 -20.28 43.77 27.93
CA VAL B 74 -19.49 44.74 27.19
C VAL B 74 -20.21 45.15 25.90
N ILE B 75 -20.36 46.45 25.70
CA ILE B 75 -20.88 46.96 24.44
C ILE B 75 -19.76 47.55 23.60
N PHE B 76 -19.66 47.09 22.35
CA PHE B 76 -18.54 47.45 21.49
C PHE B 76 -18.99 48.03 20.16
N ARG B 77 -18.98 49.35 20.05
CA ARG B 77 -19.21 50.02 18.78
C ARG B 77 -17.86 50.29 18.12
N PRO B 78 -17.53 49.53 17.07
CA PRO B 78 -16.20 49.52 16.47
C PRO B 78 -15.89 50.79 15.71
N GLY B 79 -14.60 51.09 15.54
CA GLY B 79 -14.18 52.25 14.78
C GLY B 79 -13.37 51.86 13.56
N ILE B 80 -12.72 52.86 12.96
CA ILE B 80 -11.85 52.64 11.83
C ILE B 80 -10.50 52.07 12.28
N ILE B 81 -9.92 51.19 11.47
CA ILE B 81 -8.60 50.65 11.77
C ILE B 81 -7.52 51.64 11.34
N THR B 82 -6.88 52.27 12.32
CA THR B 82 -5.97 53.36 12.04
C THR B 82 -4.50 53.03 12.29
N GLY B 83 -4.22 52.23 13.30
CA GLY B 83 -2.85 51.83 13.61
C GLY B 83 -1.98 52.93 14.19
N GLY B 84 -0.73 52.99 13.73
CA GLY B 84 0.25 53.94 14.24
C GLY B 84 1.25 53.28 15.19
N SER B 85 1.98 54.10 15.93
CA SER B 85 2.93 53.57 16.91
C SER B 85 2.33 53.55 18.30
N TYR B 86 2.50 52.44 19.01
CA TYR B 86 1.91 52.29 20.33
C TYR B 86 2.66 51.24 21.16
N THR B 87 2.84 51.53 22.45
CA THR B 87 3.43 50.55 23.35
C THR B 87 2.37 50.01 24.29
N HIS B 88 2.33 48.68 24.41
CA HIS B 88 1.32 48.04 25.23
C HIS B 88 1.96 47.21 26.34
N GLN B 89 1.67 47.58 27.58
CA GLN B 89 2.14 46.82 28.72
C GLN B 89 1.15 45.69 28.97
N CYS B 90 1.65 44.46 28.96
CA CYS B 90 0.79 43.29 29.11
C CYS B 90 0.79 42.83 30.55
N PRO B 91 -0.41 42.67 31.14
CA PRO B 91 -0.52 42.13 32.49
C PRO B 91 0.10 40.75 32.53
N ASN B 92 0.61 40.33 33.68
CA ASN B 92 1.23 39.00 33.79
C ASN B 92 0.28 37.87 33.47
N SER B 93 -1.02 38.15 33.48
CA SER B 93 -2.04 37.12 33.35
C SER B 93 -2.07 36.46 31.96
N LYS B 94 -1.64 37.21 30.95
CA LYS B 94 -1.52 36.66 29.60
C LYS B 94 -0.23 37.12 28.93
N PRO B 95 0.47 36.19 28.25
CA PRO B 95 1.73 36.50 27.58
C PRO B 95 1.53 37.39 26.36
N VAL B 96 2.62 37.83 25.75
CA VAL B 96 2.59 38.74 24.60
C VAL B 96 1.76 38.21 23.43
N GLY B 97 1.85 36.90 23.18
CA GLY B 97 1.15 36.27 22.08
C GLY B 97 -0.37 36.44 22.15
N TYR B 98 -0.90 36.42 23.36
CA TYR B 98 -2.32 36.66 23.57
C TYR B 98 -2.78 37.94 22.88
N PHE B 99 -1.93 38.96 22.92
CA PHE B 99 -2.31 40.28 22.41
C PHE B 99 -1.88 40.50 20.96
N ALA B 100 -0.76 39.90 20.57
CA ALA B 100 -0.20 40.11 19.23
C ALA B 100 -0.97 39.34 18.15
N GLU B 101 -1.38 38.12 18.45
CA GLU B 101 -2.05 37.27 17.46
C GLU B 101 -3.29 37.92 16.83
N PRO B 102 -4.17 38.51 17.66
CA PRO B 102 -5.34 39.16 17.06
C PRO B 102 -5.00 40.42 16.28
N MET B 103 -3.85 41.03 16.58
CA MET B 103 -3.44 42.20 15.81
C MET B 103 -3.10 41.81 14.38
N LEU B 104 -2.82 40.54 14.16
CA LEU B 104 -2.59 40.00 12.82
C LEU B 104 -3.81 40.14 11.92
N TYR B 105 -5.01 40.18 12.51
CA TYR B 105 -6.23 40.26 11.72
C TYR B 105 -6.53 41.68 11.28
N LEU B 106 -5.90 42.65 11.92
CA LEU B 106 -6.23 44.06 11.69
C LEU B 106 -5.14 44.79 10.92
N ALA B 107 -3.89 44.56 11.32
CA ALA B 107 -2.77 45.36 10.85
C ALA B 107 -2.77 45.63 9.34
N PRO B 108 -2.90 44.57 8.52
CA PRO B 108 -2.83 44.73 7.06
C PRO B 108 -3.87 45.70 6.49
N PHE B 109 -4.98 45.89 7.19
CA PHE B 109 -6.09 46.65 6.62
C PHE B 109 -6.27 47.99 7.34
N SER B 110 -5.16 48.52 7.86
CA SER B 110 -5.16 49.76 8.60
C SER B 110 -4.88 50.96 7.70
N LYS B 111 -5.27 52.16 8.15
CA LYS B 111 -4.92 53.37 7.42
C LYS B 111 -3.41 53.62 7.51
N LYS B 112 -2.90 53.64 8.74
CA LYS B 112 -1.46 53.75 8.98
C LYS B 112 -0.91 52.40 9.41
N LYS B 113 0.36 52.16 9.12
CA LYS B 113 1.00 50.90 9.49
C LYS B 113 0.94 50.66 10.99
N PHE B 114 0.96 49.41 11.39
CA PHE B 114 1.05 49.06 12.80
C PHE B 114 2.50 48.98 13.25
N SER B 115 2.83 49.73 14.30
CA SER B 115 4.12 49.60 14.95
C SER B 115 3.85 49.48 16.43
N ILE B 116 3.71 48.25 16.90
CA ILE B 116 3.29 48.02 18.27
C ILE B 116 4.37 47.30 19.07
N LEU B 117 4.70 47.89 20.22
CA LEU B 117 5.68 47.30 21.11
C LEU B 117 4.96 46.65 22.27
N PHE B 118 5.18 45.34 22.44
CA PHE B 118 4.54 44.59 23.51
C PHE B 118 5.54 44.33 24.63
N ARG B 119 5.17 44.66 25.86
CA ARG B 119 5.99 44.35 27.02
C ARG B 119 5.28 43.33 27.89
N GLY B 120 6.01 42.34 28.37
CA GLY B 120 5.44 41.35 29.27
C GLY B 120 6.05 39.96 29.11
N ILE B 121 5.33 38.95 29.57
CA ILE B 121 5.76 37.57 29.39
C ILE B 121 5.71 37.25 27.90
N THR B 122 6.59 36.36 27.44
CA THR B 122 6.67 36.07 26.02
C THR B 122 6.22 34.67 25.67
N SER B 123 5.88 33.87 26.68
CA SER B 123 5.40 32.52 26.45
C SER B 123 4.48 32.01 27.56
N SER B 124 3.53 31.17 27.18
CA SER B 124 2.68 30.46 28.13
C SER B 124 2.40 29.08 27.57
N HIS B 125 1.54 28.32 28.24
CA HIS B 125 1.19 26.98 27.77
C HIS B 125 -0.04 27.01 26.88
N ASN B 126 -0.69 28.16 26.80
CA ASN B 126 -1.99 28.24 26.14
C ASN B 126 -2.07 29.25 25.01
N ASP B 127 -1.02 30.04 24.84
CA ASP B 127 -1.05 31.06 23.80
C ASP B 127 0.10 30.92 22.82
N ALA B 128 -0.06 31.53 21.66
CA ALA B 128 0.92 31.43 20.59
C ALA B 128 2.24 32.07 20.99
N GLY B 129 3.33 31.36 20.74
CA GLY B 129 4.67 31.88 21.04
C GLY B 129 5.17 32.81 19.95
N ILE B 130 6.15 33.63 20.28
CA ILE B 130 6.71 34.57 19.31
C ILE B 130 7.05 33.85 18.01
N ASP B 131 7.78 32.75 18.13
CA ASP B 131 8.20 31.99 16.95
C ASP B 131 7.02 31.44 16.14
N ALA B 132 5.98 30.99 16.84
CA ALA B 132 4.77 30.51 16.16
C ALA B 132 4.14 31.61 15.32
N ILE B 133 4.11 32.83 15.86
CA ILE B 133 3.57 33.94 15.10
C ILE B 133 4.45 34.25 13.88
N LYS B 134 5.76 34.32 14.12
CA LYS B 134 6.70 34.68 13.07
C LYS B 134 6.75 33.66 11.93
N TRP B 135 6.88 32.40 12.28
CA TRP B 135 7.14 31.36 11.30
C TRP B 135 5.92 30.50 11.03
N GLY B 136 4.94 30.57 11.93
CA GLY B 136 3.74 29.78 11.81
C GLY B 136 2.58 30.50 11.16
N LEU B 137 2.30 31.72 11.59
CA LEU B 137 1.11 32.43 11.14
C LEU B 137 1.38 33.46 10.05
N MET B 138 2.52 34.13 10.14
CA MET B 138 2.83 35.20 9.21
C MET B 138 3.07 34.74 7.76
N PRO B 139 3.70 33.58 7.58
CA PRO B 139 3.80 33.06 6.21
C PRO B 139 2.40 32.88 5.59
N ILE B 140 1.43 32.46 6.39
CA ILE B 140 0.04 32.37 5.93
C ILE B 140 -0.43 33.74 5.46
N MET B 141 -0.13 34.76 6.24
CA MET B 141 -0.49 36.13 5.87
C MET B 141 0.12 36.48 4.52
N GLU B 142 1.35 36.03 4.29
CA GLU B 142 2.04 36.28 3.04
C GLU B 142 1.31 35.65 1.86
N LYS B 143 0.93 34.38 2.00
CA LYS B 143 0.13 33.70 0.98
C LYS B 143 -1.13 34.49 0.61
N PHE B 144 -1.67 35.24 1.56
CA PHE B 144 -2.88 36.01 1.32
C PHE B 144 -2.61 37.42 0.77
N GLY B 145 -1.34 37.75 0.57
CA GLY B 145 -0.99 39.02 -0.05
C GLY B 145 -0.38 40.06 0.86
N VAL B 146 0.09 39.64 2.03
CA VAL B 146 0.79 40.54 2.93
C VAL B 146 2.29 40.29 2.86
N ARG B 147 2.98 41.04 2.00
CA ARG B 147 4.40 40.79 1.74
C ARG B 147 5.30 41.05 2.94
N GLU B 148 5.15 42.23 3.55
CA GLU B 148 6.02 42.64 4.62
C GLU B 148 5.33 42.68 5.98
N CYS B 149 5.67 41.72 6.83
CA CYS B 149 5.21 41.72 8.21
C CYS B 149 6.27 41.08 9.10
N ALA B 150 6.57 41.73 10.22
CA ALA B 150 7.62 41.23 11.09
C ALA B 150 7.21 41.21 12.56
N LEU B 151 7.80 40.30 13.31
CA LEU B 151 7.66 40.28 14.76
C LEU B 151 9.05 40.19 15.40
N HIS B 152 9.61 41.34 15.75
CA HIS B 152 10.96 41.40 16.29
C HIS B 152 11.01 41.02 17.77
N THR B 153 11.85 40.04 18.10
CA THR B 153 12.01 39.63 19.49
C THR B 153 13.18 40.39 20.10
N LEU B 154 12.90 41.54 20.71
CA LEU B 154 13.95 42.37 21.28
C LEU B 154 14.47 41.75 22.58
N LYS B 155 13.55 41.34 23.43
CA LYS B 155 13.91 40.74 24.71
C LYS B 155 12.90 39.65 25.07
N ARG B 156 13.36 38.41 25.17
CA ARG B 156 12.51 37.33 25.64
C ARG B 156 12.25 37.48 27.13
N GLY B 157 11.07 37.06 27.56
CA GLY B 157 10.71 37.11 28.97
C GLY B 157 9.89 35.93 29.42
N SER B 158 10.57 34.85 29.79
CA SER B 158 9.91 33.65 30.30
C SER B 158 9.11 33.94 31.56
N PRO B 159 8.05 33.15 31.82
CA PRO B 159 7.27 33.26 33.05
C PRO B 159 8.09 32.86 34.28
N PRO B 160 7.73 33.41 35.45
CA PRO B 160 6.62 34.36 35.62
C PRO B 160 7.07 35.82 35.59
N LEU B 161 8.31 36.08 35.97
CA LEU B 161 8.81 37.44 36.05
C LEU B 161 8.60 38.19 34.75
N GLY B 162 8.90 37.53 33.64
CA GLY B 162 8.71 38.13 32.32
C GLY B 162 9.70 39.24 32.04
N GLY B 163 9.20 40.44 31.83
CA GLY B 163 10.04 41.57 31.49
C GLY B 163 10.53 41.48 30.05
N GLY B 164 9.71 40.90 29.18
CA GLY B 164 10.07 40.74 27.79
C GLY B 164 9.55 41.87 26.93
N GLU B 165 10.01 41.91 25.68
CA GLU B 165 9.64 42.99 24.77
C GLU B 165 9.62 42.46 23.34
N VAL B 166 8.59 42.83 22.60
CA VAL B 166 8.38 42.33 21.24
C VAL B 166 7.79 43.41 20.36
N HIS B 167 8.31 43.57 19.15
CA HIS B 167 7.86 44.64 18.29
C HIS B 167 7.19 44.15 17.01
N LEU B 168 5.89 44.40 16.90
CA LEU B 168 5.13 44.03 15.71
C LEU B 168 5.07 45.21 14.74
N VAL B 169 5.55 44.98 13.53
CA VAL B 169 5.51 45.97 12.47
C VAL B 169 4.99 45.29 11.21
N VAL B 170 3.97 45.88 10.60
CA VAL B 170 3.38 45.33 9.39
C VAL B 170 3.37 46.40 8.32
N ASP B 171 4.37 46.36 7.44
CA ASP B 171 4.53 47.40 6.42
C ASP B 171 3.50 47.31 5.32
N SER B 172 3.04 46.10 5.05
CA SER B 172 2.15 45.88 3.92
C SER B 172 0.71 46.28 4.24
N LEU B 173 0.22 47.30 3.55
CA LEU B 173 -1.17 47.71 3.68
C LEU B 173 -1.95 47.36 2.41
N ILE B 174 -2.92 46.46 2.54
CA ILE B 174 -3.70 46.02 1.39
C ILE B 174 -5.19 46.31 1.58
N ALA B 175 -5.89 46.52 0.48
CA ALA B 175 -7.34 46.72 0.52
C ALA B 175 -8.04 45.55 1.18
N GLN B 176 -7.75 44.35 0.69
CA GLN B 176 -8.25 43.12 1.30
C GLN B 176 -7.40 41.94 0.82
N PRO B 177 -7.38 40.85 1.59
CA PRO B 177 -6.55 39.70 1.21
C PRO B 177 -6.97 39.15 -0.16
N ILE B 178 -6.02 38.61 -0.92
CA ILE B 178 -6.34 37.99 -2.20
C ILE B 178 -7.34 36.85 -1.99
N THR B 179 -8.04 36.48 -3.07
CA THR B 179 -8.95 35.35 -3.01
C THR B 179 -8.16 34.05 -3.06
N MET B 180 -8.45 33.14 -2.13
CA MET B 180 -7.68 31.92 -2.00
C MET B 180 -8.33 30.70 -2.68
N HIS B 181 -7.56 30.03 -3.53
CA HIS B 181 -8.02 28.78 -4.14
C HIS B 181 -7.00 27.68 -3.88
N ALA B 182 -7.24 26.91 -2.83
CA ALA B 182 -6.35 25.82 -2.45
C ALA B 182 -7.14 24.54 -2.24
N LEU B 183 -6.96 23.58 -3.16
CA LEU B 183 -7.77 22.37 -3.19
C LEU B 183 -7.01 21.14 -2.73
N ASP B 184 -5.68 21.21 -2.77
CA ASP B 184 -4.84 20.06 -2.47
C ASP B 184 -4.43 20.02 -1.01
N LYS B 185 -4.13 18.83 -0.50
CA LYS B 185 -3.52 18.73 0.81
C LYS B 185 -2.10 19.26 0.71
N THR B 186 -1.70 20.05 1.70
CA THR B 186 -0.35 20.59 1.71
C THR B 186 0.68 19.49 1.98
N MET B 187 1.65 19.37 1.08
CA MET B 187 2.74 18.44 1.26
C MET B 187 3.97 19.17 1.80
N ILE B 188 4.48 18.73 2.95
CA ILE B 188 5.68 19.35 3.51
C ILE B 188 6.94 18.66 3.01
N SER B 189 8.00 19.44 2.76
CA SER B 189 9.23 18.90 2.20
C SER B 189 10.43 19.17 3.07
N SER B 190 10.21 19.78 4.23
CA SER B 190 11.30 20.09 5.16
C SER B 190 10.78 20.52 6.53
N ILE B 191 11.55 20.24 7.57
CA ILE B 191 11.14 20.59 8.93
C ILE B 191 12.16 21.50 9.61
N ARG B 192 11.79 22.75 9.82
CA ARG B 192 12.64 23.70 10.53
C ARG B 192 12.11 23.90 11.94
N GLY B 193 12.70 24.84 12.68
CA GLY B 193 12.25 25.12 14.02
C GLY B 193 13.14 26.08 14.80
N VAL B 194 12.66 26.46 15.98
CA VAL B 194 13.42 27.29 16.89
C VAL B 194 13.37 26.68 18.29
N SER B 195 14.53 26.23 18.75
CA SER B 195 14.67 25.71 20.11
C SER B 195 15.37 26.77 20.94
N TYR B 196 14.61 27.50 21.75
CA TYR B 196 15.14 28.64 22.48
C TYR B 196 15.22 28.39 23.98
N SER B 197 16.03 29.19 24.67
CA SER B 197 16.08 29.16 26.12
C SER B 197 16.59 30.48 26.67
N THR B 198 16.26 30.76 27.92
CA THR B 198 16.71 31.98 28.56
C THR B 198 17.30 31.67 29.94
N ARG B 199 18.50 32.21 30.18
CA ARG B 199 19.15 32.11 31.49
C ARG B 199 19.75 30.74 31.79
N VAL B 200 19.09 29.68 31.34
CA VAL B 200 19.55 28.32 31.60
C VAL B 200 20.71 27.94 30.69
N SER B 201 21.36 26.83 31.04
CA SER B 201 22.48 26.31 30.26
C SER B 201 22.10 26.08 28.81
N PRO B 202 23.06 26.28 27.89
CA PRO B 202 22.84 26.04 26.46
C PRO B 202 22.67 24.55 26.17
N SER B 203 22.52 23.77 27.24
CA SER B 203 22.33 22.33 27.12
C SER B 203 20.89 21.97 26.79
N LEU B 204 19.96 22.61 27.49
CA LEU B 204 18.53 22.33 27.30
C LEU B 204 18.12 22.45 25.84
N VAL B 205 18.52 23.54 25.18
CA VAL B 205 18.16 23.76 23.78
C VAL B 205 18.58 22.57 22.91
N ASN B 206 19.80 22.10 23.09
CA ASN B 206 20.30 20.98 22.30
C ASN B 206 19.64 19.64 22.64
N ARG B 207 19.17 19.51 23.87
CA ARG B 207 18.52 18.27 24.30
C ARG B 207 17.10 18.17 23.76
N MET B 208 16.41 19.30 23.67
CA MET B 208 15.11 19.35 23.00
C MET B 208 15.25 18.96 21.53
N ILE B 209 16.29 19.49 20.88
CA ILE B 209 16.54 19.17 19.49
C ILE B 209 16.81 17.69 19.32
N ASP B 210 17.61 17.12 20.21
CA ASP B 210 17.91 15.69 20.17
C ASP B 210 16.62 14.87 20.28
N GLY B 211 15.80 15.23 21.26
CA GLY B 211 14.54 14.52 21.48
C GLY B 211 13.60 14.60 20.30
N ALA B 212 13.53 15.78 19.68
CA ALA B 212 12.66 15.98 18.52
C ALA B 212 13.17 15.17 17.33
N LYS B 213 14.45 15.32 17.03
CA LYS B 213 15.08 14.60 15.93
C LYS B 213 14.91 13.10 16.10
N LYS B 214 14.85 12.65 17.35
CA LYS B 214 14.64 11.24 17.65
C LYS B 214 13.30 10.76 17.11
N VAL B 215 12.28 11.59 17.22
CA VAL B 215 10.96 11.28 16.69
C VAL B 215 10.89 11.53 15.18
N LEU B 216 11.47 12.64 14.73
CA LEU B 216 11.51 12.96 13.30
C LEU B 216 12.49 12.07 12.55
N LYS B 217 13.23 11.25 13.28
CA LYS B 217 14.14 10.29 12.67
C LYS B 217 13.40 9.53 11.56
N SER B 218 14.12 9.15 10.52
CA SER B 218 13.55 8.40 9.39
C SER B 218 12.76 9.30 8.44
N ALA B 219 12.92 10.61 8.58
CA ALA B 219 12.35 11.56 7.64
C ALA B 219 13.16 11.53 6.35
N SER B 220 12.47 11.64 5.21
CA SER B 220 13.12 11.60 3.91
C SER B 220 13.44 13.02 3.42
N CYS B 221 12.98 14.00 4.19
CA CYS B 221 13.27 15.40 3.88
C CYS B 221 14.23 15.93 4.93
N GLU B 222 14.75 17.12 4.70
CA GLU B 222 15.71 17.72 5.62
C GLU B 222 15.05 18.12 6.93
N VAL B 223 15.76 17.91 8.04
CA VAL B 223 15.30 18.35 9.34
C VAL B 223 16.37 19.20 10.03
N ASN B 224 16.14 20.51 10.07
CA ASN B 224 17.11 21.44 10.61
C ASN B 224 16.47 22.36 11.64
N ILE B 225 16.80 22.14 12.91
CA ILE B 225 16.25 22.94 13.99
C ILE B 225 17.24 23.98 14.48
N THR B 226 16.83 25.24 14.45
CA THR B 226 17.69 26.34 14.86
C THR B 226 17.79 26.44 16.37
N ALA B 227 19.01 26.66 16.86
CA ALA B 227 19.24 26.90 18.28
C ALA B 227 19.20 28.39 18.55
N ASP B 228 18.48 28.79 19.59
CA ASP B 228 18.38 30.20 19.96
C ASP B 228 18.55 30.39 21.47
N VAL B 229 19.80 30.36 21.92
CA VAL B 229 20.11 30.48 23.35
C VAL B 229 20.30 31.94 23.76
N TRP B 230 19.49 32.39 24.71
CA TRP B 230 19.61 33.74 25.26
C TRP B 230 20.40 33.68 26.56
N ARG B 231 21.55 34.33 26.59
CA ARG B 231 22.39 34.29 27.77
C ARG B 231 22.41 35.63 28.50
N GLY B 232 22.93 35.62 29.72
CA GLY B 232 23.15 36.84 30.49
C GLY B 232 21.95 37.77 30.58
N GLU B 233 22.23 39.05 30.80
CA GLU B 233 21.20 40.06 31.02
C GLU B 233 20.46 40.43 29.73
N ASN B 234 20.74 39.69 28.65
CA ASN B 234 20.10 39.95 27.36
C ASN B 234 18.62 39.61 27.36
N SER B 235 18.27 38.55 28.10
CA SER B 235 16.88 38.12 28.21
C SER B 235 16.19 38.76 29.41
N GLY B 236 15.14 38.11 29.89
CA GLY B 236 14.42 38.59 31.04
C GLY B 236 14.89 37.91 32.31
N LYS B 237 14.26 38.25 33.44
CA LYS B 237 14.65 37.70 34.73
C LYS B 237 14.48 36.17 34.81
N SER B 238 13.24 35.71 34.69
CA SER B 238 12.94 34.29 34.82
C SER B 238 13.61 33.44 33.75
N PRO B 239 13.99 32.21 34.12
CA PRO B 239 14.52 31.22 33.17
C PRO B 239 13.39 30.43 32.50
N GLY B 240 13.57 30.10 31.23
CA GLY B 240 12.58 29.37 30.48
C GLY B 240 13.16 28.75 29.23
N TRP B 241 12.34 28.01 28.48
CA TRP B 241 12.79 27.38 27.26
C TRP B 241 11.65 26.65 26.57
N GLY B 242 11.70 26.58 25.24
CA GLY B 242 10.65 25.96 24.48
C GLY B 242 11.11 25.42 23.14
N LEU B 243 10.17 24.94 22.33
CA LEU B 243 10.48 24.44 21.00
C LEU B 243 9.32 24.67 20.04
N THR B 244 9.62 25.24 18.90
CA THR B 244 8.62 25.48 17.86
C THR B 244 9.06 24.80 16.58
N LEU B 245 8.35 23.75 16.18
CA LEU B 245 8.66 23.05 14.94
C LEU B 245 7.71 23.48 13.84
N VAL B 246 8.29 23.87 12.71
CA VAL B 246 7.50 24.37 11.59
C VAL B 246 7.84 23.59 10.33
N ALA B 247 6.89 22.79 9.86
CA ALA B 247 7.07 22.04 8.62
C ALA B 247 6.70 22.95 7.46
N GLU B 248 7.43 22.84 6.35
CA GLU B 248 7.22 23.75 5.24
C GLU B 248 7.34 23.09 3.87
N ASN B 249 6.85 23.79 2.85
CA ASN B 249 7.10 23.43 1.46
C ASN B 249 7.44 24.69 0.68
N LYS B 250 7.95 24.53 -0.54
CA LYS B 250 8.48 25.68 -1.27
C LYS B 250 7.41 26.61 -1.84
N GLN B 251 6.14 26.28 -1.60
CA GLN B 251 5.05 27.11 -2.08
C GLN B 251 4.64 28.17 -1.06
N GLY B 252 5.16 28.05 0.16
CA GLY B 252 4.91 29.05 1.18
C GLY B 252 4.08 28.60 2.37
N TRP B 253 3.49 27.42 2.30
CA TRP B 253 2.65 26.92 3.39
C TRP B 253 3.48 26.39 4.57
N ARG B 254 2.86 26.39 5.75
CA ARG B 254 3.52 25.96 6.98
C ARG B 254 2.58 25.15 7.89
N ILE B 255 3.16 24.23 8.65
CA ILE B 255 2.41 23.49 9.67
C ILE B 255 3.27 23.45 10.94
N PHE B 256 2.72 23.90 12.07
CA PHE B 256 3.55 24.04 13.27
C PHE B 256 3.02 23.45 14.57
N SER B 257 3.97 23.12 15.45
CA SER B 257 3.69 22.75 16.84
C SER B 257 4.59 23.55 17.76
N GLU B 258 4.16 23.73 19.01
CA GLU B 258 4.94 24.48 19.97
C GLU B 258 4.64 24.04 21.40
N ALA B 259 5.61 24.25 22.27
CA ALA B 259 5.45 23.95 23.69
C ALA B 259 6.60 24.60 24.45
N ILE B 260 6.38 24.85 25.74
CA ILE B 260 7.44 25.37 26.59
C ILE B 260 7.67 24.41 27.74
N GLY B 261 8.90 24.34 28.21
CA GLY B 261 9.24 23.50 29.35
C GLY B 261 9.21 24.31 30.63
N ASP B 262 8.69 23.70 31.68
CA ASP B 262 8.72 24.32 33.01
C ASP B 262 9.90 23.77 33.76
N ALA B 263 10.14 24.32 34.96
CA ALA B 263 11.21 23.82 35.80
C ALA B 263 10.91 22.37 36.16
N GLY B 264 11.84 21.48 35.86
CA GLY B 264 11.65 20.06 36.16
C GLY B 264 11.48 19.21 34.91
N ASP B 265 10.63 19.67 34.00
CA ASP B 265 10.41 18.96 32.74
C ASP B 265 11.73 18.58 32.09
N VAL B 266 11.75 17.47 31.37
CA VAL B 266 12.96 17.00 30.71
C VAL B 266 12.96 17.32 29.22
N PRO B 267 14.02 18.00 28.75
CA PRO B 267 14.17 18.51 27.37
C PRO B 267 13.87 17.47 26.29
N GLU B 268 14.54 16.32 26.34
CA GLU B 268 14.32 15.28 25.34
C GLU B 268 12.84 14.94 25.19
N ASP B 269 12.13 14.91 26.32
CA ASP B 269 10.71 14.58 26.33
C ASP B 269 9.88 15.71 25.74
N ILE B 270 10.21 16.95 26.11
CA ILE B 270 9.50 18.12 25.57
C ILE B 270 9.68 18.21 24.05
N GLY B 271 10.91 18.02 23.60
CA GLY B 271 11.18 17.98 22.17
C GLY B 271 10.33 16.93 21.49
N ALA B 272 10.44 15.69 21.94
CA ALA B 272 9.68 14.57 21.39
C ALA B 272 8.18 14.85 21.37
N SER B 273 7.68 15.52 22.40
CA SER B 273 6.27 15.88 22.46
C SER B 273 5.90 16.76 21.29
N VAL B 274 6.72 17.77 21.03
CA VAL B 274 6.45 18.76 20.00
C VAL B 274 6.56 18.13 18.62
N ALA B 275 7.45 17.15 18.50
CA ALA B 275 7.60 16.41 17.25
C ALA B 275 6.36 15.58 16.99
N TYR B 276 5.88 14.89 18.03
CA TYR B 276 4.68 14.07 17.93
C TYR B 276 3.47 14.93 17.54
N HIS B 277 3.33 16.09 18.17
CA HIS B 277 2.22 16.98 17.89
C HIS B 277 2.30 17.55 16.49
N LEU B 278 3.52 17.64 15.96
CA LEU B 278 3.71 18.13 14.60
C LEU B 278 3.26 17.07 13.61
N LEU B 279 3.66 15.82 13.85
CA LEU B 279 3.25 14.73 12.97
C LEU B 279 1.74 14.61 12.95
N GLU B 280 1.11 14.77 14.12
CA GLU B 280 -0.34 14.72 14.22
C GLU B 280 -0.99 15.87 13.43
N GLU B 281 -0.52 17.09 13.69
CA GLU B 281 -1.07 18.26 13.01
C GLU B 281 -0.94 18.14 11.50
N ILE B 282 0.17 17.57 11.04
CA ILE B 282 0.41 17.34 9.61
C ILE B 282 -0.57 16.31 9.08
N SER B 283 -0.70 15.22 9.82
CA SER B 283 -1.62 14.16 9.47
C SER B 283 -3.04 14.68 9.32
N LYS B 284 -3.45 15.58 10.21
CA LYS B 284 -4.82 16.07 10.26
C LYS B 284 -5.04 17.32 9.42
N SER B 285 -4.00 17.78 8.74
CA SER B 285 -4.06 19.06 8.04
C SER B 285 -4.60 18.94 6.63
N GLY B 286 -5.24 20.01 6.15
CA GLY B 286 -5.63 20.12 4.76
C GLY B 286 -4.61 20.99 4.08
N VAL B 287 -5.02 22.21 3.73
CA VAL B 287 -4.06 23.20 3.24
C VAL B 287 -3.28 23.76 4.43
N VAL B 288 -3.98 24.00 5.53
CA VAL B 288 -3.36 24.46 6.75
C VAL B 288 -3.69 23.52 7.90
N GLY B 289 -3.18 23.85 9.09
CA GLY B 289 -3.47 23.09 10.29
C GLY B 289 -4.53 23.80 11.09
N ARG B 290 -4.90 23.22 12.23
CA ARG B 290 -5.93 23.81 13.09
C ARG B 290 -5.46 25.14 13.67
N ASN B 291 -4.17 25.21 13.97
CA ASN B 291 -3.49 26.42 14.43
C ASN B 291 -3.84 27.65 13.61
N GLN B 292 -4.12 27.43 12.33
CA GLN B 292 -4.20 28.52 11.36
C GLN B 292 -5.59 28.73 10.79
N LEU B 293 -6.54 27.90 11.17
CA LEU B 293 -7.89 28.00 10.62
C LEU B 293 -8.57 29.34 10.88
N PRO B 294 -8.61 29.79 12.14
CA PRO B 294 -9.22 31.10 12.39
C PRO B 294 -8.62 32.21 11.52
N LEU B 295 -7.30 32.20 11.32
CA LEU B 295 -6.67 33.24 10.51
C LEU B 295 -7.03 33.05 9.04
N THR B 296 -6.93 31.82 8.57
CA THR B 296 -7.22 31.50 7.17
C THR B 296 -8.67 31.78 6.80
N ILE B 297 -9.60 31.16 7.53
CA ILE B 297 -11.03 31.34 7.26
C ILE B 297 -11.45 32.81 7.30
N LEU B 298 -11.04 33.53 8.34
CA LEU B 298 -11.40 34.93 8.45
C LEU B 298 -10.86 35.74 7.28
N TYR B 299 -9.65 35.41 6.83
CA TYR B 299 -9.04 36.11 5.69
C TYR B 299 -9.82 35.86 4.41
N MET B 300 -10.39 34.67 4.28
CA MET B 300 -11.20 34.33 3.11
C MET B 300 -12.53 35.06 3.17
N ILE B 301 -13.03 35.24 4.38
CA ILE B 301 -14.30 35.93 4.58
C ILE B 301 -14.23 37.42 4.21
N ILE B 302 -13.11 38.06 4.51
CA ILE B 302 -12.97 39.49 4.26
C ILE B 302 -12.30 39.81 2.93
N GLY B 303 -12.23 38.83 2.04
CA GLY B 303 -11.74 39.05 0.68
C GLY B 303 -12.80 39.72 -0.18
N LYS B 304 -12.54 39.81 -1.47
CA LYS B 304 -13.51 40.36 -2.42
C LYS B 304 -14.78 39.49 -2.44
N GLU B 305 -15.78 39.94 -3.20
CA GLU B 305 -17.06 39.23 -3.26
C GLU B 305 -17.03 38.05 -4.23
N ASP B 306 -15.88 37.40 -4.32
CA ASP B 306 -15.72 36.22 -5.16
C ASP B 306 -15.77 34.95 -4.32
N ILE B 307 -15.64 33.80 -4.97
CA ILE B 307 -15.65 32.53 -4.29
C ILE B 307 -14.23 32.02 -4.00
N GLY B 308 -13.95 31.80 -2.72
CA GLY B 308 -12.68 31.22 -2.32
C GLY B 308 -12.85 29.77 -1.89
N ARG B 309 -11.81 28.98 -2.12
CA ARG B 309 -11.87 27.55 -1.79
C ARG B 309 -10.68 27.09 -0.98
N LEU B 310 -10.94 26.50 0.18
CA LEU B 310 -9.89 26.01 1.05
C LEU B 310 -10.20 24.56 1.42
N ARG B 311 -9.18 23.71 1.36
CA ARG B 311 -9.35 22.30 1.69
C ARG B 311 -9.06 22.03 3.16
N ILE B 312 -10.02 21.41 3.83
CA ILE B 312 -9.84 21.01 5.22
C ILE B 312 -10.07 19.51 5.33
N THR B 313 -9.79 18.96 6.50
CA THR B 313 -10.08 17.55 6.75
C THR B 313 -11.24 17.42 7.72
N LYS B 314 -11.80 16.21 7.76
CA LYS B 314 -12.91 15.89 8.66
C LYS B 314 -12.52 16.07 10.12
N ASP B 315 -11.24 15.85 10.42
CA ASP B 315 -10.74 15.99 11.79
C ASP B 315 -10.68 17.46 12.22
N GLN B 316 -10.54 18.35 11.25
CA GLN B 316 -10.47 19.77 11.56
C GLN B 316 -11.84 20.39 11.84
N ILE B 317 -12.89 19.57 11.72
CA ILE B 317 -14.23 20.01 12.08
C ILE B 317 -14.47 19.63 13.53
N ASP B 318 -14.00 20.49 14.44
CA ASP B 318 -14.07 20.19 15.86
C ASP B 318 -14.89 21.23 16.63
N GLU B 319 -15.00 21.04 17.95
CA GLU B 319 -15.69 21.98 18.82
C GLU B 319 -15.38 23.43 18.44
N ARG B 320 -14.10 23.76 18.35
CA ARG B 320 -13.69 25.13 18.11
C ARG B 320 -14.00 25.60 16.68
N PHE B 321 -13.80 24.72 15.71
CA PHE B 321 -14.09 25.06 14.32
C PHE B 321 -15.57 25.40 14.13
N VAL B 322 -16.44 24.60 14.74
CA VAL B 322 -17.87 24.82 14.69
C VAL B 322 -18.22 26.20 15.26
N TRP B 323 -17.66 26.50 16.42
CA TRP B 323 -17.88 27.79 17.07
C TRP B 323 -17.41 28.96 16.22
N LEU B 324 -16.31 28.76 15.50
CA LEU B 324 -15.78 29.77 14.60
C LEU B 324 -16.84 30.17 13.57
N LEU B 325 -17.42 29.17 12.92
CA LEU B 325 -18.42 29.41 11.88
C LEU B 325 -19.66 30.12 12.42
N ARG B 326 -20.07 29.74 13.62
CA ARG B 326 -21.22 30.37 14.25
C ARG B 326 -21.04 31.89 14.33
N ASP B 327 -20.03 32.31 15.08
CA ASP B 327 -19.76 33.72 15.30
C ASP B 327 -19.56 34.46 13.99
N ILE B 328 -19.05 33.76 12.99
CA ILE B 328 -18.81 34.36 11.69
C ILE B 328 -20.13 34.67 10.99
N LYS B 329 -21.02 33.69 10.94
CA LYS B 329 -22.33 33.89 10.34
C LYS B 329 -23.09 34.99 11.05
N LYS B 330 -22.96 35.05 12.38
CA LYS B 330 -23.68 36.04 13.18
C LYS B 330 -23.24 37.47 12.85
N VAL B 331 -21.93 37.67 12.70
CA VAL B 331 -21.38 39.00 12.46
C VAL B 331 -21.39 39.37 10.98
N PHE B 332 -20.91 38.46 10.13
CA PHE B 332 -20.80 38.73 8.70
C PHE B 332 -22.01 38.22 7.92
N GLY B 333 -22.64 37.17 8.41
CA GLY B 333 -23.79 36.58 7.76
C GLY B 333 -23.42 35.43 6.84
N THR B 334 -22.13 35.36 6.49
CA THR B 334 -21.65 34.37 5.53
C THR B 334 -21.78 32.92 6.01
N GLU B 335 -22.34 32.10 5.15
CA GLU B 335 -22.41 30.66 5.36
C GLU B 335 -21.17 29.98 4.80
N ILE B 336 -20.54 29.14 5.61
CA ILE B 336 -19.43 28.33 5.11
C ILE B 336 -19.97 27.00 4.58
N LEU B 337 -19.76 26.76 3.29
CA LEU B 337 -20.27 25.56 2.64
C LEU B 337 -19.18 24.50 2.57
N LEU B 338 -19.54 23.25 2.88
CA LEU B 338 -18.58 22.16 2.87
C LEU B 338 -19.00 21.05 1.90
N LYS B 339 -18.11 20.68 0.99
CA LYS B 339 -18.40 19.64 0.01
C LYS B 339 -17.25 18.66 -0.09
N PRO B 340 -17.57 17.36 -0.15
CA PRO B 340 -16.56 16.30 -0.31
C PRO B 340 -15.65 16.59 -1.50
N VAL B 341 -14.35 16.34 -1.33
CA VAL B 341 -13.35 16.73 -2.31
C VAL B 341 -13.42 15.94 -3.63
N ASP B 342 -13.94 14.72 -3.57
CA ASP B 342 -14.11 13.86 -4.74
C ASP B 342 -12.91 12.96 -5.05
N ASP B 343 -11.90 12.98 -4.18
CA ASP B 343 -10.86 11.97 -4.25
C ASP B 343 -11.18 10.92 -3.20
N ASN B 344 -10.36 9.87 -3.12
CA ASN B 344 -10.67 8.74 -2.27
C ASN B 344 -10.54 9.01 -0.77
N THR B 345 -10.58 10.28 -0.38
CA THR B 345 -10.46 10.65 1.04
C THR B 345 -11.77 11.18 1.61
N THR B 346 -11.79 11.40 2.92
CA THR B 346 -12.96 11.99 3.56
C THR B 346 -12.79 13.51 3.73
N ASP B 347 -11.74 14.06 3.15
CA ASP B 347 -11.49 15.51 3.22
C ASP B 347 -12.62 16.29 2.57
N LEU B 348 -12.68 17.59 2.89
CA LEU B 348 -13.74 18.46 2.39
C LEU B 348 -13.19 19.77 1.87
N ILE B 349 -13.92 20.41 0.96
CA ILE B 349 -13.56 21.72 0.44
C ILE B 349 -14.49 22.79 0.99
N ALA B 350 -13.95 23.70 1.79
CA ALA B 350 -14.74 24.80 2.33
C ALA B 350 -14.84 25.92 1.31
N THR B 351 -16.07 26.26 0.92
CA THR B 351 -16.28 27.35 -0.03
C THR B 351 -16.77 28.58 0.70
N ILE B 352 -16.09 29.70 0.48
CA ILE B 352 -16.38 30.92 1.21
C ILE B 352 -16.42 32.11 0.28
N LYS B 353 -17.52 32.87 0.34
CA LYS B 353 -17.64 34.06 -0.47
C LYS B 353 -17.31 35.30 0.37
N GLY B 354 -16.40 36.12 -0.14
CA GLY B 354 -15.98 37.32 0.56
C GLY B 354 -17.06 38.38 0.63
N ILE B 355 -17.07 39.13 1.73
CA ILE B 355 -18.10 40.16 1.94
C ILE B 355 -17.80 41.44 1.16
N GLY B 356 -16.57 41.54 0.66
CA GLY B 356 -16.15 42.75 -0.04
C GLY B 356 -15.69 43.81 0.95
N PHE B 357 -14.68 43.46 1.74
CA PHE B 357 -14.21 44.30 2.84
C PHE B 357 -13.49 45.57 2.41
N THR B 358 -13.89 46.69 3.01
CA THR B 358 -13.19 47.96 2.86
C THR B 358 -13.16 48.69 4.20
N ASN B 359 -12.13 49.50 4.41
CA ASN B 359 -11.98 50.25 5.67
C ASN B 359 -12.43 51.71 5.54
N ARG C 7 1.11 22.92 -13.28
CA ARG C 7 2.43 23.33 -13.73
C ARG C 7 3.45 22.20 -13.49
N TYR C 8 2.94 20.99 -13.27
CA TYR C 8 3.78 19.82 -13.10
C TYR C 8 3.40 18.76 -14.12
N VAL C 9 4.40 18.18 -14.79
CA VAL C 9 4.17 16.95 -15.53
C VAL C 9 4.28 15.82 -14.51
N THR C 10 3.25 14.97 -14.42
CA THR C 10 3.15 14.01 -13.34
C THR C 10 3.52 12.57 -13.73
N PHE C 11 4.29 11.92 -12.86
CA PHE C 11 4.68 10.53 -13.05
C PHE C 11 4.46 9.75 -11.77
N GLU C 12 4.35 8.43 -11.89
CA GLU C 12 4.19 7.56 -10.74
C GLU C 12 5.29 6.51 -10.73
N GLY C 13 5.72 6.11 -9.53
CA GLY C 13 6.65 5.00 -9.37
C GLY C 13 8.09 5.35 -9.69
N SER C 14 9.00 4.41 -9.42
CA SER C 14 10.42 4.65 -9.64
C SER C 14 10.83 4.32 -11.06
N ARG C 15 9.90 3.75 -11.83
CA ARG C 15 10.18 3.39 -13.22
C ARG C 15 10.76 4.57 -14.00
N ASN C 16 11.91 4.35 -14.61
CA ASN C 16 12.55 5.36 -15.45
C ASN C 16 12.91 6.64 -14.70
N PHE C 17 13.20 6.50 -13.40
CA PHE C 17 13.46 7.67 -12.55
C PHE C 17 14.45 8.65 -13.18
N ARG C 18 15.68 8.19 -13.40
CA ARG C 18 16.72 9.04 -13.99
C ARG C 18 16.24 9.65 -15.30
N LEU C 19 15.85 8.79 -16.24
CA LEU C 19 15.44 9.23 -17.58
C LEU C 19 14.41 10.37 -17.51
N ARG C 20 13.54 10.33 -16.51
CA ARG C 20 12.50 11.33 -16.37
C ARG C 20 13.04 12.65 -15.86
N VAL C 21 13.94 12.57 -14.88
CA VAL C 21 14.61 13.76 -14.38
C VAL C 21 15.44 14.42 -15.47
N VAL C 22 16.08 13.59 -16.30
CA VAL C 22 16.88 14.10 -17.41
C VAL C 22 16.01 14.79 -18.46
N MET C 23 14.92 14.15 -18.85
CA MET C 23 14.02 14.70 -19.85
C MET C 23 13.41 16.00 -19.35
N ALA C 24 13.15 16.05 -18.04
CA ALA C 24 12.66 17.28 -17.41
C ALA C 24 13.71 18.38 -17.57
N THR C 25 14.97 18.04 -17.37
CA THR C 25 16.05 19.00 -17.55
C THR C 25 16.18 19.46 -19.00
N LEU C 26 16.21 18.51 -19.93
CA LEU C 26 16.34 18.83 -21.35
C LEU C 26 15.18 19.70 -21.85
N SER C 27 13.99 19.46 -21.34
CA SER C 27 12.82 20.19 -21.77
C SER C 27 12.63 21.47 -20.96
N GLY C 28 13.21 21.49 -19.77
CA GLY C 28 13.06 22.62 -18.85
C GLY C 28 11.73 22.62 -18.15
N LYS C 29 11.01 21.50 -18.20
CA LYS C 29 9.71 21.40 -17.56
C LYS C 29 9.81 20.77 -16.17
N ALA C 30 9.13 21.38 -15.21
CA ALA C 30 9.05 20.85 -13.86
C ALA C 30 8.27 19.54 -13.85
N ILE C 31 8.72 18.58 -13.06
CA ILE C 31 8.02 17.30 -12.94
C ILE C 31 7.74 16.92 -11.50
N LYS C 32 6.67 16.15 -11.32
CA LYS C 32 6.33 15.60 -10.02
C LYS C 32 6.20 14.09 -10.14
N ILE C 33 7.02 13.37 -9.38
CA ILE C 33 6.97 11.91 -9.38
C ILE C 33 6.48 11.41 -8.02
N GLU C 34 5.31 10.77 -8.02
CA GLU C 34 4.70 10.34 -6.77
C GLU C 34 4.52 8.83 -6.73
N LYS C 35 3.93 8.34 -5.64
CA LYS C 35 3.69 6.91 -5.49
C LYS C 35 4.97 6.11 -5.68
N ILE C 36 6.07 6.62 -5.14
CA ILE C 36 7.38 5.97 -5.29
C ILE C 36 7.57 4.86 -4.25
N ARG C 37 7.34 3.63 -4.66
CA ARG C 37 7.45 2.48 -3.76
C ARG C 37 6.63 2.65 -2.49
N SER C 38 5.39 3.12 -2.65
CA SER C 38 4.52 3.39 -1.50
C SER C 38 4.24 2.14 -0.67
N ASP C 39 4.23 0.99 -1.33
CA ASP C 39 3.84 -0.26 -0.68
C ASP C 39 5.04 -1.03 -0.11
N ASP C 40 6.24 -0.61 -0.50
CA ASP C 40 7.46 -1.27 -0.03
C ASP C 40 7.62 -1.17 1.48
N LEU C 41 8.30 -2.17 2.04
CA LEU C 41 8.65 -2.17 3.46
C LEU C 41 9.39 -0.90 3.82
N ASN C 42 10.28 -0.49 2.92
CA ASN C 42 10.96 0.80 3.04
C ASN C 42 10.53 1.72 1.90
N PRO C 43 9.44 2.47 2.11
CA PRO C 43 8.83 3.29 1.06
C PRO C 43 9.68 4.48 0.65
N GLY C 44 9.43 4.99 -0.55
CA GLY C 44 10.07 6.19 -1.03
C GLY C 44 11.39 5.98 -1.75
N LEU C 45 12.08 7.10 -2.00
CA LEU C 45 13.36 7.11 -2.70
C LEU C 45 14.40 6.22 -2.07
N LYS C 46 15.13 5.50 -2.90
CA LYS C 46 16.30 4.75 -2.45
C LYS C 46 17.48 5.73 -2.31
N ASP C 47 18.49 5.34 -1.54
CA ASP C 47 19.62 6.21 -1.30
C ASP C 47 20.36 6.59 -2.59
N TYR C 48 20.45 5.66 -3.52
CA TYR C 48 21.13 5.92 -4.78
C TYR C 48 20.37 6.90 -5.67
N GLU C 49 19.06 6.96 -5.50
CA GLU C 49 18.27 7.90 -6.27
C GLU C 49 18.41 9.30 -5.72
N VAL C 50 18.53 9.41 -4.40
CA VAL C 50 18.86 10.69 -3.78
C VAL C 50 20.23 11.15 -4.27
N SER C 51 21.20 10.23 -4.25
CA SER C 51 22.54 10.54 -4.71
C SER C 51 22.51 11.04 -6.15
N PHE C 52 21.61 10.50 -6.95
CA PHE C 52 21.49 10.90 -8.34
C PHE C 52 20.96 12.34 -8.46
N LEU C 53 20.08 12.71 -7.55
CA LEU C 53 19.55 14.06 -7.52
C LEU C 53 20.63 15.07 -7.13
N ARG C 54 21.51 14.66 -6.23
CA ARG C 54 22.63 15.49 -5.81
C ARG C 54 23.55 15.80 -6.99
N LEU C 55 23.82 14.78 -7.79
CA LEU C 55 24.62 14.94 -8.99
C LEU C 55 23.95 15.89 -9.99
N MET C 56 22.64 15.76 -10.12
CA MET C 56 21.86 16.62 -11.01
C MET C 56 22.03 18.09 -10.65
N GLU C 57 22.10 18.39 -9.36
CA GLU C 57 22.30 19.77 -8.91
C GLU C 57 23.72 20.24 -9.21
N ALA C 58 24.68 19.34 -9.07
CA ALA C 58 26.09 19.68 -9.25
C ALA C 58 26.40 20.08 -10.69
N VAL C 59 25.65 19.52 -11.64
CA VAL C 59 25.93 19.75 -13.05
C VAL C 59 24.92 20.68 -13.71
N THR C 60 23.95 21.15 -12.93
CA THR C 60 23.03 22.16 -13.42
C THR C 60 23.05 23.36 -12.49
N ASN C 61 22.46 24.46 -12.93
CA ASN C 61 22.36 25.66 -12.11
C ASN C 61 20.94 26.19 -12.06
N GLY C 62 20.37 26.26 -10.86
CA GLY C 62 19.06 26.86 -10.67
C GLY C 62 17.95 25.87 -10.37
N SER C 63 18.27 24.58 -10.37
CA SER C 63 17.26 23.57 -10.11
C SER C 63 16.92 23.53 -8.62
N SER C 64 15.78 22.92 -8.29
CA SER C 64 15.37 22.74 -6.90
C SER C 64 14.59 21.44 -6.74
N ILE C 65 14.82 20.74 -5.63
CA ILE C 65 14.12 19.48 -5.38
C ILE C 65 13.31 19.52 -4.08
N GLU C 66 12.12 18.91 -4.13
CA GLU C 66 11.33 18.72 -2.91
C GLU C 66 11.11 17.24 -2.68
N ILE C 67 11.49 16.77 -1.49
CA ILE C 67 11.25 15.37 -1.14
C ILE C 67 10.29 15.28 0.04
N SER C 68 9.12 14.69 -0.20
CA SER C 68 8.10 14.54 0.84
C SER C 68 8.66 13.82 2.07
N TYR C 69 8.01 14.03 3.21
CA TYR C 69 8.46 13.45 4.47
C TYR C 69 8.79 11.96 4.36
N THR C 70 7.91 11.22 3.70
CA THR C 70 8.00 9.77 3.63
C THR C 70 8.85 9.31 2.44
N GLY C 71 9.13 10.24 1.54
CA GLY C 71 10.00 9.96 0.41
C GLY C 71 9.29 9.42 -0.81
N THR C 72 7.97 9.29 -0.73
CA THR C 72 7.19 8.74 -1.82
C THR C 72 6.95 9.72 -2.95
N THR C 73 7.23 11.00 -2.71
CA THR C 73 7.05 12.01 -3.75
C THR C 73 8.28 12.91 -3.91
N VAL C 74 8.67 13.14 -5.16
CA VAL C 74 9.74 14.08 -5.47
C VAL C 74 9.26 15.09 -6.49
N ILE C 75 9.51 16.36 -6.22
CA ILE C 75 9.29 17.41 -7.21
C ILE C 75 10.64 17.93 -7.71
N PHE C 76 10.83 17.89 -9.03
CA PHE C 76 12.08 18.33 -9.62
C PHE C 76 11.87 19.50 -10.57
N ARG C 77 12.27 20.68 -10.13
CA ARG C 77 12.25 21.87 -10.99
C ARG C 77 13.61 22.00 -11.67
N PRO C 78 13.63 21.89 -13.01
CA PRO C 78 14.85 21.81 -13.80
C PRO C 78 15.63 23.11 -13.82
N GLY C 79 16.95 23.01 -13.76
CA GLY C 79 17.81 24.16 -13.95
C GLY C 79 18.50 24.10 -15.30
N ILE C 80 19.50 24.93 -15.49
CA ILE C 80 20.26 24.98 -16.73
C ILE C 80 21.48 24.05 -16.66
N ILE C 81 21.70 23.29 -17.72
CA ILE C 81 22.87 22.41 -17.79
C ILE C 81 24.14 23.22 -17.90
N THR C 82 24.90 23.27 -16.81
CA THR C 82 26.11 24.08 -16.75
C THR C 82 27.37 23.23 -16.78
N GLY C 83 27.40 22.18 -15.97
CA GLY C 83 28.48 21.22 -15.99
C GLY C 83 29.70 21.64 -15.20
N GLY C 84 30.81 21.84 -15.90
CA GLY C 84 32.06 22.16 -15.27
C GLY C 84 32.69 20.93 -14.65
N SER C 85 33.46 21.15 -13.59
CA SER C 85 34.13 20.05 -12.91
C SER C 85 33.41 19.72 -11.61
N TYR C 86 33.48 18.45 -11.22
CA TYR C 86 32.81 17.97 -10.02
C TYR C 86 33.19 16.50 -9.79
N THR C 87 33.19 16.10 -8.53
CA THR C 87 33.54 14.73 -8.17
C THR C 87 32.42 14.12 -7.34
N HIS C 88 31.95 12.95 -7.74
CA HIS C 88 30.74 12.36 -7.18
C HIS C 88 30.98 11.02 -6.51
N GLN C 89 30.66 10.93 -5.22
CA GLN C 89 30.80 9.68 -4.48
C GLN C 89 29.56 8.81 -4.62
N CYS C 90 29.73 7.65 -5.25
CA CYS C 90 28.61 6.74 -5.48
C CYS C 90 28.47 5.75 -4.34
N PRO C 91 27.26 5.65 -3.77
CA PRO C 91 26.98 4.69 -2.71
C PRO C 91 27.04 3.26 -3.25
N ASN C 92 27.27 2.29 -2.36
CA ASN C 92 27.38 0.89 -2.75
C ASN C 92 26.11 0.33 -3.41
N SER C 93 25.01 1.07 -3.32
CA SER C 93 23.74 0.61 -3.85
C SER C 93 23.79 0.43 -5.36
N LYS C 94 24.53 1.31 -6.03
CA LYS C 94 24.60 1.29 -7.48
C LYS C 94 26.01 1.58 -7.97
N PRO C 95 26.42 0.92 -9.06
CA PRO C 95 27.73 1.13 -9.66
C PRO C 95 27.81 2.50 -10.32
N VAL C 96 29.01 2.83 -10.80
CA VAL C 96 29.28 4.12 -11.41
C VAL C 96 28.45 4.34 -12.67
N GLY C 97 28.30 3.28 -13.46
CA GLY C 97 27.56 3.36 -14.71
C GLY C 97 26.13 3.84 -14.52
N TYR C 98 25.58 3.56 -13.35
CA TYR C 98 24.23 4.01 -13.01
C TYR C 98 24.13 5.52 -13.08
N PHE C 99 25.12 6.20 -12.52
CA PHE C 99 25.13 7.66 -12.52
C PHE C 99 25.73 8.23 -13.81
N ALA C 100 26.67 7.49 -14.39
CA ALA C 100 27.39 7.96 -15.57
C ALA C 100 26.53 8.02 -16.81
N GLU C 101 25.78 6.95 -17.07
CA GLU C 101 24.99 6.86 -18.29
C GLU C 101 24.06 8.05 -18.52
N PRO C 102 23.21 8.38 -17.53
CA PRO C 102 22.28 9.50 -17.73
C PRO C 102 22.99 10.82 -18.03
N MET C 103 24.28 10.92 -17.70
CA MET C 103 25.03 12.15 -17.97
C MET C 103 25.39 12.29 -19.45
N LEU C 104 25.41 11.16 -20.16
CA LEU C 104 25.63 11.17 -21.59
C LEU C 104 24.51 11.92 -22.30
N TYR C 105 23.40 12.12 -21.59
CA TYR C 105 22.22 12.78 -22.13
C TYR C 105 22.28 14.30 -22.02
N LEU C 106 23.10 14.79 -21.09
CA LEU C 106 23.14 16.23 -20.80
C LEU C 106 24.47 16.90 -21.19
N ALA C 107 25.57 16.16 -21.07
CA ALA C 107 26.90 16.72 -21.25
C ALA C 107 27.12 17.54 -22.53
N PRO C 108 26.79 16.97 -23.70
CA PRO C 108 27.04 17.69 -24.96
C PRO C 108 26.31 19.03 -25.06
N PHE C 109 25.21 19.17 -24.34
CA PHE C 109 24.38 20.37 -24.45
C PHE C 109 24.54 21.28 -23.24
N SER C 110 25.72 21.22 -22.63
CA SER C 110 26.02 22.03 -21.46
C SER C 110 26.74 23.32 -21.85
N LYS C 111 26.74 24.30 -20.95
CA LYS C 111 27.44 25.56 -21.19
C LYS C 111 28.95 25.37 -21.06
N LYS C 112 29.37 24.77 -19.95
CA LYS C 112 30.77 24.44 -19.74
C LYS C 112 30.98 22.93 -19.81
N LYS C 113 32.10 22.53 -20.41
CA LYS C 113 32.39 21.12 -20.58
C LYS C 113 32.12 20.30 -19.32
N PHE C 114 31.61 19.09 -19.51
CA PHE C 114 31.38 18.17 -18.40
C PHE C 114 32.69 17.49 -18.04
N SER C 115 33.10 17.63 -16.78
CA SER C 115 34.26 16.91 -16.29
C SER C 115 33.95 16.39 -14.89
N ILE C 116 33.47 15.15 -14.82
CA ILE C 116 33.06 14.57 -13.56
C ILE C 116 33.82 13.29 -13.22
N LEU C 117 34.35 13.22 -12.02
CA LEU C 117 35.08 12.06 -11.54
C LEU C 117 34.18 11.21 -10.63
N PHE C 118 33.96 9.95 -11.01
CA PHE C 118 33.10 9.04 -10.25
C PHE C 118 33.90 8.07 -9.37
N ARG C 119 33.56 8.01 -8.09
CA ARG C 119 34.18 7.04 -7.19
C ARG C 119 33.17 5.98 -6.73
N GLY C 120 33.60 4.73 -6.63
CA GLY C 120 32.75 3.67 -6.13
C GLY C 120 32.87 2.38 -6.92
N ILE C 121 31.91 1.47 -6.70
CA ILE C 121 31.83 0.22 -7.48
C ILE C 121 31.71 0.55 -8.96
N THR C 122 32.38 -0.22 -9.81
CA THR C 122 32.41 0.09 -11.25
C THR C 122 31.61 -0.89 -12.11
N SER C 123 30.99 -1.89 -11.49
CA SER C 123 30.19 -2.84 -12.24
C SER C 123 29.05 -3.44 -11.43
N SER C 124 28.04 -3.96 -12.13
CA SER C 124 26.93 -4.64 -11.49
C SER C 124 26.30 -5.62 -12.46
N HIS C 125 25.20 -6.26 -12.06
CA HIS C 125 24.51 -7.20 -12.93
C HIS C 125 23.42 -6.50 -13.75
N ASN C 126 23.10 -5.27 -13.37
CA ASN C 126 21.93 -4.60 -13.90
C ASN C 126 22.19 -3.18 -14.40
N ASP C 127 23.46 -2.85 -14.63
CA ASP C 127 23.80 -1.50 -15.09
C ASP C 127 24.90 -1.51 -16.14
N ALA C 128 25.02 -0.42 -16.87
CA ALA C 128 26.02 -0.29 -17.90
C ALA C 128 27.42 -0.19 -17.30
N GLY C 129 28.30 -1.11 -17.71
CA GLY C 129 29.67 -1.10 -17.25
C GLY C 129 30.52 -0.08 -18.00
N ILE C 130 31.71 0.19 -17.49
CA ILE C 130 32.60 1.18 -18.10
C ILE C 130 32.77 0.95 -19.59
N ASP C 131 33.16 -0.26 -19.96
CA ASP C 131 33.43 -0.59 -21.35
C ASP C 131 32.21 -0.36 -22.23
N ALA C 132 31.03 -0.76 -21.74
CA ALA C 132 29.80 -0.57 -22.48
C ALA C 132 29.57 0.91 -22.79
N ILE C 133 29.83 1.77 -21.80
CA ILE C 133 29.74 3.20 -21.99
C ILE C 133 30.71 3.67 -23.08
N LYS C 134 31.99 3.28 -22.92
CA LYS C 134 33.04 3.68 -23.85
C LYS C 134 32.81 3.20 -25.28
N TRP C 135 32.64 1.89 -25.43
CA TRP C 135 32.58 1.29 -26.76
C TRP C 135 31.16 1.05 -27.28
N GLY C 136 30.18 1.13 -26.39
CA GLY C 136 28.81 0.85 -26.77
C GLY C 136 27.94 2.08 -26.99
N LEU C 137 27.97 3.01 -26.05
CA LEU C 137 27.08 4.17 -26.10
C LEU C 137 27.69 5.40 -26.77
N MET C 138 28.91 5.75 -26.38
CA MET C 138 29.56 6.95 -26.91
C MET C 138 29.68 6.96 -28.45
N PRO C 139 30.01 5.80 -29.06
CA PRO C 139 30.03 5.74 -30.52
C PRO C 139 28.72 6.21 -31.14
N ILE C 140 27.59 5.92 -30.50
CA ILE C 140 26.31 6.42 -30.98
C ILE C 140 26.25 7.94 -30.84
N MET C 141 26.81 8.45 -29.74
CA MET C 141 26.86 9.88 -29.52
C MET C 141 27.67 10.54 -30.63
N GLU C 142 28.78 9.90 -31.00
CA GLU C 142 29.62 10.41 -32.08
C GLU C 142 28.81 10.50 -33.36
N LYS C 143 28.01 9.47 -33.65
CA LYS C 143 27.19 9.43 -34.84
C LYS C 143 26.13 10.53 -34.85
N PHE C 144 25.92 11.16 -33.69
CA PHE C 144 24.97 12.25 -33.55
C PHE C 144 25.64 13.63 -33.52
N GLY C 145 26.95 13.67 -33.75
CA GLY C 145 27.65 14.94 -33.83
C GLY C 145 28.38 15.33 -32.55
N VAL C 146 28.54 14.36 -31.65
CA VAL C 146 29.36 14.57 -30.46
C VAL C 146 30.75 14.03 -30.76
N ARG C 147 31.60 14.88 -31.32
CA ARG C 147 32.92 14.46 -31.79
C ARG C 147 33.79 13.88 -30.68
N GLU C 148 34.04 14.68 -29.65
CA GLU C 148 34.94 14.26 -28.59
C GLU C 148 34.24 13.99 -27.26
N CYS C 149 34.32 12.73 -26.81
CA CYS C 149 33.83 12.33 -25.50
C CYS C 149 34.54 11.07 -25.04
N ALA C 150 34.94 11.03 -23.77
CA ALA C 150 35.74 9.92 -23.27
C ALA C 150 35.36 9.50 -21.85
N LEU C 151 35.73 8.27 -21.51
CA LEU C 151 35.54 7.76 -20.16
C LEU C 151 36.80 7.03 -19.71
N HIS C 152 37.73 7.78 -19.11
CA HIS C 152 38.98 7.22 -18.64
C HIS C 152 38.79 6.48 -17.33
N THR C 153 39.14 5.20 -17.33
CA THR C 153 39.03 4.40 -16.11
C THR C 153 40.36 4.42 -15.35
N LEU C 154 40.36 5.06 -14.18
CA LEU C 154 41.57 5.18 -13.37
C LEU C 154 41.76 3.93 -12.50
N LYS C 155 40.72 3.56 -11.78
CA LYS C 155 40.75 2.36 -10.95
C LYS C 155 39.48 1.55 -11.17
N ARG C 156 39.63 0.27 -11.49
CA ARG C 156 38.50 -0.64 -11.52
C ARG C 156 38.16 -1.03 -10.09
N GLY C 157 36.86 -1.19 -9.81
CA GLY C 157 36.42 -1.56 -8.48
C GLY C 157 35.28 -2.57 -8.50
N SER C 158 35.61 -3.84 -8.67
CA SER C 158 34.60 -4.89 -8.71
C SER C 158 33.86 -5.01 -7.38
N PRO C 159 32.65 -5.57 -7.42
CA PRO C 159 31.84 -5.80 -6.21
C PRO C 159 32.48 -6.83 -5.29
N PRO C 160 32.17 -6.78 -3.98
CA PRO C 160 31.24 -5.81 -3.41
C PRO C 160 31.90 -4.57 -2.80
N LEU C 161 33.20 -4.63 -2.56
CA LEU C 161 33.89 -3.51 -1.92
C LEU C 161 34.11 -2.32 -2.86
N GLY C 162 34.24 -2.61 -4.15
CA GLY C 162 34.47 -1.57 -5.14
C GLY C 162 35.77 -0.80 -4.88
N GLY C 163 35.64 0.47 -4.55
CA GLY C 163 36.79 1.32 -4.32
C GLY C 163 37.45 1.77 -5.61
N GLY C 164 36.71 1.70 -6.70
CA GLY C 164 37.20 2.12 -8.00
C GLY C 164 37.04 3.60 -8.25
N GLU C 165 37.34 4.03 -9.46
CA GLU C 165 37.32 5.44 -9.82
C GLU C 165 37.43 5.62 -11.33
N VAL C 166 36.43 6.24 -11.94
CA VAL C 166 36.47 6.55 -13.37
C VAL C 166 36.19 8.04 -13.61
N HIS C 167 36.60 8.53 -14.77
CA HIS C 167 36.52 9.96 -15.04
C HIS C 167 35.83 10.25 -16.38
N LEU C 168 34.70 10.94 -16.32
CA LEU C 168 33.94 11.26 -17.52
C LEU C 168 34.14 12.70 -17.95
N VAL C 169 34.51 12.89 -19.21
CA VAL C 169 34.71 14.23 -19.75
C VAL C 169 34.33 14.28 -21.23
N VAL C 170 33.41 15.18 -21.57
CA VAL C 170 33.06 15.39 -22.97
C VAL C 170 33.37 16.83 -23.37
N ASP C 171 34.30 16.99 -24.31
CA ASP C 171 34.78 18.30 -24.71
C ASP C 171 33.88 18.96 -25.75
N SER C 172 33.14 18.15 -26.48
CA SER C 172 32.25 18.66 -27.52
C SER C 172 31.02 19.31 -26.92
N LEU C 173 30.70 20.52 -27.37
CA LEU C 173 29.49 21.20 -26.93
C LEU C 173 28.65 21.62 -28.12
N ILE C 174 27.72 20.77 -28.52
CA ILE C 174 26.86 21.06 -29.66
C ILE C 174 25.55 21.68 -29.19
N ALA C 175 24.87 22.38 -30.08
CA ALA C 175 23.63 23.05 -29.75
C ALA C 175 22.48 22.05 -29.70
N GLN C 176 22.62 20.98 -30.49
CA GLN C 176 21.69 19.87 -30.51
C GLN C 176 22.24 18.78 -31.42
N PRO C 177 21.82 17.53 -31.21
CA PRO C 177 22.31 16.45 -32.08
C PRO C 177 21.93 16.73 -33.53
N ILE C 178 22.60 16.09 -34.47
CA ILE C 178 22.25 16.21 -35.87
C ILE C 178 21.02 15.36 -36.15
N THR C 179 20.26 15.71 -37.19
CA THR C 179 19.10 14.92 -37.58
C THR C 179 19.54 13.59 -38.14
N MET C 180 19.12 12.49 -37.52
CA MET C 180 19.62 11.17 -37.88
C MET C 180 18.90 10.56 -39.08
N HIS C 181 19.64 9.84 -39.91
CA HIS C 181 19.08 9.15 -41.06
C HIS C 181 19.77 7.82 -41.29
N ALA C 182 19.35 6.81 -40.54
CA ALA C 182 19.87 5.47 -40.72
C ALA C 182 18.73 4.52 -41.07
N LEU C 183 18.60 4.23 -42.36
CA LEU C 183 17.47 3.45 -42.86
C LEU C 183 17.77 1.97 -42.96
N ASP C 184 19.05 1.61 -42.90
CA ASP C 184 19.46 0.24 -43.14
C ASP C 184 19.81 -0.51 -41.87
N LYS C 185 19.66 -1.83 -41.91
CA LYS C 185 20.03 -2.66 -40.78
C LYS C 185 21.54 -2.67 -40.61
N THR C 186 21.98 -2.70 -39.35
CA THR C 186 23.40 -2.76 -39.04
C THR C 186 23.98 -4.15 -39.26
N MET C 187 24.78 -4.30 -40.31
CA MET C 187 25.46 -5.55 -40.61
C MET C 187 26.77 -5.60 -39.84
N ILE C 188 27.12 -6.78 -39.34
CA ILE C 188 28.30 -6.92 -38.51
C ILE C 188 29.52 -7.43 -39.29
N SER C 189 30.58 -6.64 -39.28
CA SER C 189 31.82 -6.97 -39.98
C SER C 189 32.76 -7.75 -39.08
N SER C 190 33.10 -7.18 -37.93
CA SER C 190 33.98 -7.83 -36.97
C SER C 190 33.40 -7.72 -35.56
N ILE C 191 34.03 -8.38 -34.60
CA ILE C 191 33.58 -8.34 -33.22
C ILE C 191 34.73 -8.14 -32.24
N ARG C 192 34.87 -6.91 -31.75
CA ARG C 192 35.90 -6.61 -30.75
C ARG C 192 35.27 -6.67 -29.36
N GLY C 193 35.99 -6.16 -28.37
CA GLY C 193 35.48 -6.17 -27.01
C GLY C 193 36.56 -6.09 -25.95
N VAL C 194 36.18 -6.36 -24.70
CA VAL C 194 37.10 -6.25 -23.57
C VAL C 194 36.82 -7.30 -22.50
N SER C 195 37.81 -8.16 -22.24
CA SER C 195 37.73 -9.11 -21.15
C SER C 195 38.67 -8.66 -20.03
N TYR C 196 38.09 -8.30 -18.89
CA TYR C 196 38.87 -7.73 -17.80
C TYR C 196 38.74 -8.54 -16.52
N SER C 197 39.58 -8.23 -15.54
CA SER C 197 39.51 -8.86 -14.23
C SER C 197 40.26 -8.00 -13.23
N THR C 198 40.01 -8.21 -11.94
CA THR C 198 40.68 -7.45 -10.90
C THR C 198 41.14 -8.35 -9.77
N ARG C 199 42.38 -8.16 -9.33
CA ARG C 199 42.93 -8.87 -8.17
C ARG C 199 43.22 -10.33 -8.44
N VAL C 200 42.91 -10.81 -9.65
CA VAL C 200 43.09 -12.22 -9.99
C VAL C 200 43.95 -12.42 -11.23
N SER C 201 44.42 -13.65 -11.42
CA SER C 201 45.35 -13.96 -12.50
C SER C 201 44.70 -13.81 -13.87
N PRO C 202 45.53 -13.69 -14.92
CA PRO C 202 45.05 -13.60 -16.30
C PRO C 202 44.35 -14.89 -16.73
N SER C 203 44.27 -15.85 -15.81
CA SER C 203 43.60 -17.12 -16.09
C SER C 203 42.18 -16.90 -16.59
N LEU C 204 41.37 -16.22 -15.79
CA LEU C 204 39.97 -15.99 -16.14
C LEU C 204 39.83 -15.22 -17.44
N VAL C 205 40.51 -14.09 -17.53
CA VAL C 205 40.42 -13.24 -18.72
C VAL C 205 40.56 -14.05 -20.01
N ASN C 206 41.40 -15.08 -19.99
CA ASN C 206 41.60 -15.92 -21.16
C ASN C 206 40.50 -16.97 -21.33
N ARG C 207 40.19 -17.69 -20.25
CA ARG C 207 39.12 -18.68 -20.28
C ARG C 207 37.81 -18.04 -20.73
N MET C 208 37.67 -16.74 -20.47
CA MET C 208 36.48 -16.00 -20.86
C MET C 208 36.47 -15.75 -22.37
N ILE C 209 37.60 -15.30 -22.90
CA ILE C 209 37.74 -15.10 -24.34
C ILE C 209 37.65 -16.44 -25.06
N ASP C 210 38.14 -17.49 -24.41
CA ASP C 210 38.12 -18.82 -24.99
C ASP C 210 36.68 -19.28 -25.19
N GLY C 211 35.87 -19.10 -24.15
CA GLY C 211 34.46 -19.44 -24.21
C GLY C 211 33.72 -18.63 -25.25
N ALA C 212 33.97 -17.32 -25.28
CA ALA C 212 33.33 -16.43 -26.24
C ALA C 212 33.59 -16.84 -27.69
N LYS C 213 34.87 -16.99 -28.04
CA LYS C 213 35.27 -17.39 -29.38
C LYS C 213 34.57 -18.66 -29.86
N LYS C 214 34.54 -19.67 -28.99
CA LYS C 214 33.98 -20.97 -29.36
C LYS C 214 32.50 -20.89 -29.73
N VAL C 215 31.90 -19.74 -29.52
CA VAL C 215 30.52 -19.49 -29.92
C VAL C 215 30.52 -18.52 -31.09
N LEU C 216 31.44 -17.55 -31.05
CA LEU C 216 31.58 -16.57 -32.11
C LEU C 216 32.20 -17.18 -33.36
N LYS C 217 32.48 -18.48 -33.31
CA LYS C 217 32.95 -19.22 -34.48
C LYS C 217 31.84 -19.28 -35.53
N SER C 218 30.61 -19.43 -35.07
CA SER C 218 29.45 -19.54 -35.95
C SER C 218 29.02 -18.17 -36.48
N ALA C 219 29.65 -17.11 -35.99
CA ALA C 219 29.40 -15.77 -36.48
C ALA C 219 30.11 -15.54 -37.81
N SER C 220 31.23 -16.24 -37.98
CA SER C 220 32.03 -16.16 -39.20
C SER C 220 32.55 -14.75 -39.48
N CYS C 221 33.39 -14.25 -38.56
CA CYS C 221 34.04 -12.96 -38.75
C CYS C 221 35.13 -12.80 -37.70
N GLU C 222 36.08 -11.91 -37.96
CA GLU C 222 37.21 -11.72 -37.07
C GLU C 222 36.75 -11.31 -35.67
N VAL C 223 37.16 -12.08 -34.68
CA VAL C 223 36.84 -11.77 -33.28
C VAL C 223 38.11 -11.41 -32.53
N ASN C 224 38.22 -10.15 -32.15
CA ASN C 224 39.41 -9.66 -31.45
C ASN C 224 39.07 -9.05 -30.11
N ILE C 225 39.02 -9.90 -29.08
CA ILE C 225 38.68 -9.47 -27.73
C ILE C 225 39.92 -9.00 -26.96
N THR C 226 39.93 -7.72 -26.61
CA THR C 226 41.03 -7.13 -25.88
C THR C 226 41.10 -7.63 -24.44
N ALA C 227 42.23 -8.22 -24.05
CA ALA C 227 42.43 -8.64 -22.67
C ALA C 227 42.84 -7.45 -21.81
N ASP C 228 42.31 -7.39 -20.59
CA ASP C 228 42.58 -6.27 -19.69
C ASP C 228 42.66 -6.73 -18.24
N VAL C 229 43.78 -7.34 -17.89
CA VAL C 229 43.97 -7.85 -16.53
C VAL C 229 44.47 -6.77 -15.58
N TRP C 230 43.70 -6.54 -14.52
CA TRP C 230 44.10 -5.58 -13.49
C TRP C 230 44.55 -6.34 -12.25
N ARG C 231 45.69 -5.92 -11.69
CA ARG C 231 46.22 -6.55 -10.50
C ARG C 231 47.13 -5.58 -9.77
N GLY C 232 47.03 -5.57 -8.44
CA GLY C 232 47.83 -4.66 -7.64
C GLY C 232 46.96 -3.73 -6.82
N GLU C 233 47.57 -2.70 -6.26
CA GLU C 233 46.86 -1.78 -5.36
C GLU C 233 46.05 -0.72 -6.11
N ASN C 234 45.78 -0.96 -7.40
CA ASN C 234 44.97 -0.05 -8.19
C ASN C 234 43.84 -0.76 -8.93
N SER C 235 43.52 -1.97 -8.49
CA SER C 235 42.53 -2.81 -9.14
C SER C 235 41.28 -2.93 -8.30
N GLY C 236 41.16 -2.04 -7.31
CA GLY C 236 40.02 -2.07 -6.40
C GLY C 236 40.23 -3.04 -5.26
N LYS C 237 39.39 -2.91 -4.24
CA LYS C 237 39.53 -3.70 -3.02
C LYS C 237 39.08 -5.15 -3.21
N SER C 238 38.24 -5.40 -4.21
CA SER C 238 37.65 -6.72 -4.39
C SER C 238 38.03 -7.39 -5.71
N PRO C 239 38.06 -8.73 -5.72
CA PRO C 239 38.28 -9.51 -6.93
C PRO C 239 37.03 -9.56 -7.79
N GLY C 240 37.19 -9.58 -9.10
CA GLY C 240 36.06 -9.63 -10.01
C GLY C 240 36.52 -9.84 -11.44
N TRP C 241 35.57 -9.94 -12.36
CA TRP C 241 35.88 -10.16 -13.77
C TRP C 241 34.62 -10.04 -14.62
N GLY C 242 34.78 -9.49 -15.82
CA GLY C 242 33.65 -9.31 -16.72
C GLY C 242 34.03 -9.44 -18.18
N LEU C 243 33.10 -9.11 -19.06
CA LEU C 243 33.32 -9.26 -20.49
C LEU C 243 32.33 -8.38 -21.25
N THR C 244 32.82 -7.71 -22.29
CA THR C 244 32.00 -6.80 -23.08
C THR C 244 32.29 -6.97 -24.56
N LEU C 245 31.39 -7.62 -25.29
CA LEU C 245 31.55 -7.81 -26.72
C LEU C 245 30.92 -6.65 -27.46
N VAL C 246 31.59 -6.17 -28.50
CA VAL C 246 31.07 -5.07 -29.30
C VAL C 246 31.23 -5.33 -30.79
N ALA C 247 30.15 -5.77 -31.42
CA ALA C 247 30.13 -5.96 -32.87
C ALA C 247 30.05 -4.62 -33.58
N GLU C 248 30.92 -4.43 -34.58
CA GLU C 248 30.96 -3.16 -35.31
C GLU C 248 30.92 -3.37 -36.82
N ASN C 249 30.29 -2.45 -37.53
CA ASN C 249 30.42 -2.40 -38.98
C ASN C 249 31.34 -1.25 -39.38
N LYS C 250 31.85 -1.29 -40.61
CA LYS C 250 32.77 -0.26 -41.07
C LYS C 250 32.02 1.01 -41.44
N GLN C 251 31.10 1.43 -40.58
CA GLN C 251 30.33 2.64 -40.82
C GLN C 251 30.06 3.42 -39.54
N GLY C 252 30.51 2.86 -38.41
CA GLY C 252 30.44 3.58 -37.14
C GLY C 252 29.43 3.05 -36.12
N TRP C 253 28.56 2.15 -36.55
CA TRP C 253 27.55 1.61 -35.64
C TRP C 253 28.12 0.49 -34.78
N ARG C 254 27.49 0.26 -33.64
CA ARG C 254 27.95 -0.73 -32.67
C ARG C 254 26.77 -1.48 -32.05
N ILE C 255 26.97 -2.78 -31.81
CA ILE C 255 26.01 -3.59 -31.08
C ILE C 255 26.75 -4.34 -29.98
N PHE C 256 26.35 -4.14 -28.73
CA PHE C 256 27.11 -4.73 -27.63
C PHE C 256 26.24 -5.48 -26.63
N SER C 257 26.90 -6.27 -25.79
CA SER C 257 26.26 -6.87 -24.62
C SER C 257 27.34 -7.15 -23.60
N GLU C 258 26.96 -7.21 -22.33
CA GLU C 258 27.94 -7.34 -21.25
C GLU C 258 27.48 -8.31 -20.19
N ALA C 259 28.39 -8.65 -19.29
CA ALA C 259 28.08 -9.51 -18.15
C ALA C 259 29.20 -9.44 -17.12
N ILE C 260 28.92 -9.95 -15.93
CA ILE C 260 29.87 -9.95 -14.83
C ILE C 260 29.95 -11.34 -14.24
N GLY C 261 31.08 -11.66 -13.62
CA GLY C 261 31.28 -12.97 -13.03
C GLY C 261 31.28 -12.98 -11.52
N ASP C 262 30.38 -13.78 -10.95
CA ASP C 262 30.36 -14.00 -9.51
C ASP C 262 31.34 -15.12 -9.14
N ALA C 263 31.74 -15.17 -7.88
CA ALA C 263 32.59 -16.25 -7.41
C ALA C 263 31.87 -17.57 -7.63
N GLY C 264 32.58 -18.54 -8.20
CA GLY C 264 32.01 -19.84 -8.46
C GLY C 264 31.61 -20.04 -9.91
N ASP C 265 31.26 -18.95 -10.57
CA ASP C 265 30.91 -18.99 -11.99
C ASP C 265 32.13 -19.39 -12.82
N VAL C 266 31.90 -20.21 -13.85
CA VAL C 266 32.97 -20.62 -14.74
C VAL C 266 33.11 -19.67 -15.92
N PRO C 267 34.31 -19.09 -16.10
CA PRO C 267 34.63 -18.10 -17.13
C PRO C 267 34.20 -18.54 -18.52
N GLU C 268 34.49 -19.79 -18.88
CA GLU C 268 34.09 -20.30 -20.19
C GLU C 268 32.59 -20.10 -20.41
N ASP C 269 31.81 -20.36 -19.37
CA ASP C 269 30.35 -20.23 -19.43
C ASP C 269 29.90 -18.78 -19.60
N ILE C 270 30.45 -17.88 -18.78
CA ILE C 270 30.08 -16.47 -18.87
C ILE C 270 30.57 -15.85 -20.17
N GLY C 271 31.73 -16.29 -20.66
CA GLY C 271 32.22 -15.85 -21.94
C GLY C 271 31.25 -16.25 -23.04
N ALA C 272 30.86 -17.51 -23.04
CA ALA C 272 29.94 -18.03 -24.05
C ALA C 272 28.57 -17.35 -23.93
N SER C 273 28.16 -17.04 -22.71
CA SER C 273 26.85 -16.43 -22.48
C SER C 273 26.74 -15.08 -23.17
N VAL C 274 27.76 -14.26 -23.01
CA VAL C 274 27.75 -12.94 -23.63
C VAL C 274 27.76 -13.05 -25.14
N ALA C 275 28.35 -14.13 -25.63
CA ALA C 275 28.39 -14.39 -27.07
C ALA C 275 26.97 -14.61 -27.59
N TYR C 276 26.27 -15.55 -26.98
CA TYR C 276 24.89 -15.86 -27.37
C TYR C 276 24.01 -14.62 -27.30
N HIS C 277 24.13 -13.87 -26.22
CA HIS C 277 23.31 -12.68 -26.02
C HIS C 277 23.60 -11.64 -27.10
N LEU C 278 24.87 -11.48 -27.46
CA LEU C 278 25.27 -10.57 -28.52
C LEU C 278 24.68 -10.99 -29.85
N LEU C 279 24.81 -12.28 -30.17
CA LEU C 279 24.29 -12.81 -31.41
C LEU C 279 22.79 -12.60 -31.52
N GLU C 280 22.09 -12.82 -30.41
CA GLU C 280 20.65 -12.59 -30.36
C GLU C 280 20.31 -11.12 -30.56
N GLU C 281 21.05 -10.25 -29.88
CA GLU C 281 20.86 -8.81 -30.04
C GLU C 281 20.96 -8.38 -31.49
N ILE C 282 21.97 -8.90 -32.18
CA ILE C 282 22.23 -8.56 -33.59
C ILE C 282 21.09 -8.98 -34.51
N SER C 283 20.55 -10.19 -34.26
CA SER C 283 19.49 -10.73 -35.10
C SER C 283 18.17 -9.98 -34.92
N LYS C 284 17.95 -9.47 -33.71
CA LYS C 284 16.68 -8.82 -33.40
C LYS C 284 16.81 -7.29 -33.32
N SER C 285 17.92 -6.76 -33.80
CA SER C 285 18.11 -5.30 -33.81
C SER C 285 18.15 -4.73 -35.21
N GLY C 286 17.92 -3.42 -35.31
CA GLY C 286 17.93 -2.73 -36.58
C GLY C 286 19.21 -1.93 -36.76
N VAL C 287 19.13 -0.63 -36.57
CA VAL C 287 20.32 0.22 -36.61
C VAL C 287 21.06 0.12 -35.29
N VAL C 288 20.32 0.14 -34.19
CA VAL C 288 20.90 -0.01 -32.87
C VAL C 288 20.23 -1.14 -32.10
N GLY C 289 20.91 -1.67 -31.10
CA GLY C 289 20.33 -2.68 -30.23
C GLY C 289 19.42 -2.03 -29.21
N ARG C 290 18.62 -2.85 -28.52
CA ARG C 290 17.69 -2.32 -27.53
C ARG C 290 18.46 -1.53 -26.47
N ASN C 291 19.67 -1.97 -26.20
CA ASN C 291 20.62 -1.28 -25.33
C ASN C 291 20.75 0.21 -25.61
N GLN C 292 20.56 0.59 -26.86
CA GLN C 292 20.91 1.93 -27.31
C GLN C 292 19.69 2.78 -27.67
N LEU C 293 18.51 2.19 -27.53
CA LEU C 293 17.28 2.84 -27.97
C LEU C 293 16.92 4.09 -27.17
N PRO C 294 16.92 4.00 -25.84
CA PRO C 294 16.64 5.21 -25.07
C PRO C 294 17.55 6.36 -25.53
N LEU C 295 18.86 6.13 -25.52
CA LEU C 295 19.81 7.15 -25.94
C LEU C 295 19.51 7.69 -27.33
N THR C 296 19.28 6.78 -28.28
CA THR C 296 19.07 7.16 -29.67
C THR C 296 17.76 7.94 -29.88
N ILE C 297 16.67 7.38 -29.37
CA ILE C 297 15.35 7.98 -29.52
C ILE C 297 15.31 9.38 -28.90
N LEU C 298 15.88 9.50 -27.70
CA LEU C 298 15.90 10.77 -27.01
C LEU C 298 16.71 11.81 -27.78
N TYR C 299 17.81 11.37 -28.39
CA TYR C 299 18.63 12.27 -29.20
C TYR C 299 17.87 12.76 -30.43
N MET C 300 17.01 11.91 -30.99
CA MET C 300 16.19 12.27 -32.14
C MET C 300 15.06 13.21 -31.74
N ILE C 301 14.69 13.16 -30.46
CA ILE C 301 13.62 14.00 -29.93
C ILE C 301 14.07 15.44 -29.76
N ILE C 302 15.31 15.62 -29.30
CA ILE C 302 15.84 16.96 -29.03
C ILE C 302 16.55 17.57 -30.23
N GLY C 303 16.52 16.89 -31.36
CA GLY C 303 17.11 17.42 -32.57
C GLY C 303 16.38 18.66 -33.06
N LYS C 304 16.91 19.27 -34.12
CA LYS C 304 16.24 20.42 -34.73
C LYS C 304 14.86 20.00 -35.24
N GLU C 305 14.02 20.98 -35.56
CA GLU C 305 12.64 20.71 -35.98
C GLU C 305 12.53 20.10 -37.38
N ASP C 306 13.36 19.12 -37.67
CA ASP C 306 13.24 18.37 -38.92
C ASP C 306 12.77 16.96 -38.59
N ILE C 307 12.71 16.11 -39.61
CA ILE C 307 12.27 14.73 -39.41
C ILE C 307 13.43 13.77 -39.49
N GLY C 308 13.68 13.05 -38.40
CA GLY C 308 14.73 12.05 -38.38
C GLY C 308 14.15 10.66 -38.55
N ARG C 309 14.89 9.79 -39.23
CA ARG C 309 14.43 8.42 -39.46
C ARG C 309 15.45 7.39 -38.97
N LEU C 310 14.97 6.46 -38.15
CA LEU C 310 15.82 5.38 -37.65
C LEU C 310 15.12 4.05 -37.83
N ARG C 311 15.84 3.05 -38.33
CA ARG C 311 15.29 1.73 -38.57
C ARG C 311 15.28 0.89 -37.31
N ILE C 312 14.11 0.37 -36.95
CA ILE C 312 13.99 -0.56 -35.83
C ILE C 312 13.21 -1.80 -36.26
N THR C 313 13.31 -2.85 -35.46
CA THR C 313 12.61 -4.09 -35.71
C THR C 313 11.37 -4.18 -34.83
N LYS C 314 10.38 -4.97 -35.25
CA LYS C 314 9.19 -5.23 -34.44
C LYS C 314 9.58 -5.69 -33.04
N ASP C 315 10.53 -6.62 -32.99
CA ASP C 315 10.98 -7.21 -31.74
C ASP C 315 11.45 -6.15 -30.74
N GLN C 316 11.88 -4.99 -31.24
CA GLN C 316 12.36 -3.91 -30.38
C GLN C 316 11.23 -3.07 -29.81
N ILE C 317 10.03 -3.24 -30.37
CA ILE C 317 8.86 -2.58 -29.82
C ILE C 317 8.33 -3.40 -28.67
N ASP C 318 9.04 -3.36 -27.55
CA ASP C 318 8.65 -4.14 -26.38
C ASP C 318 8.12 -3.26 -25.26
N GLU C 319 7.96 -3.83 -24.08
CA GLU C 319 7.37 -3.12 -22.96
C GLU C 319 8.13 -1.84 -22.59
N ARG C 320 9.46 -1.96 -22.46
CA ARG C 320 10.29 -0.81 -22.10
C ARG C 320 10.23 0.29 -23.15
N PHE C 321 10.03 -0.11 -24.40
CA PHE C 321 9.95 0.83 -25.51
C PHE C 321 8.65 1.63 -25.48
N VAL C 322 7.54 0.93 -25.22
CA VAL C 322 6.24 1.57 -25.11
C VAL C 322 6.26 2.56 -23.95
N TRP C 323 6.93 2.18 -22.87
CA TRP C 323 7.05 3.03 -21.70
C TRP C 323 7.90 4.26 -22.01
N LEU C 324 8.94 4.06 -22.80
CA LEU C 324 9.81 5.15 -23.22
C LEU C 324 9.02 6.19 -24.01
N LEU C 325 8.14 5.72 -24.89
CA LEU C 325 7.36 6.60 -25.74
C LEU C 325 6.35 7.41 -24.93
N ARG C 326 5.72 6.78 -23.95
CA ARG C 326 4.75 7.46 -23.10
C ARG C 326 5.39 8.57 -22.28
N ASP C 327 6.50 8.27 -21.62
CA ASP C 327 7.22 9.27 -20.84
C ASP C 327 7.67 10.44 -21.73
N ILE C 328 8.19 10.13 -22.91
CA ILE C 328 8.59 11.17 -23.85
C ILE C 328 7.41 12.06 -24.25
N LYS C 329 6.31 11.42 -24.60
CA LYS C 329 5.10 12.15 -24.98
C LYS C 329 4.60 13.05 -23.84
N LYS C 330 4.88 12.67 -22.60
CA LYS C 330 4.38 13.42 -21.45
C LYS C 330 5.14 14.73 -21.21
N VAL C 331 6.42 14.75 -21.57
CA VAL C 331 7.24 15.94 -21.34
C VAL C 331 7.44 16.77 -22.61
N PHE C 332 7.60 16.10 -23.75
CA PHE C 332 7.88 16.81 -25.00
C PHE C 332 6.63 16.96 -25.86
N GLY C 333 5.66 16.06 -25.68
CA GLY C 333 4.44 16.08 -26.47
C GLY C 333 4.60 15.35 -27.79
N THR C 334 5.84 15.04 -28.13
CA THR C 334 6.15 14.41 -29.40
C THR C 334 5.62 12.98 -29.50
N GLU C 335 5.06 12.65 -30.66
CA GLU C 335 4.63 11.29 -30.95
C GLU C 335 5.33 10.79 -32.21
N ILE C 336 5.90 9.59 -32.13
CA ILE C 336 6.60 9.02 -33.26
C ILE C 336 5.64 8.32 -34.21
N LEU C 337 6.07 8.12 -35.46
CA LEU C 337 5.28 7.37 -36.43
C LEU C 337 6.18 6.31 -37.05
N LEU C 338 5.60 5.15 -37.36
CA LEU C 338 6.37 4.06 -37.92
C LEU C 338 5.93 3.77 -39.36
N LYS C 339 6.89 3.58 -40.24
CA LYS C 339 6.61 3.23 -41.64
C LYS C 339 7.31 1.94 -42.04
N PRO C 340 6.56 0.98 -42.58
CA PRO C 340 7.16 -0.28 -43.00
C PRO C 340 8.21 -0.07 -44.08
N VAL C 341 9.36 -0.72 -43.91
CA VAL C 341 10.41 -0.70 -44.91
C VAL C 341 9.98 -1.55 -46.11
N ASP C 342 10.38 -1.13 -47.31
CA ASP C 342 9.93 -1.81 -48.52
C ASP C 342 10.87 -2.92 -48.98
N ASP C 343 11.92 -3.19 -48.20
CA ASP C 343 12.84 -4.26 -48.53
C ASP C 343 12.26 -5.62 -48.19
N ASN C 344 10.94 -5.71 -48.14
CA ASN C 344 10.26 -6.96 -47.89
C ASN C 344 10.68 -7.58 -46.57
N THR C 345 10.26 -6.94 -45.48
CA THR C 345 10.52 -7.41 -44.14
C THR C 345 9.59 -6.67 -43.19
N THR C 346 9.47 -7.14 -41.94
CA THR C 346 8.56 -6.52 -40.99
C THR C 346 9.21 -5.40 -40.20
N ASP C 347 10.43 -5.02 -40.58
CA ASP C 347 11.11 -3.91 -39.94
C ASP C 347 10.35 -2.60 -40.21
N LEU C 348 10.63 -1.58 -39.40
CA LEU C 348 9.93 -0.31 -39.52
C LEU C 348 10.88 0.87 -39.38
N ILE C 349 10.47 2.01 -39.93
CA ILE C 349 11.27 3.23 -39.82
C ILE C 349 10.63 4.22 -38.85
N ALA C 350 11.27 4.38 -37.68
CA ALA C 350 10.81 5.32 -36.69
C ALA C 350 11.01 6.75 -37.19
N THR C 351 9.92 7.48 -37.34
CA THR C 351 9.95 8.82 -37.89
C THR C 351 9.67 9.85 -36.80
N ILE C 352 10.75 10.39 -36.23
CA ILE C 352 10.63 11.32 -35.11
C ILE C 352 10.99 12.75 -35.50
N LYS C 353 10.11 13.68 -35.15
CA LYS C 353 10.31 15.10 -35.48
C LYS C 353 10.88 15.87 -34.30
N GLY C 354 12.03 16.49 -34.50
CA GLY C 354 12.71 17.23 -33.45
C GLY C 354 11.88 18.36 -32.88
N ILE C 355 12.13 18.70 -31.62
CA ILE C 355 11.32 19.69 -30.92
C ILE C 355 11.96 21.09 -30.96
N GLY C 356 13.18 21.17 -31.49
CA GLY C 356 13.85 22.45 -31.63
C GLY C 356 14.65 22.86 -30.41
N PHE C 357 15.50 21.96 -29.94
CA PHE C 357 16.35 22.22 -28.78
C PHE C 357 17.72 22.73 -29.21
N SER D 6 -22.50 9.91 -26.96
CA SER D 6 -21.37 9.01 -26.72
C SER D 6 -20.53 9.45 -25.52
N ARG D 7 -20.22 8.52 -24.63
CA ARG D 7 -20.59 7.13 -24.83
C ARG D 7 -21.15 6.51 -23.54
N TYR D 8 -20.26 6.16 -22.61
CA TYR D 8 -20.67 5.52 -21.36
C TYR D 8 -20.14 6.27 -20.15
N VAL D 9 -20.78 6.08 -19.00
CA VAL D 9 -20.20 6.48 -17.73
C VAL D 9 -19.35 5.30 -17.28
N THR D 10 -18.06 5.52 -17.08
CA THR D 10 -17.13 4.40 -16.86
C THR D 10 -16.85 4.12 -15.38
N PHE D 11 -16.81 2.84 -15.03
CA PHE D 11 -16.50 2.40 -13.68
C PHE D 11 -15.45 1.30 -13.70
N GLU D 12 -14.85 1.04 -12.56
CA GLU D 12 -13.85 -0.02 -12.44
C GLU D 12 -14.11 -0.89 -11.23
N GLY D 13 -13.87 -2.19 -11.40
CA GLY D 13 -13.98 -3.13 -10.28
C GLY D 13 -15.40 -3.57 -9.96
N SER D 14 -15.50 -4.46 -8.99
CA SER D 14 -16.78 -5.01 -8.59
C SER D 14 -17.46 -4.16 -7.52
N ARG D 15 -16.74 -3.19 -6.99
CA ARG D 15 -17.27 -2.32 -5.95
C ARG D 15 -18.61 -1.71 -6.36
N ASN D 16 -19.60 -1.82 -5.47
CA ASN D 16 -20.94 -1.28 -5.71
C ASN D 16 -21.49 -1.69 -7.07
N PHE D 17 -21.27 -2.94 -7.46
CA PHE D 17 -21.76 -3.44 -8.74
C PHE D 17 -23.27 -3.27 -8.88
N ARG D 18 -24.03 -3.81 -7.94
CA ARG D 18 -25.48 -3.69 -8.01
C ARG D 18 -25.88 -2.22 -8.06
N LEU D 19 -25.31 -1.44 -7.15
CA LEU D 19 -25.72 -0.05 -6.97
C LEU D 19 -25.50 0.75 -8.25
N ARG D 20 -24.34 0.57 -8.87
CA ARG D 20 -24.02 1.28 -10.10
C ARG D 20 -25.02 0.95 -11.19
N VAL D 21 -25.33 -0.34 -11.31
CA VAL D 21 -26.34 -0.81 -12.27
C VAL D 21 -27.70 -0.17 -11.99
N VAL D 22 -28.06 -0.11 -10.71
CA VAL D 22 -29.32 0.49 -10.30
C VAL D 22 -29.36 1.99 -10.63
N MET D 23 -28.27 2.69 -10.29
CA MET D 23 -28.19 4.12 -10.56
C MET D 23 -28.23 4.34 -12.07
N ALA D 24 -27.59 3.45 -12.81
CA ALA D 24 -27.65 3.46 -14.26
C ALA D 24 -29.10 3.40 -14.73
N THR D 25 -29.87 2.47 -14.15
CA THR D 25 -31.26 2.30 -14.53
C THR D 25 -32.13 3.52 -14.19
N LEU D 26 -31.91 4.09 -13.01
CA LEU D 26 -32.70 5.24 -12.56
C LEU D 26 -32.34 6.50 -13.34
N SER D 27 -31.07 6.59 -13.74
CA SER D 27 -30.57 7.75 -14.47
C SER D 27 -30.85 7.62 -15.96
N GLY D 28 -30.99 6.39 -16.43
CA GLY D 28 -31.19 6.14 -17.84
C GLY D 28 -29.93 6.35 -18.64
N LYS D 29 -28.79 6.28 -17.95
CA LYS D 29 -27.49 6.44 -18.59
C LYS D 29 -26.77 5.11 -18.74
N ALA D 30 -26.23 4.85 -19.92
CA ALA D 30 -25.43 3.67 -20.16
C ALA D 30 -24.15 3.74 -19.34
N ILE D 31 -23.72 2.61 -18.81
CA ILE D 31 -22.49 2.55 -18.03
C ILE D 31 -21.59 1.43 -18.52
N LYS D 32 -20.28 1.59 -18.30
CA LYS D 32 -19.33 0.53 -18.58
C LYS D 32 -18.51 0.25 -17.33
N ILE D 33 -18.51 -1.00 -16.90
CA ILE D 33 -17.71 -1.42 -15.76
C ILE D 33 -16.63 -2.37 -16.25
N GLU D 34 -15.38 -1.94 -16.13
CA GLU D 34 -14.27 -2.76 -16.58
C GLU D 34 -13.30 -3.10 -15.44
N LYS D 35 -12.26 -3.87 -15.78
CA LYS D 35 -11.29 -4.31 -14.80
C LYS D 35 -11.96 -5.02 -13.63
N ILE D 36 -13.00 -5.80 -13.92
CA ILE D 36 -13.73 -6.50 -12.87
C ILE D 36 -12.98 -7.74 -12.41
N ARG D 37 -12.40 -7.67 -11.21
CA ARG D 37 -11.60 -8.77 -10.68
C ARG D 37 -10.58 -9.26 -11.70
N SER D 38 -9.77 -8.35 -12.23
CA SER D 38 -8.86 -8.69 -13.31
C SER D 38 -7.76 -9.66 -12.88
N ASP D 39 -7.40 -9.61 -11.60
CA ASP D 39 -6.24 -10.34 -11.10
C ASP D 39 -6.60 -11.69 -10.45
N ASP D 40 -7.85 -11.85 -10.04
CA ASP D 40 -8.28 -13.08 -9.38
C ASP D 40 -7.92 -14.34 -10.15
N LEU D 41 -7.92 -15.48 -9.45
CA LEU D 41 -7.80 -16.78 -10.08
C LEU D 41 -8.81 -16.82 -11.22
N ASN D 42 -10.09 -16.79 -10.87
CA ASN D 42 -11.15 -16.62 -11.85
C ASN D 42 -11.54 -15.14 -11.94
N PRO D 43 -11.12 -14.47 -13.03
CA PRO D 43 -11.38 -13.05 -13.17
C PRO D 43 -12.79 -12.75 -13.69
N GLY D 44 -13.25 -11.53 -13.49
CA GLY D 44 -14.52 -11.09 -14.03
C GLY D 44 -15.72 -11.35 -13.12
N LEU D 45 -16.91 -11.16 -13.69
CA LEU D 45 -18.18 -11.43 -13.02
C LEU D 45 -18.23 -12.75 -12.31
N LYS D 46 -18.80 -12.73 -11.10
CA LYS D 46 -19.14 -13.96 -10.41
C LYS D 46 -20.50 -14.43 -10.93
N ASP D 47 -20.85 -15.69 -10.67
CA ASP D 47 -22.12 -16.21 -11.16
C ASP D 47 -23.31 -15.42 -10.60
N TYR D 48 -23.22 -15.01 -9.34
CA TYR D 48 -24.31 -14.28 -8.72
C TYR D 48 -24.52 -12.90 -9.33
N GLU D 49 -23.47 -12.34 -9.91
CA GLU D 49 -23.57 -11.03 -10.53
C GLU D 49 -24.21 -11.16 -11.92
N VAL D 50 -24.00 -12.30 -12.55
CA VAL D 50 -24.67 -12.59 -13.80
C VAL D 50 -26.15 -12.81 -13.52
N SER D 51 -26.43 -13.56 -12.45
CA SER D 51 -27.78 -13.76 -11.98
C SER D 51 -28.46 -12.42 -11.75
N PHE D 52 -27.72 -11.46 -11.20
CA PHE D 52 -28.28 -10.15 -10.91
C PHE D 52 -28.65 -9.40 -12.19
N LEU D 53 -27.79 -9.45 -13.20
CA LEU D 53 -28.09 -8.82 -14.47
C LEU D 53 -29.35 -9.43 -15.08
N ARG D 54 -29.54 -10.72 -14.84
CA ARG D 54 -30.70 -11.43 -15.37
C ARG D 54 -31.98 -10.97 -14.69
N LEU D 55 -31.89 -10.66 -13.40
CA LEU D 55 -33.02 -10.11 -12.65
C LEU D 55 -33.39 -8.72 -13.18
N MET D 56 -32.38 -7.89 -13.43
CA MET D 56 -32.58 -6.55 -13.98
C MET D 56 -33.32 -6.63 -15.31
N GLU D 57 -32.94 -7.60 -16.13
CA GLU D 57 -33.56 -7.77 -17.45
C GLU D 57 -35.03 -8.16 -17.31
N ALA D 58 -35.32 -9.01 -16.33
CA ALA D 58 -36.69 -9.48 -16.10
C ALA D 58 -37.58 -8.38 -15.54
N VAL D 59 -36.96 -7.39 -14.90
CA VAL D 59 -37.69 -6.36 -14.17
C VAL D 59 -37.77 -5.05 -14.96
N THR D 60 -36.98 -4.96 -16.02
CA THR D 60 -37.01 -3.80 -16.89
C THR D 60 -37.36 -4.22 -18.31
N ASN D 61 -37.49 -3.24 -19.19
CA ASN D 61 -37.74 -3.52 -20.59
C ASN D 61 -36.85 -2.68 -21.50
N GLY D 62 -36.20 -3.35 -22.45
CA GLY D 62 -35.40 -2.66 -23.44
C GLY D 62 -33.98 -2.38 -23.01
N SER D 63 -33.50 -3.15 -22.03
CA SER D 63 -32.12 -2.99 -21.56
C SER D 63 -31.22 -4.02 -22.23
N SER D 64 -30.12 -3.56 -22.82
CA SER D 64 -29.16 -4.45 -23.44
C SER D 64 -27.94 -4.61 -22.54
N ILE D 65 -27.30 -5.78 -22.61
CA ILE D 65 -26.14 -6.07 -21.77
C ILE D 65 -25.06 -6.76 -22.57
N GLU D 66 -23.82 -6.32 -22.38
CA GLU D 66 -22.67 -6.94 -23.03
C GLU D 66 -21.62 -7.39 -22.03
N ILE D 67 -21.37 -8.70 -21.99
CA ILE D 67 -20.35 -9.24 -21.13
C ILE D 67 -19.17 -9.74 -21.97
N SER D 68 -17.96 -9.28 -21.64
CA SER D 68 -16.76 -9.68 -22.35
C SER D 68 -16.49 -11.16 -22.16
N TYR D 69 -15.58 -11.72 -22.97
CA TYR D 69 -15.30 -13.15 -22.91
C TYR D 69 -14.78 -13.58 -21.54
N THR D 70 -13.94 -12.74 -20.94
CA THR D 70 -13.36 -13.05 -19.63
C THR D 70 -14.21 -12.48 -18.49
N GLY D 71 -15.23 -11.71 -18.86
CA GLY D 71 -16.15 -11.16 -17.88
C GLY D 71 -15.58 -10.04 -17.05
N THR D 72 -14.49 -9.44 -17.53
CA THR D 72 -13.84 -8.36 -16.81
C THR D 72 -14.48 -7.02 -17.17
N THR D 73 -15.16 -6.97 -18.31
CA THR D 73 -15.88 -5.77 -18.72
C THR D 73 -17.36 -6.07 -18.91
N VAL D 74 -18.21 -5.18 -18.40
CA VAL D 74 -19.65 -5.28 -18.56
C VAL D 74 -20.19 -3.97 -19.10
N ILE D 75 -20.96 -4.04 -20.19
CA ILE D 75 -21.65 -2.87 -20.70
C ILE D 75 -23.13 -2.99 -20.39
N PHE D 76 -23.66 -2.02 -19.64
CA PHE D 76 -25.07 -2.04 -19.25
C PHE D 76 -25.84 -0.84 -19.77
N ARG D 77 -26.69 -1.08 -20.77
CA ARG D 77 -27.59 -0.06 -21.28
C ARG D 77 -28.98 -0.23 -20.66
N PRO D 78 -29.36 0.68 -19.76
CA PRO D 78 -30.56 0.55 -18.94
C PRO D 78 -31.84 0.65 -19.75
N GLY D 79 -32.83 -0.16 -19.38
CA GLY D 79 -34.16 -0.06 -19.93
C GLY D 79 -35.09 0.64 -18.96
N ILE D 80 -36.38 0.65 -19.29
CA ILE D 80 -37.39 1.25 -18.44
C ILE D 80 -37.82 0.24 -17.37
N ILE D 81 -37.96 0.70 -16.14
CA ILE D 81 -38.43 -0.14 -15.04
C ILE D 81 -39.91 -0.48 -15.24
N THR D 82 -40.22 -1.76 -15.38
CA THR D 82 -41.59 -2.16 -15.70
C THR D 82 -42.19 -3.21 -14.76
N GLY D 83 -41.34 -3.91 -14.03
CA GLY D 83 -41.78 -4.85 -13.02
C GLY D 83 -42.70 -5.97 -13.49
N GLY D 84 -43.76 -6.22 -12.74
CA GLY D 84 -44.64 -7.33 -13.01
C GLY D 84 -44.32 -8.52 -12.12
N SER D 85 -44.86 -9.69 -12.46
CA SER D 85 -44.62 -10.88 -11.66
C SER D 85 -43.47 -11.69 -12.24
N TYR D 86 -42.59 -12.15 -11.35
CA TYR D 86 -41.40 -12.85 -11.79
C TYR D 86 -40.85 -13.73 -10.68
N THR D 87 -40.27 -14.85 -11.06
CA THR D 87 -39.65 -15.77 -10.09
C THR D 87 -38.17 -15.92 -10.39
N HIS D 88 -37.35 -15.59 -9.42
CA HIS D 88 -35.90 -15.57 -9.62
C HIS D 88 -35.21 -16.60 -8.75
N GLN D 89 -34.61 -17.59 -9.40
CA GLN D 89 -33.87 -18.64 -8.72
C GLN D 89 -32.46 -18.17 -8.41
N CYS D 90 -32.16 -17.94 -7.14
CA CYS D 90 -30.85 -17.43 -6.73
C CYS D 90 -29.83 -18.56 -6.65
N PRO D 91 -28.61 -18.31 -7.14
CA PRO D 91 -27.51 -19.28 -7.01
C PRO D 91 -27.02 -19.35 -5.57
N ASN D 92 -26.43 -20.49 -5.19
CA ASN D 92 -26.02 -20.70 -3.81
C ASN D 92 -24.93 -19.74 -3.31
N SER D 93 -24.34 -18.98 -4.22
CA SER D 93 -23.21 -18.12 -3.91
C SER D 93 -23.63 -16.82 -3.22
N LYS D 94 -24.93 -16.53 -3.25
CA LYS D 94 -25.47 -15.34 -2.60
C LYS D 94 -26.90 -15.57 -2.14
N PRO D 95 -27.26 -15.03 -0.96
CA PRO D 95 -28.60 -15.19 -0.41
C PRO D 95 -29.62 -14.29 -1.09
N VAL D 96 -30.88 -14.44 -0.71
CA VAL D 96 -31.98 -13.68 -1.28
C VAL D 96 -31.77 -12.18 -1.16
N GLY D 97 -31.31 -11.74 0.01
CA GLY D 97 -31.20 -10.33 0.32
C GLY D 97 -30.27 -9.60 -0.61
N TYR D 98 -29.37 -10.35 -1.23
CA TYR D 98 -28.44 -9.78 -2.18
C TYR D 98 -29.16 -9.30 -3.43
N PHE D 99 -30.16 -10.07 -3.86
CA PHE D 99 -30.93 -9.71 -5.06
C PHE D 99 -32.14 -8.83 -4.75
N ALA D 100 -32.67 -8.94 -3.54
CA ALA D 100 -33.90 -8.23 -3.18
C ALA D 100 -33.64 -6.78 -2.76
N GLU D 101 -32.52 -6.55 -2.08
CA GLU D 101 -32.25 -5.21 -1.56
C GLU D 101 -32.20 -4.16 -2.66
N PRO D 102 -31.50 -4.47 -3.77
CA PRO D 102 -31.43 -3.45 -4.82
C PRO D 102 -32.78 -3.23 -5.51
N MET D 103 -33.66 -4.23 -5.48
CA MET D 103 -34.99 -4.07 -6.05
C MET D 103 -35.80 -2.98 -5.32
N LEU D 104 -35.48 -2.77 -4.04
CA LEU D 104 -36.12 -1.69 -3.27
C LEU D 104 -35.85 -0.33 -3.88
N TYR D 105 -34.76 -0.23 -4.65
CA TYR D 105 -34.38 1.03 -5.28
C TYR D 105 -35.20 1.26 -6.55
N LEU D 106 -35.73 0.19 -7.11
CA LEU D 106 -36.42 0.26 -8.39
C LEU D 106 -37.94 0.13 -8.27
N ALA D 107 -38.40 -0.72 -7.35
CA ALA D 107 -39.80 -1.11 -7.30
C ALA D 107 -40.82 0.03 -7.34
N PRO D 108 -40.69 1.02 -6.44
CA PRO D 108 -41.71 2.08 -6.33
C PRO D 108 -41.84 2.92 -7.60
N PHE D 109 -40.83 2.89 -8.45
CA PHE D 109 -40.81 3.76 -9.60
C PHE D 109 -41.09 2.99 -10.89
N SER D 110 -41.58 1.76 -10.72
CA SER D 110 -41.90 0.90 -11.84
C SER D 110 -43.24 1.26 -12.48
N LYS D 111 -43.45 0.78 -13.70
CA LYS D 111 -44.71 0.96 -14.40
C LYS D 111 -45.78 0.02 -13.83
N LYS D 112 -45.43 -1.25 -13.70
CA LYS D 112 -46.30 -2.23 -13.04
C LYS D 112 -45.69 -2.61 -11.69
N LYS D 113 -46.53 -2.96 -10.73
CA LYS D 113 -46.03 -3.28 -9.39
C LYS D 113 -45.08 -4.47 -9.42
N PHE D 114 -44.02 -4.38 -8.63
CA PHE D 114 -43.09 -5.48 -8.47
C PHE D 114 -43.71 -6.58 -7.63
N SER D 115 -43.73 -7.79 -8.19
CA SER D 115 -44.16 -8.95 -7.44
C SER D 115 -43.15 -10.05 -7.74
N ILE D 116 -42.13 -10.14 -6.91
CA ILE D 116 -41.02 -11.03 -7.18
C ILE D 116 -40.84 -12.08 -6.10
N LEU D 117 -40.81 -13.33 -6.53
CA LEU D 117 -40.57 -14.46 -5.66
C LEU D 117 -39.11 -14.89 -5.79
N PHE D 118 -38.34 -14.69 -4.72
CA PHE D 118 -36.94 -15.10 -4.70
C PHE D 118 -36.81 -16.47 -4.06
N ARG D 119 -36.06 -17.36 -4.72
CA ARG D 119 -35.81 -18.69 -4.18
C ARG D 119 -34.33 -18.94 -3.97
N GLY D 120 -34.00 -19.55 -2.84
CA GLY D 120 -32.63 -19.92 -2.54
C GLY D 120 -32.28 -19.73 -1.08
N ILE D 121 -30.99 -19.62 -0.80
CA ILE D 121 -30.52 -19.37 0.56
C ILE D 121 -31.03 -18.01 1.01
N THR D 122 -31.55 -17.92 2.23
CA THR D 122 -32.16 -16.68 2.70
C THR D 122 -31.27 -15.85 3.63
N SER D 123 -30.04 -16.30 3.88
CA SER D 123 -29.15 -15.53 4.74
C SER D 123 -27.66 -15.85 4.56
N SER D 124 -26.82 -14.87 4.90
CA SER D 124 -25.39 -15.04 4.92
C SER D 124 -24.78 -14.11 5.96
N HIS D 125 -23.46 -14.04 5.99
CA HIS D 125 -22.77 -13.16 6.94
C HIS D 125 -22.61 -11.74 6.39
N ASN D 126 -22.58 -11.59 5.07
CA ASN D 126 -22.26 -10.31 4.46
C ASN D 126 -23.42 -9.57 3.78
N ASP D 127 -24.58 -10.22 3.70
CA ASP D 127 -25.70 -9.61 3.00
C ASP D 127 -26.89 -9.32 3.92
N ALA D 128 -27.71 -8.36 3.52
CA ALA D 128 -28.91 -8.00 4.27
C ALA D 128 -29.83 -9.21 4.42
N GLY D 129 -30.27 -9.47 5.65
CA GLY D 129 -31.18 -10.56 5.91
C GLY D 129 -32.62 -10.15 5.67
N ILE D 130 -33.51 -11.12 5.61
CA ILE D 130 -34.91 -10.85 5.30
C ILE D 130 -35.51 -9.93 6.35
N ASP D 131 -35.33 -10.28 7.61
CA ASP D 131 -35.90 -9.50 8.72
C ASP D 131 -35.38 -8.07 8.68
N ALA D 132 -34.10 -7.93 8.33
CA ALA D 132 -33.46 -6.62 8.24
C ALA D 132 -34.07 -5.77 7.13
N ILE D 133 -34.45 -6.41 6.03
CA ILE D 133 -35.14 -5.71 4.94
C ILE D 133 -36.58 -5.37 5.32
N LYS D 134 -37.29 -6.33 5.89
CA LYS D 134 -38.67 -6.10 6.33
C LYS D 134 -38.78 -4.94 7.30
N TRP D 135 -37.99 -4.98 8.37
CA TRP D 135 -38.17 -4.05 9.48
C TRP D 135 -37.07 -3.00 9.58
N GLY D 136 -36.06 -3.13 8.72
CA GLY D 136 -34.93 -2.21 8.75
C GLY D 136 -34.92 -1.20 7.63
N LEU D 137 -35.09 -1.66 6.39
CA LEU D 137 -35.00 -0.78 5.24
C LEU D 137 -36.37 -0.27 4.78
N MET D 138 -37.37 -1.14 4.83
CA MET D 138 -38.69 -0.77 4.34
C MET D 138 -39.33 0.40 5.10
N PRO D 139 -39.17 0.44 6.44
CA PRO D 139 -39.64 1.61 7.17
C PRO D 139 -39.05 2.93 6.63
N ILE D 140 -37.82 2.89 6.12
CA ILE D 140 -37.20 4.06 5.53
C ILE D 140 -37.89 4.45 4.22
N MET D 141 -38.31 3.46 3.45
CA MET D 141 -39.07 3.72 2.23
C MET D 141 -40.43 4.34 2.57
N GLU D 142 -41.05 3.87 3.63
CA GLU D 142 -42.31 4.46 4.09
C GLU D 142 -42.10 5.95 4.37
N LYS D 143 -41.01 6.27 5.06
CA LYS D 143 -40.65 7.64 5.37
C LYS D 143 -40.42 8.48 4.11
N PHE D 144 -40.08 7.82 3.01
CA PHE D 144 -39.85 8.52 1.74
C PHE D 144 -41.05 8.57 0.81
N GLY D 145 -42.18 8.03 1.27
CA GLY D 145 -43.41 8.15 0.52
C GLY D 145 -43.96 6.84 0.01
N VAL D 146 -43.19 5.77 0.16
CA VAL D 146 -43.65 4.45 -0.30
C VAL D 146 -44.47 3.81 0.81
N ARG D 147 -45.77 4.08 0.81
CA ARG D 147 -46.63 3.64 1.91
C ARG D 147 -46.73 2.13 2.02
N GLU D 148 -46.95 1.46 0.90
CA GLU D 148 -47.18 0.02 0.92
C GLU D 148 -46.05 -0.78 0.32
N CYS D 149 -45.39 -1.57 1.16
CA CYS D 149 -44.42 -2.54 0.69
C CYS D 149 -44.30 -3.66 1.71
N ALA D 150 -44.04 -4.86 1.22
CA ALA D 150 -43.95 -6.03 2.09
C ALA D 150 -42.90 -6.98 1.56
N LEU D 151 -42.41 -7.85 2.44
CA LEU D 151 -41.53 -8.94 2.06
C LEU D 151 -41.94 -10.16 2.87
N HIS D 152 -42.66 -11.09 2.22
CA HIS D 152 -43.21 -12.25 2.90
C HIS D 152 -42.28 -13.45 2.87
N THR D 153 -42.03 -14.04 4.03
CA THR D 153 -41.21 -15.23 4.14
C THR D 153 -42.07 -16.49 4.05
N LEU D 154 -42.04 -17.16 2.92
CA LEU D 154 -42.81 -18.38 2.74
C LEU D 154 -41.99 -19.59 3.20
N LYS D 155 -40.67 -19.46 3.14
CA LYS D 155 -39.77 -20.51 3.58
C LYS D 155 -38.41 -19.92 3.92
N ARG D 156 -37.88 -20.26 5.09
CA ARG D 156 -36.51 -19.92 5.41
C ARG D 156 -35.59 -20.99 4.83
N GLY D 157 -34.37 -20.61 4.48
CA GLY D 157 -33.43 -21.52 3.87
C GLY D 157 -32.01 -21.20 4.30
N SER D 158 -31.66 -21.63 5.51
CA SER D 158 -30.34 -21.36 6.04
C SER D 158 -29.27 -22.05 5.21
N PRO D 159 -28.08 -21.46 5.18
CA PRO D 159 -26.93 -22.05 4.49
C PRO D 159 -26.54 -23.37 5.15
N PRO D 160 -25.86 -24.26 4.42
CA PRO D 160 -25.38 -24.04 3.05
C PRO D 160 -26.33 -24.56 1.95
N LEU D 161 -27.33 -25.35 2.32
CA LEU D 161 -28.21 -25.96 1.33
C LEU D 161 -29.41 -25.09 0.96
N GLY D 162 -29.77 -24.17 1.84
CA GLY D 162 -30.84 -23.22 1.55
C GLY D 162 -32.21 -23.85 1.41
N GLY D 163 -32.86 -23.56 0.28
CA GLY D 163 -34.21 -24.06 0.02
C GLY D 163 -35.29 -23.10 0.50
N GLY D 164 -34.92 -21.84 0.71
CA GLY D 164 -35.84 -20.84 1.18
C GLY D 164 -36.63 -20.17 0.06
N GLU D 165 -37.63 -19.39 0.44
CA GLU D 165 -38.51 -18.75 -0.52
C GLU D 165 -39.09 -17.48 0.10
N VAL D 166 -38.95 -16.37 -0.61
CA VAL D 166 -39.30 -15.06 -0.08
C VAL D 166 -39.96 -14.23 -1.18
N HIS D 167 -41.03 -13.53 -0.83
CA HIS D 167 -41.80 -12.81 -1.85
C HIS D 167 -41.85 -11.30 -1.61
N LEU D 168 -41.30 -10.55 -2.56
CA LEU D 168 -41.28 -9.09 -2.48
C LEU D 168 -42.41 -8.45 -3.28
N VAL D 169 -43.24 -7.67 -2.60
CA VAL D 169 -44.34 -6.98 -3.25
C VAL D 169 -44.35 -5.51 -2.85
N VAL D 170 -44.20 -4.62 -3.83
CA VAL D 170 -44.30 -3.20 -3.56
C VAL D 170 -45.56 -2.64 -4.21
N ASP D 171 -46.58 -2.40 -3.39
CA ASP D 171 -47.86 -1.92 -3.89
C ASP D 171 -47.83 -0.46 -4.29
N SER D 172 -47.09 0.34 -3.54
CA SER D 172 -47.08 1.77 -3.79
C SER D 172 -46.19 2.15 -4.98
N LEU D 173 -46.79 2.70 -6.01
CA LEU D 173 -46.04 3.28 -7.12
C LEU D 173 -46.11 4.80 -7.00
N ILE D 174 -44.94 5.43 -6.95
CA ILE D 174 -44.85 6.88 -6.87
C ILE D 174 -43.94 7.41 -7.97
N ALA D 175 -44.16 8.66 -8.38
CA ALA D 175 -43.34 9.28 -9.40
C ALA D 175 -41.88 9.43 -8.93
N GLN D 176 -41.73 9.89 -7.69
CA GLN D 176 -40.41 10.02 -7.06
C GLN D 176 -40.58 10.11 -5.55
N PRO D 177 -39.50 9.85 -4.80
CA PRO D 177 -39.63 9.94 -3.34
C PRO D 177 -39.95 11.37 -2.93
N ILE D 178 -40.57 11.55 -1.76
CA ILE D 178 -40.80 12.89 -1.24
C ILE D 178 -39.48 13.50 -0.82
N THR D 179 -39.40 14.83 -0.87
CA THR D 179 -38.23 15.53 -0.39
C THR D 179 -38.11 15.30 1.11
N MET D 180 -36.93 14.89 1.55
CA MET D 180 -36.69 14.59 2.95
C MET D 180 -36.25 15.83 3.72
N HIS D 181 -36.69 15.93 4.97
CA HIS D 181 -36.30 17.03 5.84
C HIS D 181 -36.22 16.56 7.29
N ALA D 182 -35.14 15.85 7.60
CA ALA D 182 -34.94 15.32 8.96
C ALA D 182 -33.64 15.86 9.55
N LEU D 183 -33.77 16.75 10.53
CA LEU D 183 -32.62 17.48 11.07
C LEU D 183 -32.14 16.99 12.43
N ASP D 184 -32.89 16.08 13.04
CA ASP D 184 -32.59 15.63 14.40
C ASP D 184 -32.00 14.23 14.43
N LYS D 185 -31.11 14.00 15.39
CA LYS D 185 -30.65 12.64 15.67
C LYS D 185 -31.82 11.78 16.10
N THR D 186 -31.92 10.58 15.55
CA THR D 186 -33.00 9.65 15.92
C THR D 186 -32.79 9.13 17.34
N MET D 187 -33.76 9.40 18.22
CA MET D 187 -33.69 8.91 19.59
C MET D 187 -34.56 7.66 19.77
N ILE D 188 -34.01 6.66 20.45
CA ILE D 188 -34.64 5.35 20.54
C ILE D 188 -35.59 5.19 21.74
N SER D 189 -36.81 4.75 21.45
CA SER D 189 -37.82 4.56 22.48
C SER D 189 -37.83 3.13 22.99
N SER D 190 -37.56 2.19 22.09
CA SER D 190 -37.58 0.77 22.43
C SER D 190 -36.79 -0.06 21.43
N ILE D 191 -36.51 -1.31 21.79
CA ILE D 191 -35.76 -2.20 20.91
C ILE D 191 -36.56 -3.47 20.61
N ARG D 192 -36.93 -3.65 19.35
CA ARG D 192 -37.65 -4.84 18.91
C ARG D 192 -36.70 -5.78 18.15
N GLY D 193 -37.26 -6.67 17.36
CA GLY D 193 -36.43 -7.56 16.56
C GLY D 193 -36.94 -8.97 16.39
N VAL D 194 -36.18 -9.79 15.68
CA VAL D 194 -36.57 -11.14 15.37
C VAL D 194 -35.45 -12.13 15.63
N SER D 195 -35.72 -13.11 16.48
CA SER D 195 -34.77 -14.20 16.71
C SER D 195 -35.32 -15.46 16.04
N TYR D 196 -34.66 -15.93 15.00
CA TYR D 196 -35.18 -17.05 14.22
C TYR D 196 -34.22 -18.24 14.19
N SER D 197 -34.78 -19.41 13.89
CA SER D 197 -33.98 -20.63 13.74
C SER D 197 -34.73 -21.59 12.83
N THR D 198 -34.00 -22.52 12.22
CA THR D 198 -34.61 -23.47 11.29
C THR D 198 -34.13 -24.89 11.58
N ARG D 199 -35.05 -25.83 11.49
CA ARG D 199 -34.74 -27.26 11.67
C ARG D 199 -34.00 -27.56 12.96
N VAL D 200 -34.29 -26.79 14.00
CA VAL D 200 -33.61 -26.96 15.28
C VAL D 200 -34.58 -26.68 16.43
N SER D 201 -34.20 -27.09 17.64
CA SER D 201 -35.03 -26.88 18.82
C SER D 201 -35.05 -25.41 19.23
N PRO D 202 -36.17 -24.95 19.83
CA PRO D 202 -36.39 -23.54 20.19
C PRO D 202 -35.34 -23.02 21.16
N SER D 203 -34.45 -23.89 21.63
CA SER D 203 -33.42 -23.49 22.58
C SER D 203 -32.54 -22.38 22.02
N LEU D 204 -32.05 -22.56 20.80
CA LEU D 204 -31.15 -21.59 20.17
C LEU D 204 -31.77 -20.20 20.13
N VAL D 205 -33.05 -20.13 19.82
CA VAL D 205 -33.73 -18.85 19.64
C VAL D 205 -33.84 -18.03 20.92
N ASN D 206 -33.99 -18.71 22.04
CA ASN D 206 -34.12 -18.00 23.32
C ASN D 206 -32.77 -17.65 23.94
N ARG D 207 -31.78 -18.48 23.68
CA ARG D 207 -30.43 -18.22 24.15
C ARG D 207 -29.86 -16.97 23.48
N MET D 208 -30.28 -16.71 22.24
CA MET D 208 -29.90 -15.49 21.53
C MET D 208 -30.59 -14.28 22.16
N ILE D 209 -31.88 -14.42 22.43
CA ILE D 209 -32.64 -13.36 23.07
C ILE D 209 -32.03 -13.04 24.41
N ASP D 210 -31.72 -14.07 25.19
CA ASP D 210 -31.12 -13.89 26.50
C ASP D 210 -29.78 -13.18 26.38
N GLY D 211 -28.87 -13.76 25.60
CA GLY D 211 -27.57 -13.18 25.36
C GLY D 211 -27.63 -11.71 25.01
N ALA D 212 -28.56 -11.36 24.13
CA ALA D 212 -28.74 -9.97 23.71
C ALA D 212 -29.44 -9.12 24.78
N LYS D 213 -30.51 -9.67 25.34
CA LYS D 213 -31.36 -8.95 26.28
C LYS D 213 -30.56 -8.41 27.46
N LYS D 214 -29.51 -9.14 27.84
CA LYS D 214 -28.68 -8.76 28.98
C LYS D 214 -27.81 -7.55 28.66
N VAL D 215 -27.32 -7.48 27.44
CA VAL D 215 -26.51 -6.34 27.00
C VAL D 215 -27.37 -5.10 26.79
N LEU D 216 -28.61 -5.30 26.36
CA LEU D 216 -29.52 -4.18 26.11
C LEU D 216 -30.14 -3.64 27.39
N LYS D 217 -29.95 -4.36 28.50
CA LYS D 217 -30.50 -3.95 29.78
C LYS D 217 -29.91 -2.63 30.27
N SER D 218 -28.76 -2.27 29.70
CA SER D 218 -28.06 -1.05 30.08
C SER D 218 -28.59 0.19 29.35
N ALA D 219 -29.89 0.22 29.12
CA ALA D 219 -30.53 1.36 28.48
C ALA D 219 -31.94 1.57 29.04
N SER D 220 -32.37 2.83 29.09
CA SER D 220 -33.69 3.18 29.59
C SER D 220 -34.76 2.90 28.55
N CYS D 221 -34.75 1.69 28.01
CA CYS D 221 -35.70 1.29 26.98
C CYS D 221 -36.13 -0.16 27.19
N GLU D 222 -37.38 -0.45 26.82
CA GLU D 222 -37.88 -1.82 26.90
C GLU D 222 -37.29 -2.66 25.78
N VAL D 223 -37.26 -3.98 25.98
CA VAL D 223 -36.71 -4.89 24.99
C VAL D 223 -37.64 -6.06 24.71
N ASN D 224 -38.31 -6.01 23.57
CA ASN D 224 -39.20 -7.09 23.15
C ASN D 224 -38.75 -7.71 21.83
N ILE D 225 -38.20 -8.92 21.91
CA ILE D 225 -37.69 -9.61 20.73
C ILE D 225 -38.51 -10.86 20.44
N THR D 226 -39.12 -10.90 19.25
CA THR D 226 -39.96 -12.02 18.84
C THR D 226 -39.16 -13.29 18.56
N ALA D 227 -39.69 -14.42 19.03
CA ALA D 227 -39.09 -15.71 18.72
C ALA D 227 -39.77 -16.29 17.48
N ASP D 228 -38.96 -16.72 16.51
CA ASP D 228 -39.50 -17.25 15.26
C ASP D 228 -38.81 -18.56 14.89
N VAL D 229 -39.29 -19.65 15.48
CA VAL D 229 -38.70 -20.96 15.21
C VAL D 229 -39.39 -21.66 14.05
N TRP D 230 -38.60 -22.01 13.03
CA TRP D 230 -39.12 -22.73 11.88
C TRP D 230 -38.72 -24.20 11.95
N ARG D 231 -39.68 -25.08 11.70
CA ARG D 231 -39.42 -26.52 11.70
C ARG D 231 -40.15 -27.18 10.54
N GLY D 232 -39.76 -28.39 10.21
CA GLY D 232 -40.43 -29.14 9.16
C GLY D 232 -40.10 -28.69 7.77
N GLU D 233 -41.05 -28.86 6.86
CA GLU D 233 -40.86 -28.52 5.45
C GLU D 233 -40.53 -27.05 5.23
N ASN D 234 -41.20 -26.17 5.96
CA ASN D 234 -41.03 -24.72 5.80
C ASN D 234 -39.64 -24.22 6.16
N SER D 235 -38.89 -25.01 6.90
CA SER D 235 -37.64 -24.54 7.49
C SER D 235 -36.44 -24.70 6.57
N GLY D 236 -36.67 -25.20 5.36
CA GLY D 236 -35.59 -25.38 4.41
C GLY D 236 -34.84 -26.69 4.62
N LYS D 237 -33.62 -26.75 4.10
CA LYS D 237 -32.87 -28.00 4.05
C LYS D 237 -31.68 -28.01 5.01
N SER D 238 -31.41 -26.87 5.65
CA SER D 238 -30.26 -26.75 6.53
C SER D 238 -30.62 -26.15 7.89
N PRO D 239 -29.99 -26.65 8.96
CA PRO D 239 -30.16 -26.09 10.30
C PRO D 239 -29.43 -24.77 10.41
N GLY D 240 -30.10 -23.74 10.94
CA GLY D 240 -29.47 -22.44 11.10
C GLY D 240 -30.28 -21.53 12.00
N TRP D 241 -29.69 -20.41 12.37
CA TRP D 241 -30.36 -19.45 13.24
C TRP D 241 -29.72 -18.06 13.11
N GLY D 242 -30.42 -17.05 13.58
CA GLY D 242 -29.94 -15.68 13.47
C GLY D 242 -30.77 -14.68 14.27
N LEU D 243 -30.30 -13.45 14.32
CA LEU D 243 -30.93 -12.42 15.11
C LEU D 243 -30.86 -11.05 14.42
N THR D 244 -31.98 -10.35 14.41
CA THR D 244 -32.04 -8.99 13.87
C THR D 244 -32.62 -8.07 14.93
N LEU D 245 -31.79 -7.18 15.45
CA LEU D 245 -32.24 -6.18 16.42
C LEU D 245 -32.67 -4.94 15.66
N VAL D 246 -33.77 -4.33 16.08
CA VAL D 246 -34.26 -3.12 15.43
C VAL D 246 -34.64 -2.06 16.46
N ALA D 247 -33.75 -1.10 16.67
CA ALA D 247 -34.04 0.03 17.55
C ALA D 247 -35.19 0.82 16.95
N GLU D 248 -36.17 1.16 17.77
CA GLU D 248 -37.39 1.79 17.29
C GLU D 248 -37.46 3.23 17.76
N ASN D 249 -38.18 4.05 17.01
CA ASN D 249 -38.31 5.46 17.30
C ASN D 249 -39.75 5.91 17.15
N LYS D 250 -40.18 6.82 18.01
CA LYS D 250 -41.57 7.26 18.05
C LYS D 250 -42.07 7.81 16.71
N GLN D 251 -41.16 8.43 15.95
CA GLN D 251 -41.54 9.10 14.71
C GLN D 251 -41.39 8.25 13.45
N GLY D 252 -41.05 6.97 13.62
CA GLY D 252 -41.02 6.05 12.49
C GLY D 252 -39.65 5.64 11.99
N TRP D 253 -38.58 6.24 12.52
CA TRP D 253 -37.24 5.86 12.09
C TRP D 253 -36.77 4.57 12.79
N ARG D 254 -35.75 3.93 12.24
CA ARG D 254 -35.27 2.65 12.75
C ARG D 254 -33.75 2.54 12.63
N ILE D 255 -33.13 1.88 13.60
CA ILE D 255 -31.71 1.55 13.52
C ILE D 255 -31.58 0.06 13.79
N PHE D 256 -30.92 -0.67 12.90
CA PHE D 256 -30.82 -2.12 13.07
C PHE D 256 -29.41 -2.67 12.93
N SER D 257 -29.19 -3.86 13.49
CA SER D 257 -28.01 -4.66 13.21
C SER D 257 -28.42 -6.12 13.15
N GLU D 258 -27.59 -6.96 12.54
CA GLU D 258 -27.96 -8.35 12.34
C GLU D 258 -26.77 -9.30 12.34
N ALA D 259 -27.07 -10.59 12.38
CA ALA D 259 -26.03 -11.63 12.34
C ALA D 259 -26.68 -13.01 12.31
N ILE D 260 -25.90 -14.02 11.93
CA ILE D 260 -26.36 -15.40 11.93
C ILE D 260 -25.34 -16.30 12.62
N GLY D 261 -25.80 -17.46 13.08
CA GLY D 261 -24.92 -18.38 13.77
C GLY D 261 -24.50 -19.55 12.91
N ASP D 262 -23.21 -19.87 12.94
CA ASP D 262 -22.69 -21.02 12.23
C ASP D 262 -22.76 -22.26 13.10
N ALA D 263 -22.69 -23.43 12.46
CA ALA D 263 -22.68 -24.69 13.18
C ALA D 263 -21.65 -24.63 14.29
N GLY D 264 -22.10 -24.70 15.54
CA GLY D 264 -21.20 -24.74 16.66
C GLY D 264 -20.92 -23.40 17.31
N ASP D 265 -21.61 -22.35 16.85
CA ASP D 265 -21.47 -21.05 17.48
C ASP D 265 -22.25 -21.04 18.78
N VAL D 266 -22.01 -20.02 19.60
CA VAL D 266 -22.69 -19.89 20.88
C VAL D 266 -23.79 -18.84 20.80
N PRO D 267 -25.04 -19.27 20.88
CA PRO D 267 -26.23 -18.40 20.76
C PRO D 267 -26.14 -17.16 21.63
N GLU D 268 -25.79 -17.30 22.90
CA GLU D 268 -25.68 -16.15 23.79
C GLU D 268 -24.63 -15.16 23.29
N ASP D 269 -23.56 -15.69 22.70
CA ASP D 269 -22.50 -14.85 22.16
C ASP D 269 -22.95 -14.10 20.90
N ILE D 270 -23.66 -14.80 20.04
CA ILE D 270 -24.17 -14.19 18.82
C ILE D 270 -25.16 -13.09 19.14
N GLY D 271 -26.08 -13.36 20.07
CA GLY D 271 -27.05 -12.38 20.50
C GLY D 271 -26.39 -11.17 21.10
N ALA D 272 -25.34 -11.39 21.89
CA ALA D 272 -24.63 -10.30 22.54
C ALA D 272 -23.91 -9.41 21.52
N SER D 273 -23.31 -10.07 20.53
CA SER D 273 -22.57 -9.39 19.46
C SER D 273 -23.47 -8.43 18.69
N VAL D 274 -24.65 -8.91 18.29
CA VAL D 274 -25.61 -8.07 17.56
C VAL D 274 -26.04 -6.90 18.44
N ALA D 275 -26.30 -7.19 19.70
CA ALA D 275 -26.66 -6.17 20.67
C ALA D 275 -25.60 -5.07 20.74
N TYR D 276 -24.33 -5.47 20.73
CA TYR D 276 -23.22 -4.51 20.74
C TYR D 276 -23.19 -3.66 19.49
N HIS D 277 -23.30 -4.30 18.33
CA HIS D 277 -23.27 -3.59 17.06
C HIS D 277 -24.40 -2.58 16.95
N LEU D 278 -25.55 -2.93 17.51
CA LEU D 278 -26.71 -2.04 17.49
C LEU D 278 -26.44 -0.78 18.31
N LEU D 279 -25.81 -0.96 19.47
CA LEU D 279 -25.44 0.16 20.33
C LEU D 279 -24.47 1.10 19.63
N GLU D 280 -23.30 0.58 19.27
CA GLU D 280 -22.32 1.34 18.53
C GLU D 280 -23.01 2.09 17.40
N GLU D 281 -23.84 1.38 16.64
CA GLU D 281 -24.52 1.97 15.49
C GLU D 281 -25.30 3.22 15.91
N ILE D 282 -26.24 3.04 16.85
CA ILE D 282 -27.00 4.16 17.38
C ILE D 282 -26.10 5.34 17.76
N SER D 283 -24.97 5.05 18.40
CA SER D 283 -24.03 6.10 18.80
C SER D 283 -23.59 6.94 17.62
N LYS D 284 -23.20 6.27 16.55
CA LYS D 284 -22.63 6.91 15.37
C LYS D 284 -23.72 7.40 14.42
N SER D 285 -24.98 7.24 14.83
CA SER D 285 -26.10 7.52 13.93
C SER D 285 -26.60 8.95 14.03
N GLY D 286 -26.95 9.52 12.88
CA GLY D 286 -27.70 10.75 12.84
C GLY D 286 -29.17 10.37 12.76
N VAL D 287 -29.80 10.67 11.63
CA VAL D 287 -31.17 10.26 11.39
C VAL D 287 -31.23 8.77 11.15
N VAL D 288 -30.29 8.27 10.34
CA VAL D 288 -30.26 6.85 10.01
C VAL D 288 -28.92 6.22 10.34
N GLY D 289 -28.84 4.90 10.18
CA GLY D 289 -27.61 4.17 10.39
C GLY D 289 -26.80 4.07 9.11
N ARG D 290 -25.56 3.61 9.21
CA ARG D 290 -24.67 3.55 8.06
C ARG D 290 -25.21 2.61 6.99
N ASN D 291 -25.79 1.50 7.43
CA ASN D 291 -26.37 0.53 6.52
C ASN D 291 -27.66 1.00 5.84
N GLN D 292 -28.08 2.24 6.13
CA GLN D 292 -29.29 2.79 5.54
C GLN D 292 -29.00 4.01 4.67
N LEU D 293 -27.75 4.45 4.69
CA LEU D 293 -27.34 5.64 3.95
C LEU D 293 -27.43 5.47 2.42
N PRO D 294 -26.87 4.37 1.91
CA PRO D 294 -27.00 4.18 0.45
C PRO D 294 -28.45 4.35 0.01
N LEU D 295 -29.39 3.73 0.72
CA LEU D 295 -30.81 3.87 0.42
C LEU D 295 -31.30 5.31 0.57
N THR D 296 -31.08 5.88 1.74
CA THR D 296 -31.54 7.23 2.05
C THR D 296 -30.96 8.29 1.09
N ILE D 297 -29.64 8.31 0.95
CA ILE D 297 -28.99 9.28 0.06
C ILE D 297 -29.55 9.16 -1.34
N LEU D 298 -29.62 7.94 -1.85
CA LEU D 298 -30.06 7.74 -3.23
C LEU D 298 -31.49 8.24 -3.44
N TYR D 299 -32.35 7.99 -2.47
CA TYR D 299 -33.72 8.46 -2.55
C TYR D 299 -33.77 9.99 -2.57
N MET D 300 -32.85 10.63 -1.87
CA MET D 300 -32.77 12.08 -1.89
C MET D 300 -32.32 12.57 -3.25
N ILE D 301 -31.36 11.86 -3.85
CA ILE D 301 -30.81 12.20 -5.16
C ILE D 301 -31.88 12.23 -6.26
N ILE D 302 -32.82 11.30 -6.19
CA ILE D 302 -33.83 11.18 -7.24
C ILE D 302 -35.15 11.89 -6.90
N GLY D 303 -35.19 12.64 -5.81
CA GLY D 303 -36.36 13.41 -5.45
C GLY D 303 -36.62 14.55 -6.43
N LYS D 304 -37.64 15.34 -6.17
CA LYS D 304 -37.93 16.51 -7.00
C LYS D 304 -36.78 17.49 -6.97
N GLU D 305 -36.83 18.48 -7.85
CA GLU D 305 -35.77 19.48 -7.97
C GLU D 305 -35.68 20.40 -6.74
N ASP D 306 -35.97 19.85 -5.56
CA ASP D 306 -35.92 20.61 -4.32
C ASP D 306 -34.78 20.16 -3.42
N ILE D 307 -34.44 20.98 -2.44
CA ILE D 307 -33.34 20.67 -1.53
C ILE D 307 -33.81 19.84 -0.33
N GLY D 308 -33.25 18.64 -0.19
CA GLY D 308 -33.54 17.80 0.96
C GLY D 308 -32.42 17.90 1.99
N ARG D 309 -32.74 17.63 3.24
CA ARG D 309 -31.75 17.76 4.31
C ARG D 309 -31.76 16.56 5.24
N LEU D 310 -30.63 15.86 5.33
CA LEU D 310 -30.52 14.69 6.18
C LEU D 310 -29.33 14.86 7.13
N ARG D 311 -29.57 14.71 8.43
CA ARG D 311 -28.51 14.86 9.42
C ARG D 311 -27.67 13.59 9.51
N ILE D 312 -26.36 13.76 9.46
CA ILE D 312 -25.46 12.62 9.60
C ILE D 312 -24.38 12.88 10.63
N THR D 313 -23.61 11.84 10.92
CA THR D 313 -22.53 11.90 11.89
C THR D 313 -21.19 11.85 11.17
N LYS D 314 -20.20 12.58 11.69
CA LYS D 314 -18.85 12.55 11.12
C LYS D 314 -18.34 11.11 10.95
N ASP D 315 -18.67 10.24 11.90
CA ASP D 315 -18.26 8.84 11.84
C ASP D 315 -18.97 8.07 10.72
N GLN D 316 -19.98 8.68 10.13
CA GLN D 316 -20.71 8.05 9.03
C GLN D 316 -20.08 8.43 7.71
N ILE D 317 -19.31 9.50 7.73
CA ILE D 317 -18.53 9.90 6.56
C ILE D 317 -17.28 9.04 6.52
N ASP D 318 -17.44 7.81 6.05
CA ASP D 318 -16.35 6.86 5.99
C ASP D 318 -16.01 6.46 4.56
N GLU D 319 -15.20 5.42 4.42
CA GLU D 319 -14.75 4.99 3.10
C GLU D 319 -15.93 4.66 2.18
N ARG D 320 -16.84 3.81 2.66
CA ARG D 320 -18.00 3.41 1.87
CA ARG D 320 -18.01 3.41 1.89
C ARG D 320 -18.87 4.61 1.52
N PHE D 321 -18.99 5.56 2.44
CA PHE D 321 -19.76 6.75 2.19
C PHE D 321 -19.11 7.59 1.09
N VAL D 322 -17.79 7.73 1.16
CA VAL D 322 -17.04 8.42 0.12
C VAL D 322 -17.30 7.80 -1.25
N TRP D 323 -17.13 6.48 -1.34
CA TRP D 323 -17.37 5.77 -2.59
C TRP D 323 -18.80 5.96 -3.10
N LEU D 324 -19.75 5.98 -2.17
CA LEU D 324 -21.15 6.17 -2.52
C LEU D 324 -21.36 7.52 -3.22
N LEU D 325 -20.83 8.58 -2.62
CA LEU D 325 -20.93 9.90 -3.21
C LEU D 325 -20.18 9.97 -4.53
N ARG D 326 -19.02 9.32 -4.59
CA ARG D 326 -18.23 9.29 -5.80
C ARG D 326 -19.02 8.69 -6.96
N ASP D 327 -19.57 7.50 -6.75
CA ASP D 327 -20.35 6.84 -7.79
C ASP D 327 -21.56 7.66 -8.17
N ILE D 328 -22.27 8.18 -7.18
CA ILE D 328 -23.43 9.04 -7.43
C ILE D 328 -23.08 10.19 -8.36
N LYS D 329 -21.96 10.85 -8.07
CA LYS D 329 -21.52 12.02 -8.84
C LYS D 329 -21.24 11.67 -10.30
N LYS D 330 -20.74 10.45 -10.54
CA LYS D 330 -20.43 10.02 -11.90
C LYS D 330 -21.68 9.79 -12.76
N VAL D 331 -22.72 9.20 -12.19
CA VAL D 331 -23.93 8.95 -12.98
C VAL D 331 -24.94 10.11 -12.92
N PHE D 332 -25.04 10.78 -11.78
CA PHE D 332 -26.03 11.85 -11.61
C PHE D 332 -25.44 13.26 -11.71
N GLY D 333 -24.16 13.40 -11.39
CA GLY D 333 -23.50 14.69 -11.43
C GLY D 333 -23.78 15.54 -10.21
N THR D 334 -24.60 15.00 -9.31
CA THR D 334 -24.98 15.72 -8.11
C THR D 334 -23.92 15.59 -7.03
N GLU D 335 -23.61 16.71 -6.39
CA GLU D 335 -22.70 16.72 -5.26
C GLU D 335 -23.47 17.21 -4.06
N ILE D 336 -23.06 16.76 -2.88
CA ILE D 336 -23.78 17.14 -1.67
C ILE D 336 -23.09 18.30 -0.95
N LEU D 337 -23.82 18.91 -0.03
CA LEU D 337 -23.25 19.97 0.80
C LEU D 337 -23.48 19.59 2.26
N LEU D 338 -22.46 19.79 3.07
CA LEU D 338 -22.57 19.48 4.49
C LEU D 338 -22.60 20.76 5.33
N LYS D 339 -23.71 20.96 6.05
CA LYS D 339 -23.86 22.12 6.92
C LYS D 339 -23.72 21.69 8.37
N PRO D 340 -22.87 22.41 9.13
CA PRO D 340 -22.78 22.09 10.55
C PRO D 340 -24.12 22.34 11.25
N VAL D 341 -24.38 21.59 12.32
CA VAL D 341 -25.61 21.77 13.08
C VAL D 341 -25.49 22.92 14.08
N ASP D 342 -26.62 23.38 14.60
CA ASP D 342 -26.65 24.54 15.47
C ASP D 342 -26.47 24.18 16.94
N ASP D 343 -26.17 22.92 17.21
CA ASP D 343 -26.02 22.48 18.60
C ASP D 343 -24.57 22.13 18.94
N ASN D 344 -24.36 21.70 20.18
CA ASN D 344 -23.03 21.40 20.70
C ASN D 344 -22.44 20.12 20.11
N THR D 345 -22.70 19.86 18.84
CA THR D 345 -22.25 18.63 18.22
C THR D 345 -21.51 18.90 16.91
N THR D 346 -20.71 17.93 16.48
CA THR D 346 -20.00 18.02 15.22
C THR D 346 -20.78 17.38 14.08
N ASP D 347 -22.03 17.02 14.33
CA ASP D 347 -22.87 16.42 13.30
C ASP D 347 -23.09 17.38 12.14
N LEU D 348 -23.47 16.84 10.98
CA LEU D 348 -23.63 17.63 9.77
C LEU D 348 -24.95 17.35 9.06
N ILE D 349 -25.50 18.39 8.43
CA ILE D 349 -26.74 18.26 7.68
C ILE D 349 -26.45 18.10 6.18
N ALA D 350 -26.51 16.86 5.71
CA ALA D 350 -26.35 16.58 4.29
C ALA D 350 -27.44 17.27 3.50
N THR D 351 -27.05 18.24 2.68
CA THR D 351 -27.99 19.00 1.89
C THR D 351 -27.93 18.55 0.43
N ILE D 352 -29.05 18.03 -0.07
CA ILE D 352 -29.06 17.42 -1.40
C ILE D 352 -30.20 17.92 -2.29
N LYS D 353 -29.87 18.30 -3.51
CA LYS D 353 -30.89 18.73 -4.47
C LYS D 353 -31.24 17.59 -5.44
N GLY D 354 -32.53 17.21 -5.45
CA GLY D 354 -32.98 16.15 -6.33
C GLY D 354 -32.76 16.48 -7.80
N ILE D 355 -32.82 15.46 -8.65
CA ILE D 355 -32.57 15.65 -10.08
C ILE D 355 -33.83 15.84 -10.90
N GLY D 356 -34.99 15.71 -10.26
CA GLY D 356 -36.24 15.82 -10.98
C GLY D 356 -36.55 14.55 -11.76
N PHE D 357 -36.41 13.42 -11.07
CA PHE D 357 -36.68 12.10 -11.63
C PHE D 357 -38.15 11.94 -12.02
O1 TAR E . 17.57 -37.39 -5.91
O11 TAR E . 17.09 -36.02 -4.24
C1 TAR E . 17.57 -37.12 -4.67
C2 TAR E . 18.15 -38.12 -3.70
O2 TAR E . 18.06 -39.41 -4.23
C3 TAR E . 19.56 -37.71 -3.37
O3 TAR E . 20.34 -38.82 -3.03
C4 TAR E . 19.54 -36.72 -2.25
O4 TAR E . 18.43 -36.31 -1.80
O41 TAR E . 20.62 -36.28 -1.77
C1 PEG F . -4.19 -38.30 14.13
O1 PEG F . -3.82 -38.50 12.86
C2 PEG F . -3.80 -36.89 14.54
O2 PEG F . -2.35 -36.75 14.55
C3 PEG F . -1.70 -36.14 13.51
C4 PEG F . -0.60 -35.27 14.06
O4 PEG F . -0.39 -34.15 13.22
O1 TAR G . -10.95 33.44 27.21
O11 TAR G . -8.86 33.43 26.52
C1 TAR G . -10.10 33.61 26.29
C2 TAR G . -10.57 34.04 24.92
O2 TAR G . -10.10 35.31 24.60
C3 TAR G . -10.12 33.01 23.92
O3 TAR G . -9.99 33.59 22.67
C4 TAR G . -11.09 31.87 23.87
O4 TAR G . -12.14 31.89 24.57
O41 TAR G . -10.86 30.88 23.13
C1 PEG H . 10.09 28.43 8.81
O1 PEG H . 8.94 29.12 8.74
C2 PEG H . 10.70 28.53 10.21
O2 PEG H . 12.14 28.77 10.13
C3 PEG H . 12.78 29.38 11.17
C4 PEG H . 14.24 28.97 11.20
O4 PEG H . 14.98 29.98 11.84
O1 TAR I . 16.12 4.70 -12.92
O11 TAR I . 16.75 4.47 -10.83
C1 TAR I . 16.24 3.98 -11.88
C2 TAR I . 15.79 2.54 -11.90
O2 TAR I . 15.73 2.06 -10.59
C3 TAR I . 14.46 2.41 -12.59
O3 TAR I . 13.79 1.27 -12.15
C4 TAR I . 14.62 2.37 -14.08
O4 TAR I . 15.67 2.85 -14.60
O41 TAR I . 13.72 1.87 -14.80
O1 TAR J . -21.94 -6.50 -6.00
O11 TAR J . -23.07 -4.75 -5.31
C1 TAR J . -22.15 -5.61 -5.12
C2 TAR J . -21.34 -5.59 -3.86
O2 TAR J . -21.07 -6.88 -3.43
C3 TAR J . -20.06 -4.87 -4.14
O3 TAR J . -19.15 -5.81 -4.61
C4 TAR J . -19.57 -4.17 -2.91
O4 TAR J . -18.86 -3.13 -3.00
O41 TAR J . -19.86 -4.61 -1.76
O1 TAR K . -38.27 -31.58 12.13
O11 TAR K . -37.89 -30.19 10.47
C1 TAR K . -37.49 -30.80 11.51
C2 TAR K . -36.08 -30.56 12.00
O2 TAR K . -36.07 -30.42 13.38
C3 TAR K . -35.18 -31.68 11.54
O3 TAR K . -35.93 -32.68 10.90
C4 TAR K . -34.42 -32.26 12.68
O4 TAR K . -33.79 -31.51 13.48
O41 TAR K . -34.39 -33.51 12.86
C1 GOL L . -42.36 -7.09 14.93
O1 GOL L . -42.11 -8.23 15.72
C2 GOL L . -41.03 -6.43 14.58
O2 GOL L . -39.98 -7.20 15.14
C3 GOL L . -40.97 -5.02 15.14
O3 GOL L . -39.76 -4.39 14.75
#